data_1WLW
# 
_entry.id   1WLW 
# 
_audit_conform.dict_name       mmcif_pdbx.dic 
_audit_conform.dict_version    5.392 
_audit_conform.dict_location   http://mmcif.pdb.org/dictionaries/ascii/mmcif_pdbx.dic 
# 
loop_
_database_2.database_id 
_database_2.database_code 
_database_2.pdbx_database_accession 
_database_2.pdbx_DOI 
PDB   1WLW         pdb_00001wlw 10.2210/pdb1wlw/pdb 
RCSB  RCSB023722   ?            ?                   
WWPDB D_1000023722 ?            ?                   
# 
loop_
_pdbx_audit_revision_history.ordinal 
_pdbx_audit_revision_history.data_content_type 
_pdbx_audit_revision_history.major_revision 
_pdbx_audit_revision_history.minor_revision 
_pdbx_audit_revision_history.revision_date 
1 'Structure model' 1 0 2005-06-07 
2 'Structure model' 1 1 2008-04-30 
3 'Structure model' 1 2 2011-07-13 
4 'Structure model' 2 0 2020-07-29 
5 'Structure model' 2 1 2021-11-10 
6 'Structure model' 2 2 2024-05-29 
# 
loop_
_pdbx_audit_revision_details.ordinal 
_pdbx_audit_revision_details.revision_ordinal 
_pdbx_audit_revision_details.data_content_type 
_pdbx_audit_revision_details.provider 
_pdbx_audit_revision_details.type 
_pdbx_audit_revision_details.description 
_pdbx_audit_revision_details.details 
1 1 'Structure model' repository 'Initial release' ?                          ? 
2 4 'Structure model' repository Remediation       'Carbohydrate remediation' ? 
# 
loop_
_pdbx_audit_revision_group.ordinal 
_pdbx_audit_revision_group.revision_ordinal 
_pdbx_audit_revision_group.data_content_type 
_pdbx_audit_revision_group.group 
1 2 'Structure model' 'Version format compliance' 
2 3 'Structure model' 'Version format compliance' 
3 4 'Structure model' 'Atomic model'              
4 4 'Structure model' 'Data collection'           
5 4 'Structure model' 'Derived calculations'      
6 4 'Structure model' 'Structure summary'         
7 5 'Structure model' 'Database references'       
8 5 'Structure model' 'Structure summary'         
9 6 'Structure model' 'Data collection'           
# 
loop_
_pdbx_audit_revision_category.ordinal 
_pdbx_audit_revision_category.revision_ordinal 
_pdbx_audit_revision_category.data_content_type 
_pdbx_audit_revision_category.category 
1  4 'Structure model' atom_site                     
2  4 'Structure model' chem_comp                     
3  4 'Structure model' entity                        
4  4 'Structure model' entity_name_com               
5  4 'Structure model' pdbx_branch_scheme            
6  4 'Structure model' pdbx_chem_comp_identifier     
7  4 'Structure model' pdbx_entity_branch            
8  4 'Structure model' pdbx_entity_branch_descriptor 
9  4 'Structure model' pdbx_entity_branch_link       
10 4 'Structure model' pdbx_entity_branch_list       
11 4 'Structure model' pdbx_entity_nonpoly           
12 4 'Structure model' pdbx_molecule_features        
13 4 'Structure model' pdbx_nonpoly_scheme           
14 4 'Structure model' pdbx_struct_assembly_gen      
15 4 'Structure model' struct_asym                   
16 4 'Structure model' struct_conn                   
17 4 'Structure model' struct_site                   
18 4 'Structure model' struct_site_gen               
19 5 'Structure model' chem_comp                     
20 5 'Structure model' database_2                    
21 5 'Structure model' struct_ref_seq_dif            
22 6 'Structure model' chem_comp_atom                
23 6 'Structure model' chem_comp_bond                
# 
loop_
_pdbx_audit_revision_item.ordinal 
_pdbx_audit_revision_item.revision_ordinal 
_pdbx_audit_revision_item.data_content_type 
_pdbx_audit_revision_item.item 
1  4 'Structure model' '_atom_site.B_iso_or_equiv'              
2  4 'Structure model' '_atom_site.Cartn_x'                     
3  4 'Structure model' '_atom_site.Cartn_y'                     
4  4 'Structure model' '_atom_site.Cartn_z'                     
5  4 'Structure model' '_atom_site.auth_asym_id'                
6  4 'Structure model' '_atom_site.auth_atom_id'                
7  4 'Structure model' '_atom_site.auth_comp_id'                
8  4 'Structure model' '_atom_site.auth_seq_id'                 
9  4 'Structure model' '_atom_site.label_asym_id'               
10 4 'Structure model' '_atom_site.label_atom_id'               
11 4 'Structure model' '_atom_site.label_comp_id'               
12 4 'Structure model' '_atom_site.label_entity_id'             
13 4 'Structure model' '_atom_site.type_symbol'                 
14 4 'Structure model' '_chem_comp.name'                        
15 4 'Structure model' '_chem_comp.type'                        
16 4 'Structure model' '_pdbx_struct_assembly_gen.asym_id_list' 
17 4 'Structure model' '_struct_conn.pdbx_leaving_atom_flag'    
18 4 'Structure model' '_struct_conn.ptnr1_auth_asym_id'        
19 4 'Structure model' '_struct_conn.ptnr1_auth_comp_id'        
20 4 'Structure model' '_struct_conn.ptnr1_auth_seq_id'         
21 4 'Structure model' '_struct_conn.ptnr1_label_atom_id'       
22 4 'Structure model' '_struct_conn.ptnr1_label_comp_id'       
23 4 'Structure model' '_struct_conn.ptnr2_auth_asym_id'        
24 4 'Structure model' '_struct_conn.ptnr2_auth_comp_id'        
25 4 'Structure model' '_struct_conn.ptnr2_auth_seq_id'         
26 4 'Structure model' '_struct_conn.ptnr2_label_asym_id'       
27 4 'Structure model' '_struct_conn.ptnr2_label_atom_id'       
28 4 'Structure model' '_struct_conn.ptnr2_label_comp_id'       
29 5 'Structure model' '_chem_comp.pdbx_synonyms'               
30 5 'Structure model' '_database_2.pdbx_DOI'                   
31 5 'Structure model' '_database_2.pdbx_database_accession'    
32 5 'Structure model' '_struct_ref_seq_dif.details'            
# 
_pdbx_database_status.status_code                     REL 
_pdbx_database_status.entry_id                        1WLW 
_pdbx_database_status.recvd_initial_deposition_date   2004-06-30 
_pdbx_database_status.deposit_site                    PDBJ 
_pdbx_database_status.process_site                    PDBJ 
_pdbx_database_status.status_code_sf                  ? 
_pdbx_database_status.status_code_mr                  ? 
_pdbx_database_status.SG_entry                        ? 
_pdbx_database_status.pdb_format_compatible           Y 
_pdbx_database_status.status_code_cs                  ? 
_pdbx_database_status.status_code_nmr_data            ? 
_pdbx_database_status.methods_development_category    ? 
# 
_pdbx_database_related.db_name        PDB 
_pdbx_database_related.db_id          1IS3 
_pdbx_database_related.details        'Structure of wild type congerin II' 
_pdbx_database_related.content_type   unspecified 
# 
loop_
_audit_author.name 
_audit_author.pdbx_ordinal 
'Shionyu-Mitsuyama, C.' 1 
'Ito, Y.'               2 
'Konno, A.'             3 
'Miwa, Y.'              4 
'Ogawa, T.'             5 
'Muramoto, K.'          6 
'Shirai, T.'            7 
# 
_citation.id                        primary 
_citation.title                     
;In vitro evolutionary thermostabilization of congerin II: a limited reproduction of natural protein evolution by artificial selection pressure
;
_citation.journal_abbrev            J.Mol.Biol. 
_citation.journal_volume            347 
_citation.page_first                385 
_citation.page_last                 397 
_citation.year                      2005 
_citation.journal_id_ASTM           JMOBAK 
_citation.country                   UK 
_citation.journal_id_ISSN           0022-2836 
_citation.journal_id_CSD            0070 
_citation.book_publisher            ? 
_citation.pdbx_database_id_PubMed   15740748 
_citation.pdbx_database_id_DOI      10.1016/j.jmb.2005.01.027 
# 
loop_
_citation_author.citation_id 
_citation_author.name 
_citation_author.ordinal 
_citation_author.identifier_ORCID 
primary 'Shionyu-Mitsuyama, C.' 1 ? 
primary 'Ito, Y.'               2 ? 
primary 'Konno, A.'             3 ? 
primary 'Miwa, Y.'              4 ? 
primary 'Ogawa, T.'             5 ? 
primary 'Muramoto, K.'          6 ? 
primary 'Shirai, T.'            7 ? 
# 
loop_
_entity.id 
_entity.type 
_entity.src_method 
_entity.pdbx_description 
_entity.formula_weight 
_entity.pdbx_number_of_molecules 
_entity.pdbx_ec 
_entity.pdbx_mutation 
_entity.pdbx_fragment 
_entity.details 
1 polymer     man 'Congerin II'                                        15278.023 1   ? Y16S ? ? 
2 branched    man 'beta-D-galactopyranose-(1-4)-alpha-D-glucopyranose' 342.297   1   ? ?    ? ? 
3 non-polymer syn '2-(N-MORPHOLINO)-ETHANESULFONIC ACID'               195.237   1   ? ?    ? ? 
4 water       nat water                                                18.015    119 ? ?    ? ? 
# 
loop_
_entity_name_com.entity_id 
_entity_name_com.name 
1 'Beta-galactoside-binding lectin 2' 
2 alpha-lactose                       
# 
_entity_poly.entity_id                      1 
_entity_poly.type                           'polypeptide(L)' 
_entity_poly.nstd_linkage                   no 
_entity_poly.nstd_monomer                   no 
_entity_poly.pdbx_seq_one_letter_code       
;SDRAEVRNIPFKLGMSLTVGGVVNSNATRFSINVGESTDSIAMHMDHRFSYGADQNVLVLNSLVHNVGWQQEERSKKFPF
TKGDHFQTTITFDTHTFYIQLSNGETVEFPNRNKDAAFNLIYLAGDARLTFVRLE
;
_entity_poly.pdbx_seq_one_letter_code_can   
;SDRAEVRNIPFKLGMSLTVGGVVNSNATRFSINVGESTDSIAMHMDHRFSYGADQNVLVLNSLVHNVGWQQEERSKKFPF
TKGDHFQTTITFDTHTFYIQLSNGETVEFPNRNKDAAFNLIYLAGDARLTFVRLE
;
_entity_poly.pdbx_strand_id                 A 
_entity_poly.pdbx_target_identifier         ? 
# 
loop_
_pdbx_entity_nonpoly.entity_id 
_pdbx_entity_nonpoly.name 
_pdbx_entity_nonpoly.comp_id 
3 '2-(N-MORPHOLINO)-ETHANESULFONIC ACID' MES 
4 water                                  HOH 
# 
loop_
_entity_poly_seq.entity_id 
_entity_poly_seq.num 
_entity_poly_seq.mon_id 
_entity_poly_seq.hetero 
1 1   SER n 
1 2   ASP n 
1 3   ARG n 
1 4   ALA n 
1 5   GLU n 
1 6   VAL n 
1 7   ARG n 
1 8   ASN n 
1 9   ILE n 
1 10  PRO n 
1 11  PHE n 
1 12  LYS n 
1 13  LEU n 
1 14  GLY n 
1 15  MET n 
1 16  SER n 
1 17  LEU n 
1 18  THR n 
1 19  VAL n 
1 20  GLY n 
1 21  GLY n 
1 22  VAL n 
1 23  VAL n 
1 24  ASN n 
1 25  SER n 
1 26  ASN n 
1 27  ALA n 
1 28  THR n 
1 29  ARG n 
1 30  PHE n 
1 31  SER n 
1 32  ILE n 
1 33  ASN n 
1 34  VAL n 
1 35  GLY n 
1 36  GLU n 
1 37  SER n 
1 38  THR n 
1 39  ASP n 
1 40  SER n 
1 41  ILE n 
1 42  ALA n 
1 43  MET n 
1 44  HIS n 
1 45  MET n 
1 46  ASP n 
1 47  HIS n 
1 48  ARG n 
1 49  PHE n 
1 50  SER n 
1 51  TYR n 
1 52  GLY n 
1 53  ALA n 
1 54  ASP n 
1 55  GLN n 
1 56  ASN n 
1 57  VAL n 
1 58  LEU n 
1 59  VAL n 
1 60  LEU n 
1 61  ASN n 
1 62  SER n 
1 63  LEU n 
1 64  VAL n 
1 65  HIS n 
1 66  ASN n 
1 67  VAL n 
1 68  GLY n 
1 69  TRP n 
1 70  GLN n 
1 71  GLN n 
1 72  GLU n 
1 73  GLU n 
1 74  ARG n 
1 75  SER n 
1 76  LYS n 
1 77  LYS n 
1 78  PHE n 
1 79  PRO n 
1 80  PHE n 
1 81  THR n 
1 82  LYS n 
1 83  GLY n 
1 84  ASP n 
1 85  HIS n 
1 86  PHE n 
1 87  GLN n 
1 88  THR n 
1 89  THR n 
1 90  ILE n 
1 91  THR n 
1 92  PHE n 
1 93  ASP n 
1 94  THR n 
1 95  HIS n 
1 96  THR n 
1 97  PHE n 
1 98  TYR n 
1 99  ILE n 
1 100 GLN n 
1 101 LEU n 
1 102 SER n 
1 103 ASN n 
1 104 GLY n 
1 105 GLU n 
1 106 THR n 
1 107 VAL n 
1 108 GLU n 
1 109 PHE n 
1 110 PRO n 
1 111 ASN n 
1 112 ARG n 
1 113 ASN n 
1 114 LYS n 
1 115 ASP n 
1 116 ALA n 
1 117 ALA n 
1 118 PHE n 
1 119 ASN n 
1 120 LEU n 
1 121 ILE n 
1 122 TYR n 
1 123 LEU n 
1 124 ALA n 
1 125 GLY n 
1 126 ASP n 
1 127 ALA n 
1 128 ARG n 
1 129 LEU n 
1 130 THR n 
1 131 PHE n 
1 132 VAL n 
1 133 ARG n 
1 134 LEU n 
1 135 GLU n 
# 
_entity_src_gen.entity_id                          1 
_entity_src_gen.pdbx_src_id                        1 
_entity_src_gen.pdbx_alt_source_flag               sample 
_entity_src_gen.pdbx_seq_type                      ? 
_entity_src_gen.pdbx_beg_seq_num                   ? 
_entity_src_gen.pdbx_end_seq_num                   ? 
_entity_src_gen.gene_src_common_name               'whitespotted conger' 
_entity_src_gen.gene_src_genus                     Conger 
_entity_src_gen.pdbx_gene_src_gene                 ? 
_entity_src_gen.gene_src_species                   ? 
_entity_src_gen.gene_src_strain                    ? 
_entity_src_gen.gene_src_tissue                    ? 
_entity_src_gen.gene_src_tissue_fraction           ? 
_entity_src_gen.gene_src_details                   ? 
_entity_src_gen.pdbx_gene_src_fragment             ? 
_entity_src_gen.pdbx_gene_src_scientific_name      'Conger myriaster' 
_entity_src_gen.pdbx_gene_src_ncbi_taxonomy_id     7943 
_entity_src_gen.pdbx_gene_src_variant              ? 
_entity_src_gen.pdbx_gene_src_cell_line            ? 
_entity_src_gen.pdbx_gene_src_atcc                 ? 
_entity_src_gen.pdbx_gene_src_organ                ? 
_entity_src_gen.pdbx_gene_src_organelle            ? 
_entity_src_gen.pdbx_gene_src_cell                 ? 
_entity_src_gen.pdbx_gene_src_cellular_location    ? 
_entity_src_gen.host_org_common_name               ? 
_entity_src_gen.pdbx_host_org_scientific_name      'Escherichia coli' 
_entity_src_gen.pdbx_host_org_ncbi_taxonomy_id     562 
_entity_src_gen.host_org_genus                     Escherichia 
_entity_src_gen.pdbx_host_org_gene                 ? 
_entity_src_gen.pdbx_host_org_organ                ? 
_entity_src_gen.host_org_species                   ? 
_entity_src_gen.pdbx_host_org_tissue               ? 
_entity_src_gen.pdbx_host_org_tissue_fraction      ? 
_entity_src_gen.pdbx_host_org_strain               ? 
_entity_src_gen.pdbx_host_org_variant              ? 
_entity_src_gen.pdbx_host_org_cell_line            ? 
_entity_src_gen.pdbx_host_org_atcc                 ? 
_entity_src_gen.pdbx_host_org_culture_collection   ? 
_entity_src_gen.pdbx_host_org_cell                 ? 
_entity_src_gen.pdbx_host_org_organelle            ? 
_entity_src_gen.pdbx_host_org_cellular_location    ? 
_entity_src_gen.pdbx_host_org_vector_type          PLASMID 
_entity_src_gen.pdbx_host_org_vector               ? 
_entity_src_gen.host_org_details                   ? 
_entity_src_gen.expression_system_id               ? 
_entity_src_gen.plasmid_name                       pTV118N 
_entity_src_gen.plasmid_details                    ? 
_entity_src_gen.pdbx_description                   ? 
# 
_pdbx_entity_branch.entity_id   2 
_pdbx_entity_branch.type        oligosaccharide 
# 
loop_
_pdbx_entity_branch_descriptor.ordinal 
_pdbx_entity_branch_descriptor.entity_id 
_pdbx_entity_branch_descriptor.descriptor 
_pdbx_entity_branch_descriptor.type 
_pdbx_entity_branch_descriptor.program 
_pdbx_entity_branch_descriptor.program_version 
1 2 DGalpb1-4DGlcpa1-ROH                                       'Glycam Condensed Sequence' GMML       1.0   
2 2 'WURCS=2.0/2,2,1/[a2122h-1a_1-5][a2112h-1b_1-5]/1-2/a4-b1' WURCS                       PDB2Glycan 1.1.0 
3 2 '[][a-D-Glcp]{[(4+1)][b-D-Galp]{}}'                        LINUCS                      PDB-CARE   ?     
# 
_pdbx_entity_branch_link.link_id                    1 
_pdbx_entity_branch_link.entity_id                  2 
_pdbx_entity_branch_link.entity_branch_list_num_1   2 
_pdbx_entity_branch_link.comp_id_1                  GAL 
_pdbx_entity_branch_link.atom_id_1                  C1 
_pdbx_entity_branch_link.leaving_atom_id_1          O1 
_pdbx_entity_branch_link.entity_branch_list_num_2   1 
_pdbx_entity_branch_link.comp_id_2                  GLC 
_pdbx_entity_branch_link.atom_id_2                  O4 
_pdbx_entity_branch_link.leaving_atom_id_2          HO4 
_pdbx_entity_branch_link.value_order                sing 
_pdbx_entity_branch_link.details                    ? 
# 
loop_
_chem_comp.id 
_chem_comp.type 
_chem_comp.mon_nstd_flag 
_chem_comp.name 
_chem_comp.pdbx_synonyms 
_chem_comp.formula 
_chem_comp.formula_weight 
ALA 'L-peptide linking'           y ALANINE                                ?                                          'C3 H7 N O2' 
89.093  
ARG 'L-peptide linking'           y ARGININE                               ?                                          
'C6 H15 N4 O2 1' 175.209 
ASN 'L-peptide linking'           y ASPARAGINE                             ?                                          
'C4 H8 N2 O3'    132.118 
ASP 'L-peptide linking'           y 'ASPARTIC ACID'                        ?                                          'C4 H7 N O4' 
133.103 
GAL 'D-saccharide, beta linking'  . beta-D-galactopyranose                 'beta-D-galactose; D-galactose; galactose' 'C6 H12 O6' 
180.156 
GLC 'D-saccharide, alpha linking' . alpha-D-glucopyranose                  'alpha-D-glucose; D-glucose; glucose'      'C6 H12 O6' 
180.156 
GLN 'L-peptide linking'           y GLUTAMINE                              ?                                          
'C5 H10 N2 O3'   146.144 
GLU 'L-peptide linking'           y 'GLUTAMIC ACID'                        ?                                          'C5 H9 N O4' 
147.129 
GLY 'peptide linking'             y GLYCINE                                ?                                          'C2 H5 N O2' 
75.067  
HIS 'L-peptide linking'           y HISTIDINE                              ?                                          
'C6 H10 N3 O2 1' 156.162 
HOH non-polymer                   . WATER                                  ?                                          'H2 O' 
18.015  
ILE 'L-peptide linking'           y ISOLEUCINE                             ?                                          
'C6 H13 N O2'    131.173 
LEU 'L-peptide linking'           y LEUCINE                                ?                                          
'C6 H13 N O2'    131.173 
LYS 'L-peptide linking'           y LYSINE                                 ?                                          
'C6 H15 N2 O2 1' 147.195 
MES non-polymer                   . '2-(N-MORPHOLINO)-ETHANESULFONIC ACID' ?                                          
'C6 H13 N O4 S'  195.237 
MET 'L-peptide linking'           y METHIONINE                             ?                                          
'C5 H11 N O2 S'  149.211 
PHE 'L-peptide linking'           y PHENYLALANINE                          ?                                          
'C9 H11 N O2'    165.189 
PRO 'L-peptide linking'           y PROLINE                                ?                                          'C5 H9 N O2' 
115.130 
SER 'L-peptide linking'           y SERINE                                 ?                                          'C3 H7 N O3' 
105.093 
THR 'L-peptide linking'           y THREONINE                              ?                                          'C4 H9 N O3' 
119.119 
TRP 'L-peptide linking'           y TRYPTOPHAN                             ?                                          
'C11 H12 N2 O2'  204.225 
TYR 'L-peptide linking'           y TYROSINE                               ?                                          
'C9 H11 N O3'    181.189 
VAL 'L-peptide linking'           y VALINE                                 ?                                          
'C5 H11 N O2'    117.146 
# 
loop_
_pdbx_chem_comp_identifier.comp_id 
_pdbx_chem_comp_identifier.type 
_pdbx_chem_comp_identifier.program 
_pdbx_chem_comp_identifier.program_version 
_pdbx_chem_comp_identifier.identifier 
GAL 'CONDENSED IUPAC CARBOHYDRATE SYMBOL' GMML     1.0 DGalpb              
GAL 'COMMON NAME'                         GMML     1.0 b-D-galactopyranose 
GAL 'IUPAC CARBOHYDRATE SYMBOL'           PDB-CARE 1.0 b-D-Galp            
GAL 'SNFG CARBOHYDRATE SYMBOL'            GMML     1.0 Gal                 
GLC 'CONDENSED IUPAC CARBOHYDRATE SYMBOL' GMML     1.0 DGlcpa              
GLC 'COMMON NAME'                         GMML     1.0 a-D-glucopyranose   
GLC 'IUPAC CARBOHYDRATE SYMBOL'           PDB-CARE 1.0 a-D-Glcp            
GLC 'SNFG CARBOHYDRATE SYMBOL'            GMML     1.0 Glc                 
# 
loop_
_pdbx_poly_seq_scheme.asym_id 
_pdbx_poly_seq_scheme.entity_id 
_pdbx_poly_seq_scheme.seq_id 
_pdbx_poly_seq_scheme.mon_id 
_pdbx_poly_seq_scheme.ndb_seq_num 
_pdbx_poly_seq_scheme.pdb_seq_num 
_pdbx_poly_seq_scheme.auth_seq_num 
_pdbx_poly_seq_scheme.pdb_mon_id 
_pdbx_poly_seq_scheme.auth_mon_id 
_pdbx_poly_seq_scheme.pdb_strand_id 
_pdbx_poly_seq_scheme.pdb_ins_code 
_pdbx_poly_seq_scheme.hetero 
A 1 1   SER 1   1   ?   ?   ?   A . n 
A 1 2   ASP 2   2   2   ASP ASP A . n 
A 1 3   ARG 3   3   3   ARG ARG A . n 
A 1 4   ALA 4   4   4   ALA ALA A . n 
A 1 5   GLU 5   5   5   GLU GLU A . n 
A 1 6   VAL 6   6   6   VAL VAL A . n 
A 1 7   ARG 7   7   7   ARG ARG A . n 
A 1 8   ASN 8   8   8   ASN ASN A . n 
A 1 9   ILE 9   9   9   ILE ILE A . n 
A 1 10  PRO 10  10  10  PRO PRO A . n 
A 1 11  PHE 11  11  11  PHE PHE A . n 
A 1 12  LYS 12  12  12  LYS LYS A . n 
A 1 13  LEU 13  13  13  LEU LEU A . n 
A 1 14  GLY 14  14  14  GLY GLY A . n 
A 1 15  MET 15  15  15  MET MET A . n 
A 1 16  SER 16  16  16  SER SER A . n 
A 1 17  LEU 17  17  17  LEU LEU A . n 
A 1 18  THR 18  18  18  THR THR A . n 
A 1 19  VAL 19  19  19  VAL VAL A . n 
A 1 20  GLY 20  20  20  GLY GLY A . n 
A 1 21  GLY 21  21  21  GLY GLY A . n 
A 1 22  VAL 22  22  22  VAL VAL A . n 
A 1 23  VAL 23  23  23  VAL VAL A . n 
A 1 24  ASN 24  24  24  ASN ASN A . n 
A 1 25  SER 25  25  25  SER SER A . n 
A 1 26  ASN 26  26  26  ASN ASN A . n 
A 1 27  ALA 27  27  27  ALA ALA A . n 
A 1 28  THR 28  28  28  THR THR A . n 
A 1 29  ARG 29  29  29  ARG ARG A . n 
A 1 30  PHE 30  30  30  PHE PHE A . n 
A 1 31  SER 31  31  31  SER SER A . n 
A 1 32  ILE 32  32  32  ILE ILE A . n 
A 1 33  ASN 33  33  33  ASN ASN A . n 
A 1 34  VAL 34  34  34  VAL VAL A . n 
A 1 35  GLY 35  35  35  GLY GLY A . n 
A 1 36  GLU 36  36  36  GLU GLU A . n 
A 1 37  SER 37  37  37  SER SER A . n 
A 1 38  THR 38  38  38  THR THR A . n 
A 1 39  ASP 39  39  39  ASP ASP A . n 
A 1 40  SER 40  40  40  SER SER A . n 
A 1 41  ILE 41  41  41  ILE ILE A . n 
A 1 42  ALA 42  42  42  ALA ALA A . n 
A 1 43  MET 43  43  43  MET MET A . n 
A 1 44  HIS 44  44  44  HIS HIS A . n 
A 1 45  MET 45  45  45  MET MET A . n 
A 1 46  ASP 46  46  46  ASP ASP A . n 
A 1 47  HIS 47  47  47  HIS HIS A . n 
A 1 48  ARG 48  48  48  ARG ARG A . n 
A 1 49  PHE 49  49  49  PHE PHE A . n 
A 1 50  SER 50  50  50  SER SER A . n 
A 1 51  TYR 51  51  51  TYR TYR A . n 
A 1 52  GLY 52  52  52  GLY GLY A . n 
A 1 53  ALA 53  53  53  ALA ALA A . n 
A 1 54  ASP 54  54  54  ASP ASP A . n 
A 1 55  GLN 55  55  55  GLN GLN A . n 
A 1 56  ASN 56  56  56  ASN ASN A . n 
A 1 57  VAL 57  57  57  VAL VAL A . n 
A 1 58  LEU 58  58  58  LEU LEU A . n 
A 1 59  VAL 59  59  59  VAL VAL A . n 
A 1 60  LEU 60  60  60  LEU LEU A . n 
A 1 61  ASN 61  61  61  ASN ASN A . n 
A 1 62  SER 62  62  62  SER SER A . n 
A 1 63  LEU 63  63  63  LEU LEU A . n 
A 1 64  VAL 64  64  64  VAL VAL A . n 
A 1 65  HIS 65  65  65  HIS HIS A . n 
A 1 66  ASN 66  66  66  ASN ASN A . n 
A 1 67  VAL 67  67  67  VAL VAL A . n 
A 1 68  GLY 68  68  68  GLY GLY A . n 
A 1 69  TRP 69  69  69  TRP TRP A . n 
A 1 70  GLN 70  70  70  GLN GLN A . n 
A 1 71  GLN 71  71  71  GLN GLN A . n 
A 1 72  GLU 72  72  72  GLU GLU A . n 
A 1 73  GLU 73  73  73  GLU GLU A . n 
A 1 74  ARG 74  74  74  ARG ARG A . n 
A 1 75  SER 75  75  75  SER SER A . n 
A 1 76  LYS 76  76  76  LYS LYS A . n 
A 1 77  LYS 77  77  77  LYS LYS A . n 
A 1 78  PHE 78  78  78  PHE PHE A . n 
A 1 79  PRO 79  79  79  PRO PRO A . n 
A 1 80  PHE 80  80  80  PHE PHE A . n 
A 1 81  THR 81  81  81  THR THR A . n 
A 1 82  LYS 82  82  82  LYS LYS A . n 
A 1 83  GLY 83  83  83  GLY GLY A . n 
A 1 84  ASP 84  84  84  ASP ASP A . n 
A 1 85  HIS 85  85  85  HIS HIS A . n 
A 1 86  PHE 86  86  86  PHE PHE A . n 
A 1 87  GLN 87  87  87  GLN GLN A . n 
A 1 88  THR 88  88  88  THR THR A . n 
A 1 89  THR 89  89  89  THR THR A . n 
A 1 90  ILE 90  90  90  ILE ILE A . n 
A 1 91  THR 91  91  91  THR THR A . n 
A 1 92  PHE 92  92  92  PHE PHE A . n 
A 1 93  ASP 93  93  93  ASP ASP A . n 
A 1 94  THR 94  94  94  THR THR A . n 
A 1 95  HIS 95  95  95  HIS HIS A . n 
A 1 96  THR 96  96  96  THR THR A . n 
A 1 97  PHE 97  97  97  PHE PHE A . n 
A 1 98  TYR 98  98  98  TYR TYR A . n 
A 1 99  ILE 99  99  99  ILE ILE A . n 
A 1 100 GLN 100 100 100 GLN GLN A . n 
A 1 101 LEU 101 101 101 LEU LEU A . n 
A 1 102 SER 102 102 102 SER SER A . n 
A 1 103 ASN 103 103 103 ASN ASN A . n 
A 1 104 GLY 104 104 104 GLY GLY A . n 
A 1 105 GLU 105 105 105 GLU GLU A . n 
A 1 106 THR 106 106 106 THR THR A . n 
A 1 107 VAL 107 107 107 VAL VAL A . n 
A 1 108 GLU 108 108 108 GLU GLU A . n 
A 1 109 PHE 109 109 109 PHE PHE A . n 
A 1 110 PRO 110 110 110 PRO PRO A . n 
A 1 111 ASN 111 111 111 ASN ASN A . n 
A 1 112 ARG 112 112 112 ARG ARG A . n 
A 1 113 ASN 113 113 113 ASN ASN A . n 
A 1 114 LYS 114 114 114 LYS LYS A . n 
A 1 115 ASP 115 115 115 ASP ASP A . n 
A 1 116 ALA 116 116 116 ALA ALA A . n 
A 1 117 ALA 117 117 117 ALA ALA A . n 
A 1 118 PHE 118 118 118 PHE PHE A . n 
A 1 119 ASN 119 119 119 ASN ASN A . n 
A 1 120 LEU 120 120 120 LEU LEU A . n 
A 1 121 ILE 121 121 121 ILE ILE A . n 
A 1 122 TYR 122 122 122 TYR TYR A . n 
A 1 123 LEU 123 123 123 LEU LEU A . n 
A 1 124 ALA 124 124 124 ALA ALA A . n 
A 1 125 GLY 125 125 125 GLY GLY A . n 
A 1 126 ASP 126 126 126 ASP ASP A . n 
A 1 127 ALA 127 127 127 ALA ALA A . n 
A 1 128 ARG 128 128 128 ARG ARG A . n 
A 1 129 LEU 129 129 129 LEU LEU A . n 
A 1 130 THR 130 130 130 THR THR A . n 
A 1 131 PHE 131 131 131 PHE PHE A . n 
A 1 132 VAL 132 132 132 VAL VAL A . n 
A 1 133 ARG 133 133 133 ARG ARG A . n 
A 1 134 LEU 134 134 134 LEU LEU A . n 
A 1 135 GLU 135 135 135 GLU GLU A . n 
# 
loop_
_pdbx_branch_scheme.asym_id 
_pdbx_branch_scheme.entity_id 
_pdbx_branch_scheme.mon_id 
_pdbx_branch_scheme.num 
_pdbx_branch_scheme.pdb_asym_id 
_pdbx_branch_scheme.pdb_mon_id 
_pdbx_branch_scheme.pdb_seq_num 
_pdbx_branch_scheme.auth_asym_id 
_pdbx_branch_scheme.auth_mon_id 
_pdbx_branch_scheme.auth_seq_num 
_pdbx_branch_scheme.hetero 
B 2 GLC 1 B GLC 1 B GLC 402 n 
B 2 GAL 2 B GAL 2 B GAL 401 n 
# 
loop_
_pdbx_nonpoly_scheme.asym_id 
_pdbx_nonpoly_scheme.entity_id 
_pdbx_nonpoly_scheme.mon_id 
_pdbx_nonpoly_scheme.ndb_seq_num 
_pdbx_nonpoly_scheme.pdb_seq_num 
_pdbx_nonpoly_scheme.auth_seq_num 
_pdbx_nonpoly_scheme.pdb_mon_id 
_pdbx_nonpoly_scheme.auth_mon_id 
_pdbx_nonpoly_scheme.pdb_strand_id 
_pdbx_nonpoly_scheme.pdb_ins_code 
C 3 MES 1   777 777 MES MES A . 
D 4 HOH 1   801 801 HOH HOH A . 
D 4 HOH 2   802 802 HOH HOH A . 
D 4 HOH 3   803 803 HOH HOH A . 
D 4 HOH 4   804 804 HOH HOH A . 
D 4 HOH 5   805 805 HOH HOH A . 
D 4 HOH 6   806 806 HOH HOH A . 
D 4 HOH 7   807 807 HOH HOH A . 
D 4 HOH 8   808 808 HOH HOH A . 
D 4 HOH 9   809 809 HOH HOH A . 
D 4 HOH 10  810 810 HOH HOH A . 
D 4 HOH 11  811 811 HOH HOH A . 
D 4 HOH 12  812 812 HOH HOH A . 
D 4 HOH 13  813 813 HOH HOH A . 
D 4 HOH 14  814 814 HOH HOH A . 
D 4 HOH 15  815 815 HOH HOH A . 
D 4 HOH 16  816 816 HOH HOH A . 
D 4 HOH 17  817 817 HOH HOH A . 
D 4 HOH 18  818 818 HOH HOH A . 
D 4 HOH 19  819 819 HOH HOH A . 
D 4 HOH 20  820 820 HOH HOH A . 
D 4 HOH 21  821 821 HOH HOH A . 
D 4 HOH 22  822 822 HOH HOH A . 
D 4 HOH 23  823 823 HOH HOH A . 
D 4 HOH 24  824 824 HOH HOH A . 
D 4 HOH 25  825 825 HOH HOH A . 
D 4 HOH 26  826 826 HOH HOH A . 
D 4 HOH 27  827 827 HOH HOH A . 
D 4 HOH 28  828 828 HOH HOH A . 
D 4 HOH 29  829 829 HOH HOH A . 
D 4 HOH 30  830 830 HOH HOH A . 
D 4 HOH 31  831 831 HOH HOH A . 
D 4 HOH 32  832 832 HOH HOH A . 
D 4 HOH 33  833 833 HOH HOH A . 
D 4 HOH 34  834 834 HOH HOH A . 
D 4 HOH 35  835 835 HOH HOH A . 
D 4 HOH 36  836 836 HOH HOH A . 
D 4 HOH 37  837 837 HOH HOH A . 
D 4 HOH 38  838 838 HOH HOH A . 
D 4 HOH 39  839 839 HOH HOH A . 
D 4 HOH 40  840 840 HOH HOH A . 
D 4 HOH 41  841 841 HOH HOH A . 
D 4 HOH 42  842 842 HOH HOH A . 
D 4 HOH 43  843 843 HOH HOH A . 
D 4 HOH 44  844 844 HOH HOH A . 
D 4 HOH 45  845 845 HOH HOH A . 
D 4 HOH 46  846 846 HOH HOH A . 
D 4 HOH 47  847 847 HOH HOH A . 
D 4 HOH 48  848 848 HOH HOH A . 
D 4 HOH 49  849 849 HOH HOH A . 
D 4 HOH 50  850 850 HOH HOH A . 
D 4 HOH 51  851 851 HOH HOH A . 
D 4 HOH 52  852 852 HOH HOH A . 
D 4 HOH 53  853 853 HOH HOH A . 
D 4 HOH 54  854 854 HOH HOH A . 
D 4 HOH 55  855 855 HOH HOH A . 
D 4 HOH 56  856 856 HOH HOH A . 
D 4 HOH 57  857 857 HOH HOH A . 
D 4 HOH 58  858 858 HOH HOH A . 
D 4 HOH 59  859 859 HOH HOH A . 
D 4 HOH 60  860 860 HOH HOH A . 
D 4 HOH 61  861 861 HOH HOH A . 
D 4 HOH 62  862 862 HOH HOH A . 
D 4 HOH 63  863 863 HOH HOH A . 
D 4 HOH 64  864 864 HOH HOH A . 
D 4 HOH 65  865 865 HOH HOH A . 
D 4 HOH 66  866 866 HOH HOH A . 
D 4 HOH 67  867 867 HOH HOH A . 
D 4 HOH 68  868 868 HOH HOH A . 
D 4 HOH 69  869 869 HOH HOH A . 
D 4 HOH 70  870 870 HOH HOH A . 
D 4 HOH 71  871 871 HOH HOH A . 
D 4 HOH 72  872 872 HOH HOH A . 
D 4 HOH 73  873 873 HOH HOH A . 
D 4 HOH 74  874 874 HOH HOH A . 
D 4 HOH 75  875 875 HOH HOH A . 
D 4 HOH 76  876 876 HOH HOH A . 
D 4 HOH 77  877 877 HOH HOH A . 
D 4 HOH 78  878 878 HOH HOH A . 
D 4 HOH 79  879 879 HOH HOH A . 
D 4 HOH 80  880 880 HOH HOH A . 
D 4 HOH 81  881 881 HOH HOH A . 
D 4 HOH 82  882 882 HOH HOH A . 
D 4 HOH 83  883 883 HOH HOH A . 
D 4 HOH 84  884 884 HOH HOH A . 
D 4 HOH 85  885 885 HOH HOH A . 
D 4 HOH 86  886 886 HOH HOH A . 
D 4 HOH 87  887 887 HOH HOH A . 
D 4 HOH 88  888 888 HOH HOH A . 
D 4 HOH 89  889 889 HOH HOH A . 
D 4 HOH 90  890 890 HOH HOH A . 
D 4 HOH 91  891 891 HOH HOH A . 
D 4 HOH 92  892 892 HOH HOH A . 
D 4 HOH 93  893 893 HOH HOH A . 
D 4 HOH 94  894 894 HOH HOH A . 
D 4 HOH 95  895 895 HOH HOH A . 
D 4 HOH 96  896 896 HOH HOH A . 
D 4 HOH 97  897 897 HOH HOH A . 
D 4 HOH 98  898 898 HOH HOH A . 
D 4 HOH 99  899 899 HOH HOH A . 
D 4 HOH 100 900 900 HOH HOH A . 
D 4 HOH 101 901 901 HOH HOH A . 
D 4 HOH 102 902 902 HOH HOH A . 
D 4 HOH 103 903 903 HOH HOH A . 
D 4 HOH 104 904 904 HOH HOH A . 
D 4 HOH 105 905 905 HOH HOH A . 
D 4 HOH 106 906 906 HOH HOH A . 
D 4 HOH 107 907 907 HOH HOH A . 
D 4 HOH 108 908 908 HOH HOH A . 
D 4 HOH 109 909 909 HOH HOH A . 
D 4 HOH 110 910 910 HOH HOH A . 
D 4 HOH 111 911 911 HOH HOH A . 
D 4 HOH 112 912 912 HOH HOH A . 
D 4 HOH 113 913 913 HOH HOH A . 
D 4 HOH 114 914 914 HOH HOH A . 
D 4 HOH 115 915 915 HOH HOH A . 
D 4 HOH 116 916 916 HOH HOH A . 
D 4 HOH 117 917 917 HOH HOH A . 
D 4 HOH 118 918 918 HOH HOH A . 
D 4 HOH 119 919 919 HOH HOH A . 
# 
loop_
_software.name 
_software.classification 
_software.version 
_software.citation_id 
_software.pdbx_ordinal 
DENZO     'data reduction' .   ? 1 
SCALEPACK 'data scaling'   .   ? 2 
AMoRE     phasing          .   ? 3 
CNS       refinement       1.1 ? 4 
# 
_cell.entry_id           1WLW 
_cell.length_a           60.97 
_cell.length_b           60.97 
_cell.length_c           78.83 
_cell.angle_alpha        90.0 
_cell.angle_beta         90.0 
_cell.angle_gamma        90.0 
_cell.pdbx_unique_axis   ? 
_cell.Z_PDB              8 
# 
_symmetry.entry_id                         1WLW 
_symmetry.space_group_name_H-M             'P 42 21 2' 
_symmetry.pdbx_full_space_group_name_H-M   ? 
_symmetry.Int_Tables_number                94 
_symmetry.cell_setting                     ? 
_symmetry.space_group_name_Hall            ? 
# 
_exptl.entry_id          1WLW 
_exptl.method            'X-RAY DIFFRACTION' 
_exptl.crystals_number   1 
# 
_exptl_crystal.id                    1 
_exptl_crystal.density_meas          ? 
_exptl_crystal.density_Matthews      2.40 
_exptl_crystal.density_percent_sol   48.70 
_exptl_crystal.description           ? 
_exptl_crystal.F_000                 ? 
_exptl_crystal.preparation           ? 
# 
_exptl_crystal_grow.crystal_id      1 
_exptl_crystal_grow.method          'VAPOR DIFFUSION, HANGING DROP' 
_exptl_crystal_grow.temp            291 
_exptl_crystal_grow.temp_details    ? 
_exptl_crystal_grow.pH              6.5 
_exptl_crystal_grow.pdbx_details    
'0.8M magnesium sulfate, 0.93mM lactose, 0.05M Mes, pH 6.5, VAPOR DIFFUSION, HANGING DROP, temperature 291K' 
_exptl_crystal_grow.pdbx_pH_range   . 
# 
_diffrn.id                     1 
_diffrn.ambient_temp           100 
_diffrn.ambient_temp_details   ? 
_diffrn.crystal_id             1 
# 
_diffrn_detector.diffrn_id              1 
_diffrn_detector.detector               'IMAGE PLATE' 
_diffrn_detector.type                   'RIGAKU RAXIS IV' 
_diffrn_detector.pdbx_collection_date   2002-09-17 
_diffrn_detector.details                ? 
# 
_diffrn_radiation.diffrn_id                        1 
_diffrn_radiation.wavelength_id                    1 
_diffrn_radiation.pdbx_monochromatic_or_laue_m_l   M 
_diffrn_radiation.monochromator                    ? 
_diffrn_radiation.pdbx_diffrn_protocol             'SINGLE WAVELENGTH' 
_diffrn_radiation.pdbx_scattering_type             x-ray 
# 
_diffrn_radiation_wavelength.id           1 
_diffrn_radiation_wavelength.wavelength   1.54 
_diffrn_radiation_wavelength.wt           1.0 
# 
_diffrn_source.diffrn_id                   1 
_diffrn_source.source                      'ROTATING ANODE' 
_diffrn_source.type                        'RIGAKU RU300' 
_diffrn_source.pdbx_synchrotron_site       ? 
_diffrn_source.pdbx_synchrotron_beamline   ? 
_diffrn_source.pdbx_wavelength             ? 
_diffrn_source.pdbx_wavelength_list        1.54 
# 
_reflns.entry_id                     1WLW 
_reflns.observed_criterion_sigma_F   ? 
_reflns.observed_criterion_sigma_I   ? 
_reflns.d_resolution_high            1.8 
_reflns.d_resolution_low             40.0 
_reflns.number_all                   252540 
_reflns.number_obs                   13964 
_reflns.percent_possible_obs         95.6 
_reflns.pdbx_Rmerge_I_obs            0.047 
_reflns.pdbx_Rsym_value              ? 
_reflns.pdbx_netI_over_sigmaI        ? 
_reflns.B_iso_Wilson_estimate        ? 
_reflns.pdbx_redundancy              ? 
_reflns.R_free_details               ? 
_reflns.limit_h_max                  ? 
_reflns.limit_h_min                  ? 
_reflns.limit_k_max                  ? 
_reflns.limit_k_min                  ? 
_reflns.limit_l_max                  ? 
_reflns.limit_l_min                  ? 
_reflns.observed_criterion_F_max     ? 
_reflns.observed_criterion_F_min     ? 
_reflns.pdbx_chi_squared             ? 
_reflns.pdbx_scaling_rejects         ? 
_reflns.pdbx_diffrn_id               1 
_reflns.pdbx_ordinal                 1 
# 
_refine.entry_id                                 1WLW 
_refine.ls_d_res_high                            1.8 
_refine.ls_d_res_low                             8.0 
_refine.pdbx_ls_sigma_F                          ? 
_refine.pdbx_ls_sigma_I                          ? 
_refine.ls_number_reflns_all                     ? 
_refine.ls_number_reflns_obs                     13597 
_refine.ls_number_reflns_R_free                  1042 
_refine.ls_percent_reflns_obs                    ? 
_refine.ls_R_factor_all                          ? 
_refine.ls_R_factor_obs                          ? 
_refine.ls_R_factor_R_work                       0.173 
_refine.ls_R_factor_R_free                       0.177 
_refine.ls_redundancy_reflns_obs                 ? 
_refine.pdbx_data_cutoff_high_absF               ? 
_refine.pdbx_data_cutoff_low_absF                ? 
_refine.ls_number_parameters                     ? 
_refine.ls_number_restraints                     ? 
_refine.ls_percent_reflns_R_free                 ? 
_refine.ls_R_factor_R_free_error                 ? 
_refine.ls_R_factor_R_free_error_details         ? 
_refine.pdbx_method_to_determine_struct          'MOLECULAR REPLACEMENT' 
_refine.pdbx_starting_model                      ? 
_refine.pdbx_ls_cross_valid_method               ? 
_refine.pdbx_R_Free_selection_details            random 
_refine.pdbx_stereochem_target_val_spec_case     ? 
_refine.pdbx_stereochemistry_target_values       ? 
_refine.solvent_model_details                    ? 
_refine.solvent_model_param_bsol                 ? 
_refine.solvent_model_param_ksol                 ? 
_refine.occupancy_max                            ? 
_refine.occupancy_min                            ? 
_refine.pdbx_isotropic_thermal_model             ? 
_refine.B_iso_mean                               ? 
_refine.aniso_B[1][1]                            ? 
_refine.aniso_B[1][2]                            ? 
_refine.aniso_B[1][3]                            ? 
_refine.aniso_B[2][2]                            ? 
_refine.aniso_B[2][3]                            ? 
_refine.aniso_B[3][3]                            ? 
_refine.details                                  ? 
_refine.B_iso_min                                ? 
_refine.B_iso_max                                ? 
_refine.correlation_coeff_Fo_to_Fc               ? 
_refine.correlation_coeff_Fo_to_Fc_free          ? 
_refine.pdbx_solvent_vdw_probe_radii             ? 
_refine.pdbx_solvent_ion_probe_radii             ? 
_refine.pdbx_solvent_shrinkage_radii             ? 
_refine.overall_SU_R_Cruickshank_DPI             ? 
_refine.overall_SU_R_free                        ? 
_refine.overall_SU_B                             ? 
_refine.overall_SU_ML                            ? 
_refine.pdbx_overall_ESU_R                       ? 
_refine.pdbx_overall_ESU_R_Free                  ? 
_refine.pdbx_data_cutoff_high_rms_absF           ? 
_refine.ls_wR_factor_R_free                      ? 
_refine.ls_wR_factor_R_work                      ? 
_refine.overall_FOM_free_R_set                   ? 
_refine.overall_FOM_work_R_set                   ? 
_refine.pdbx_refine_id                           'X-RAY DIFFRACTION' 
_refine.pdbx_diffrn_id                           1 
_refine.pdbx_TLS_residual_ADP_flag               ? 
_refine.pdbx_overall_phase_error                 ? 
_refine.pdbx_overall_SU_R_free_Cruickshank_DPI   ? 
_refine.pdbx_overall_SU_R_Blow_DPI               ? 
_refine.pdbx_overall_SU_R_free_Blow_DPI          ? 
# 
_refine_hist.pdbx_refine_id                   'X-RAY DIFFRACTION' 
_refine_hist.cycle_id                         LAST 
_refine_hist.pdbx_number_atoms_protein        1103 
_refine_hist.pdbx_number_atoms_nucleic_acid   0 
_refine_hist.pdbx_number_atoms_ligand         35 
_refine_hist.number_atoms_solvent             119 
_refine_hist.number_atoms_total               1257 
_refine_hist.d_res_high                       1.8 
_refine_hist.d_res_low                        8.0 
# 
_struct.entry_id                  1WLW 
_struct.title                     'Congerin II Y16S single mutant' 
_struct.pdbx_model_details        ? 
_struct.pdbx_CASP_flag            ? 
_struct.pdbx_model_type_details   ? 
# 
_struct_keywords.entry_id        1WLW 
_struct_keywords.pdbx_keywords   'SUGAR BINDING PROTEIN' 
_struct_keywords.text            'galectin, beta-sandwich, thermostability, mutant, SUGAR BINDING PROTEIN' 
# 
loop_
_struct_asym.id 
_struct_asym.pdbx_blank_PDB_chainid_flag 
_struct_asym.pdbx_modified 
_struct_asym.entity_id 
_struct_asym.details 
A N N 1 ? 
B N N 2 ? 
C N N 3 ? 
D N N 4 ? 
# 
_struct_ref.id                         1 
_struct_ref.db_name                    UNP 
_struct_ref.db_code                    LEG2_CONMY 
_struct_ref.pdbx_db_accession          Q9YIC2 
_struct_ref.entity_id                  1 
_struct_ref.pdbx_seq_one_letter_code   
;SDRAEVRNIPFKLGMYLTVGGVVNSNATRFSINVGESTDSIAMHMDHRFSYGADQNVLVLNSLVHNVGWQQEERSKKFPF
TKGDHFQTTITFDTHTFYIQLSNGETVEFPNRNKDAAFNLIYLAGDARLTFVRLE
;
_struct_ref.pdbx_align_begin           1 
_struct_ref.pdbx_db_isoform            ? 
# 
_struct_ref_seq.align_id                      1 
_struct_ref_seq.ref_id                        1 
_struct_ref_seq.pdbx_PDB_id_code              1WLW 
_struct_ref_seq.pdbx_strand_id                A 
_struct_ref_seq.seq_align_beg                 1 
_struct_ref_seq.pdbx_seq_align_beg_ins_code   ? 
_struct_ref_seq.seq_align_end                 135 
_struct_ref_seq.pdbx_seq_align_end_ins_code   ? 
_struct_ref_seq.pdbx_db_accession             Q9YIC2 
_struct_ref_seq.db_align_beg                  1 
_struct_ref_seq.pdbx_db_align_beg_ins_code    ? 
_struct_ref_seq.db_align_end                  135 
_struct_ref_seq.pdbx_db_align_end_ins_code    ? 
_struct_ref_seq.pdbx_auth_seq_align_beg       1 
_struct_ref_seq.pdbx_auth_seq_align_end       135 
# 
_struct_ref_seq_dif.align_id                     1 
_struct_ref_seq_dif.pdbx_pdb_id_code             1WLW 
_struct_ref_seq_dif.mon_id                       SER 
_struct_ref_seq_dif.pdbx_pdb_strand_id           A 
_struct_ref_seq_dif.seq_num                      16 
_struct_ref_seq_dif.pdbx_pdb_ins_code            ? 
_struct_ref_seq_dif.pdbx_seq_db_name             UNP 
_struct_ref_seq_dif.pdbx_seq_db_accession_code   Q9YIC2 
_struct_ref_seq_dif.db_mon_id                    TYR 
_struct_ref_seq_dif.pdbx_seq_db_seq_num          16 
_struct_ref_seq_dif.details                      'engineered mutation' 
_struct_ref_seq_dif.pdbx_auth_seq_num            16 
_struct_ref_seq_dif.pdbx_ordinal                 1 
# 
_pdbx_struct_assembly.id                   1 
_pdbx_struct_assembly.details              author_defined_assembly 
_pdbx_struct_assembly.method_details       ? 
_pdbx_struct_assembly.oligomeric_details   dimeric 
_pdbx_struct_assembly.oligomeric_count     2 
# 
_pdbx_struct_assembly_gen.assembly_id       1 
_pdbx_struct_assembly_gen.oper_expression   1,2 
_pdbx_struct_assembly_gen.asym_id_list      A,B,C,D 
# 
loop_
_pdbx_struct_oper_list.id 
_pdbx_struct_oper_list.type 
_pdbx_struct_oper_list.name 
_pdbx_struct_oper_list.symmetry_operation 
_pdbx_struct_oper_list.matrix[1][1] 
_pdbx_struct_oper_list.matrix[1][2] 
_pdbx_struct_oper_list.matrix[1][3] 
_pdbx_struct_oper_list.vector[1] 
_pdbx_struct_oper_list.matrix[2][1] 
_pdbx_struct_oper_list.matrix[2][2] 
_pdbx_struct_oper_list.matrix[2][3] 
_pdbx_struct_oper_list.vector[2] 
_pdbx_struct_oper_list.matrix[3][1] 
_pdbx_struct_oper_list.matrix[3][2] 
_pdbx_struct_oper_list.matrix[3][3] 
_pdbx_struct_oper_list.vector[3] 
1 'identity operation'         1_555 x,y,z    1.0000000000  0.0000000000  0.0000000000  0.0000000000 0.0000000000  1.0000000000 0.0000000000 0.0000000000 0.0000000000  0.0000000000 1.0000000000  0.0000000000   
2 'crystal symmetry operation' 7_556 y,x,-z+1 -0.4116621840 -0.9003327449 -0.1411920493 6.6127273184 -0.9003327449 0.3777782584 0.2160660455 8.4561712204 -0.1411920493 0.2160660455 -0.9661160744 -26.3672799950 
# 
_struct_conn.id                            covale1 
_struct_conn.conn_type_id                  covale 
_struct_conn.pdbx_leaving_atom_flag        both 
_struct_conn.pdbx_PDB_id                   ? 
_struct_conn.ptnr1_label_asym_id           B 
_struct_conn.ptnr1_label_comp_id           GLC 
_struct_conn.ptnr1_label_seq_id            . 
_struct_conn.ptnr1_label_atom_id           O4 
_struct_conn.pdbx_ptnr1_label_alt_id       ? 
_struct_conn.pdbx_ptnr1_PDB_ins_code       ? 
_struct_conn.pdbx_ptnr1_standard_comp_id   ? 
_struct_conn.ptnr1_symmetry                1_555 
_struct_conn.ptnr2_label_asym_id           B 
_struct_conn.ptnr2_label_comp_id           GAL 
_struct_conn.ptnr2_label_seq_id            . 
_struct_conn.ptnr2_label_atom_id           C1 
_struct_conn.pdbx_ptnr2_label_alt_id       ? 
_struct_conn.pdbx_ptnr2_PDB_ins_code       ? 
_struct_conn.ptnr1_auth_asym_id            B 
_struct_conn.ptnr1_auth_comp_id            GLC 
_struct_conn.ptnr1_auth_seq_id             1 
_struct_conn.ptnr2_auth_asym_id            B 
_struct_conn.ptnr2_auth_comp_id            GAL 
_struct_conn.ptnr2_auth_seq_id             2 
_struct_conn.ptnr2_symmetry                1_555 
_struct_conn.pdbx_ptnr3_label_atom_id      ? 
_struct_conn.pdbx_ptnr3_label_seq_id       ? 
_struct_conn.pdbx_ptnr3_label_comp_id      ? 
_struct_conn.pdbx_ptnr3_label_asym_id      ? 
_struct_conn.pdbx_ptnr3_label_alt_id       ? 
_struct_conn.pdbx_ptnr3_PDB_ins_code       ? 
_struct_conn.details                       ? 
_struct_conn.pdbx_dist_value               1.410 
_struct_conn.pdbx_value_order              ? 
_struct_conn.pdbx_role                     ? 
# 
_struct_conn_type.id          covale 
_struct_conn_type.criteria    ? 
_struct_conn_type.reference   ? 
# 
loop_
_struct_sheet.id 
_struct_sheet.type 
_struct_sheet.number_strands 
_struct_sheet.details 
A ? 6 ? 
B ? 6 ? 
C ? 5 ? 
# 
loop_
_struct_sheet_order.sheet_id 
_struct_sheet_order.range_id_1 
_struct_sheet_order.range_id_2 
_struct_sheet_order.offset 
_struct_sheet_order.sense 
A 1 2 ? anti-parallel 
A 2 3 ? anti-parallel 
A 3 4 ? anti-parallel 
A 4 5 ? anti-parallel 
A 5 6 ? anti-parallel 
B 1 2 ? anti-parallel 
B 2 3 ? anti-parallel 
B 3 4 ? anti-parallel 
B 4 5 ? anti-parallel 
B 5 6 ? anti-parallel 
C 1 2 ? anti-parallel 
C 2 3 ? anti-parallel 
C 3 4 ? anti-parallel 
C 4 5 ? anti-parallel 
# 
loop_
_struct_sheet_range.sheet_id 
_struct_sheet_range.id 
_struct_sheet_range.beg_label_comp_id 
_struct_sheet_range.beg_label_asym_id 
_struct_sheet_range.beg_label_seq_id 
_struct_sheet_range.pdbx_beg_PDB_ins_code 
_struct_sheet_range.end_label_comp_id 
_struct_sheet_range.end_label_asym_id 
_struct_sheet_range.end_label_seq_id 
_struct_sheet_range.pdbx_end_PDB_ins_code 
_struct_sheet_range.beg_auth_comp_id 
_struct_sheet_range.beg_auth_asym_id 
_struct_sheet_range.beg_auth_seq_id 
_struct_sheet_range.end_auth_comp_id 
_struct_sheet_range.end_auth_asym_id 
_struct_sheet_range.end_auth_seq_id 
A 1 ALA A 4   ? LYS A 12  ? ALA A 4   LYS A 12  
A 2 ALA A 117 ? GLY A 125 ? ALA A 117 GLY A 125 
A 3 ARG A 29  ? SER A 37  ? ARG A 29  SER A 37  
A 4 SER A 40  ? ARG A 48  ? SER A 40  ARG A 48  
A 5 VAL A 57  ? VAL A 64  ? VAL A 57  VAL A 64  
A 6 GLY A 68  ? TRP A 69  ? GLY A 68  TRP A 69  
B 1 ALA A 4   ? LYS A 12  ? ALA A 4   LYS A 12  
B 2 ALA A 117 ? GLY A 125 ? ALA A 117 GLY A 125 
B 3 ARG A 29  ? SER A 37  ? ARG A 29  SER A 37  
B 4 SER A 40  ? ARG A 48  ? SER A 40  ARG A 48  
B 5 VAL A 57  ? VAL A 64  ? VAL A 57  VAL A 64  
B 6 GLU A 73  ? SER A 75  ? GLU A 73  SER A 75  
C 1 THR A 106 ? PRO A 110 ? THR A 106 PRO A 110 
C 2 THR A 96  ? GLN A 100 ? THR A 96  GLN A 100 
C 3 HIS A 85  ? PHE A 92  ? HIS A 85  PHE A 92  
C 4 LEU A 17  ? VAL A 23  ? LEU A 17  VAL A 23  
C 5 ALA A 127 ? LEU A 134 ? ALA A 127 LEU A 134 
# 
loop_
_pdbx_struct_sheet_hbond.sheet_id 
_pdbx_struct_sheet_hbond.range_id_1 
_pdbx_struct_sheet_hbond.range_id_2 
_pdbx_struct_sheet_hbond.range_1_label_atom_id 
_pdbx_struct_sheet_hbond.range_1_label_comp_id 
_pdbx_struct_sheet_hbond.range_1_label_asym_id 
_pdbx_struct_sheet_hbond.range_1_label_seq_id 
_pdbx_struct_sheet_hbond.range_1_PDB_ins_code 
_pdbx_struct_sheet_hbond.range_1_auth_atom_id 
_pdbx_struct_sheet_hbond.range_1_auth_comp_id 
_pdbx_struct_sheet_hbond.range_1_auth_asym_id 
_pdbx_struct_sheet_hbond.range_1_auth_seq_id 
_pdbx_struct_sheet_hbond.range_2_label_atom_id 
_pdbx_struct_sheet_hbond.range_2_label_comp_id 
_pdbx_struct_sheet_hbond.range_2_label_asym_id 
_pdbx_struct_sheet_hbond.range_2_label_seq_id 
_pdbx_struct_sheet_hbond.range_2_PDB_ins_code 
_pdbx_struct_sheet_hbond.range_2_auth_atom_id 
_pdbx_struct_sheet_hbond.range_2_auth_comp_id 
_pdbx_struct_sheet_hbond.range_2_auth_asym_id 
_pdbx_struct_sheet_hbond.range_2_auth_seq_id 
A 1 2 N ASN A 8   ? N ASN A 8   O ASN A 119 ? O ASN A 119 
A 2 3 O LEU A 120 ? O LEU A 120 N GLY A 35  ? N GLY A 35  
A 3 4 N PHE A 30  ? N PHE A 30  O HIS A 47  ? O HIS A 47  
A 4 5 N ASP A 46  ? N ASP A 46  O VAL A 59  ? O VAL A 59  
A 5 6 N VAL A 64  ? N VAL A 64  O GLY A 68  ? O GLY A 68  
B 1 2 N ASN A 8   ? N ASN A 8   O ASN A 119 ? O ASN A 119 
B 2 3 O LEU A 120 ? O LEU A 120 N GLY A 35  ? N GLY A 35  
B 3 4 N PHE A 30  ? N PHE A 30  O HIS A 47  ? O HIS A 47  
B 4 5 N ASP A 46  ? N ASP A 46  O VAL A 59  ? O VAL A 59  
B 5 6 N LEU A 60  ? N LEU A 60  O GLU A 73  ? O GLU A 73  
C 1 2 O PHE A 109 ? O PHE A 109 N PHE A 97  ? N PHE A 97  
C 2 3 O TYR A 98  ? O TYR A 98  N THR A 91  ? N THR A 91  
C 3 4 O ILE A 90  ? O ILE A 90  N LEU A 17  ? N LEU A 17  
C 4 5 N THR A 18  ? N THR A 18  O ARG A 133 ? O ARG A 133 
# 
loop_
_pdbx_validate_rmsd_angle.id 
_pdbx_validate_rmsd_angle.PDB_model_num 
_pdbx_validate_rmsd_angle.auth_atom_id_1 
_pdbx_validate_rmsd_angle.auth_asym_id_1 
_pdbx_validate_rmsd_angle.auth_comp_id_1 
_pdbx_validate_rmsd_angle.auth_seq_id_1 
_pdbx_validate_rmsd_angle.PDB_ins_code_1 
_pdbx_validate_rmsd_angle.label_alt_id_1 
_pdbx_validate_rmsd_angle.auth_atom_id_2 
_pdbx_validate_rmsd_angle.auth_asym_id_2 
_pdbx_validate_rmsd_angle.auth_comp_id_2 
_pdbx_validate_rmsd_angle.auth_seq_id_2 
_pdbx_validate_rmsd_angle.PDB_ins_code_2 
_pdbx_validate_rmsd_angle.label_alt_id_2 
_pdbx_validate_rmsd_angle.auth_atom_id_3 
_pdbx_validate_rmsd_angle.auth_asym_id_3 
_pdbx_validate_rmsd_angle.auth_comp_id_3 
_pdbx_validate_rmsd_angle.auth_seq_id_3 
_pdbx_validate_rmsd_angle.PDB_ins_code_3 
_pdbx_validate_rmsd_angle.label_alt_id_3 
_pdbx_validate_rmsd_angle.angle_value 
_pdbx_validate_rmsd_angle.angle_target_value 
_pdbx_validate_rmsd_angle.angle_deviation 
_pdbx_validate_rmsd_angle.angle_standard_deviation 
_pdbx_validate_rmsd_angle.linker_flag 
1 1 CD  A ARG 3  ? ? NE A ARG 3  ? ? CZ  A ARG 3  ? ? 133.43 123.60 9.83  1.40 N 
2 1 NE  A ARG 3  ? ? CZ A ARG 3  ? ? NH1 A ARG 3  ? ? 126.70 120.30 6.40  0.50 N 
3 1 NE  A ARG 3  ? ? CZ A ARG 3  ? ? NH2 A ARG 3  ? ? 114.81 120.30 -5.49 0.50 N 
4 1 CD  A ARG 7  ? ? NE A ARG 7  ? ? CZ  A ARG 7  ? ? 133.47 123.60 9.87  1.40 N 
5 1 NH1 A ARG 7  ? ? CZ A ARG 7  ? ? NH2 A ARG 7  ? ? 126.98 119.40 7.58  1.10 N 
6 1 NE  A ARG 7  ? ? CZ A ARG 7  ? ? NH2 A ARG 7  ? ? 114.05 120.30 -6.25 0.50 N 
7 1 NH1 A ARG 29 ? ? CZ A ARG 29 ? ? NH2 A ARG 29 ? ? 110.95 119.40 -8.45 1.10 N 
8 1 NE  A ARG 29 ? ? CZ A ARG 29 ? ? NH1 A ARG 29 ? ? 115.90 120.30 -4.40 0.50 N 
9 1 NE  A ARG 29 ? ? CZ A ARG 29 ? ? NH2 A ARG 29 ? ? 133.14 120.30 12.84 0.50 N 
# 
loop_
_pdbx_validate_torsion.id 
_pdbx_validate_torsion.PDB_model_num 
_pdbx_validate_torsion.auth_comp_id 
_pdbx_validate_torsion.auth_asym_id 
_pdbx_validate_torsion.auth_seq_id 
_pdbx_validate_torsion.PDB_ins_code 
_pdbx_validate_torsion.label_alt_id 
_pdbx_validate_torsion.phi 
_pdbx_validate_torsion.psi 
1 1 VAL A 67 ? ? -132.52 -59.91  
2 1 GLN A 70 ? ? -95.06  -149.39 
3 1 ASP A 93 ? ? -122.35 -163.78 
# 
_pdbx_molecule_features.prd_id    PRD_900008 
_pdbx_molecule_features.name      alpha-lactose 
_pdbx_molecule_features.type      Oligosaccharide 
_pdbx_molecule_features.class     Nutrient 
_pdbx_molecule_features.details   oligosaccharide 
# 
_pdbx_molecule.instance_id   1 
_pdbx_molecule.prd_id        PRD_900008 
_pdbx_molecule.asym_id       B 
# 
_pdbx_unobs_or_zero_occ_residues.id               1 
_pdbx_unobs_or_zero_occ_residues.PDB_model_num    1 
_pdbx_unobs_or_zero_occ_residues.polymer_flag     Y 
_pdbx_unobs_or_zero_occ_residues.occupancy_flag   1 
_pdbx_unobs_or_zero_occ_residues.auth_asym_id     A 
_pdbx_unobs_or_zero_occ_residues.auth_comp_id     SER 
_pdbx_unobs_or_zero_occ_residues.auth_seq_id      1 
_pdbx_unobs_or_zero_occ_residues.PDB_ins_code     ? 
_pdbx_unobs_or_zero_occ_residues.label_asym_id    A 
_pdbx_unobs_or_zero_occ_residues.label_comp_id    SER 
_pdbx_unobs_or_zero_occ_residues.label_seq_id     1 
# 
loop_
_chem_comp_atom.comp_id 
_chem_comp_atom.atom_id 
_chem_comp_atom.type_symbol 
_chem_comp_atom.pdbx_aromatic_flag 
_chem_comp_atom.pdbx_stereo_config 
_chem_comp_atom.pdbx_ordinal 
ALA N    N N N 1   
ALA CA   C N S 2   
ALA C    C N N 3   
ALA O    O N N 4   
ALA CB   C N N 5   
ALA OXT  O N N 6   
ALA H    H N N 7   
ALA H2   H N N 8   
ALA HA   H N N 9   
ALA HB1  H N N 10  
ALA HB2  H N N 11  
ALA HB3  H N N 12  
ALA HXT  H N N 13  
ARG N    N N N 14  
ARG CA   C N S 15  
ARG C    C N N 16  
ARG O    O N N 17  
ARG CB   C N N 18  
ARG CG   C N N 19  
ARG CD   C N N 20  
ARG NE   N N N 21  
ARG CZ   C N N 22  
ARG NH1  N N N 23  
ARG NH2  N N N 24  
ARG OXT  O N N 25  
ARG H    H N N 26  
ARG H2   H N N 27  
ARG HA   H N N 28  
ARG HB2  H N N 29  
ARG HB3  H N N 30  
ARG HG2  H N N 31  
ARG HG3  H N N 32  
ARG HD2  H N N 33  
ARG HD3  H N N 34  
ARG HE   H N N 35  
ARG HH11 H N N 36  
ARG HH12 H N N 37  
ARG HH21 H N N 38  
ARG HH22 H N N 39  
ARG HXT  H N N 40  
ASN N    N N N 41  
ASN CA   C N S 42  
ASN C    C N N 43  
ASN O    O N N 44  
ASN CB   C N N 45  
ASN CG   C N N 46  
ASN OD1  O N N 47  
ASN ND2  N N N 48  
ASN OXT  O N N 49  
ASN H    H N N 50  
ASN H2   H N N 51  
ASN HA   H N N 52  
ASN HB2  H N N 53  
ASN HB3  H N N 54  
ASN HD21 H N N 55  
ASN HD22 H N N 56  
ASN HXT  H N N 57  
ASP N    N N N 58  
ASP CA   C N S 59  
ASP C    C N N 60  
ASP O    O N N 61  
ASP CB   C N N 62  
ASP CG   C N N 63  
ASP OD1  O N N 64  
ASP OD2  O N N 65  
ASP OXT  O N N 66  
ASP H    H N N 67  
ASP H2   H N N 68  
ASP HA   H N N 69  
ASP HB2  H N N 70  
ASP HB3  H N N 71  
ASP HD2  H N N 72  
ASP HXT  H N N 73  
GAL C1   C N R 74  
GAL C2   C N R 75  
GAL C3   C N S 76  
GAL C4   C N R 77  
GAL C5   C N R 78  
GAL C6   C N N 79  
GAL O1   O N N 80  
GAL O2   O N N 81  
GAL O3   O N N 82  
GAL O4   O N N 83  
GAL O5   O N N 84  
GAL O6   O N N 85  
GAL H1   H N N 86  
GAL H2   H N N 87  
GAL H3   H N N 88  
GAL H4   H N N 89  
GAL H5   H N N 90  
GAL H61  H N N 91  
GAL H62  H N N 92  
GAL HO1  H N N 93  
GAL HO2  H N N 94  
GAL HO3  H N N 95  
GAL HO4  H N N 96  
GAL HO6  H N N 97  
GLC C1   C N S 98  
GLC C2   C N R 99  
GLC C3   C N S 100 
GLC C4   C N S 101 
GLC C5   C N R 102 
GLC C6   C N N 103 
GLC O1   O N N 104 
GLC O2   O N N 105 
GLC O3   O N N 106 
GLC O4   O N N 107 
GLC O5   O N N 108 
GLC O6   O N N 109 
GLC H1   H N N 110 
GLC H2   H N N 111 
GLC H3   H N N 112 
GLC H4   H N N 113 
GLC H5   H N N 114 
GLC H61  H N N 115 
GLC H62  H N N 116 
GLC HO1  H N N 117 
GLC HO2  H N N 118 
GLC HO3  H N N 119 
GLC HO4  H N N 120 
GLC HO6  H N N 121 
GLN N    N N N 122 
GLN CA   C N S 123 
GLN C    C N N 124 
GLN O    O N N 125 
GLN CB   C N N 126 
GLN CG   C N N 127 
GLN CD   C N N 128 
GLN OE1  O N N 129 
GLN NE2  N N N 130 
GLN OXT  O N N 131 
GLN H    H N N 132 
GLN H2   H N N 133 
GLN HA   H N N 134 
GLN HB2  H N N 135 
GLN HB3  H N N 136 
GLN HG2  H N N 137 
GLN HG3  H N N 138 
GLN HE21 H N N 139 
GLN HE22 H N N 140 
GLN HXT  H N N 141 
GLU N    N N N 142 
GLU CA   C N S 143 
GLU C    C N N 144 
GLU O    O N N 145 
GLU CB   C N N 146 
GLU CG   C N N 147 
GLU CD   C N N 148 
GLU OE1  O N N 149 
GLU OE2  O N N 150 
GLU OXT  O N N 151 
GLU H    H N N 152 
GLU H2   H N N 153 
GLU HA   H N N 154 
GLU HB2  H N N 155 
GLU HB3  H N N 156 
GLU HG2  H N N 157 
GLU HG3  H N N 158 
GLU HE2  H N N 159 
GLU HXT  H N N 160 
GLY N    N N N 161 
GLY CA   C N N 162 
GLY C    C N N 163 
GLY O    O N N 164 
GLY OXT  O N N 165 
GLY H    H N N 166 
GLY H2   H N N 167 
GLY HA2  H N N 168 
GLY HA3  H N N 169 
GLY HXT  H N N 170 
HIS N    N N N 171 
HIS CA   C N S 172 
HIS C    C N N 173 
HIS O    O N N 174 
HIS CB   C N N 175 
HIS CG   C Y N 176 
HIS ND1  N Y N 177 
HIS CD2  C Y N 178 
HIS CE1  C Y N 179 
HIS NE2  N Y N 180 
HIS OXT  O N N 181 
HIS H    H N N 182 
HIS H2   H N N 183 
HIS HA   H N N 184 
HIS HB2  H N N 185 
HIS HB3  H N N 186 
HIS HD1  H N N 187 
HIS HD2  H N N 188 
HIS HE1  H N N 189 
HIS HE2  H N N 190 
HIS HXT  H N N 191 
HOH O    O N N 192 
HOH H1   H N N 193 
HOH H2   H N N 194 
ILE N    N N N 195 
ILE CA   C N S 196 
ILE C    C N N 197 
ILE O    O N N 198 
ILE CB   C N S 199 
ILE CG1  C N N 200 
ILE CG2  C N N 201 
ILE CD1  C N N 202 
ILE OXT  O N N 203 
ILE H    H N N 204 
ILE H2   H N N 205 
ILE HA   H N N 206 
ILE HB   H N N 207 
ILE HG12 H N N 208 
ILE HG13 H N N 209 
ILE HG21 H N N 210 
ILE HG22 H N N 211 
ILE HG23 H N N 212 
ILE HD11 H N N 213 
ILE HD12 H N N 214 
ILE HD13 H N N 215 
ILE HXT  H N N 216 
LEU N    N N N 217 
LEU CA   C N S 218 
LEU C    C N N 219 
LEU O    O N N 220 
LEU CB   C N N 221 
LEU CG   C N N 222 
LEU CD1  C N N 223 
LEU CD2  C N N 224 
LEU OXT  O N N 225 
LEU H    H N N 226 
LEU H2   H N N 227 
LEU HA   H N N 228 
LEU HB2  H N N 229 
LEU HB3  H N N 230 
LEU HG   H N N 231 
LEU HD11 H N N 232 
LEU HD12 H N N 233 
LEU HD13 H N N 234 
LEU HD21 H N N 235 
LEU HD22 H N N 236 
LEU HD23 H N N 237 
LEU HXT  H N N 238 
LYS N    N N N 239 
LYS CA   C N S 240 
LYS C    C N N 241 
LYS O    O N N 242 
LYS CB   C N N 243 
LYS CG   C N N 244 
LYS CD   C N N 245 
LYS CE   C N N 246 
LYS NZ   N N N 247 
LYS OXT  O N N 248 
LYS H    H N N 249 
LYS H2   H N N 250 
LYS HA   H N N 251 
LYS HB2  H N N 252 
LYS HB3  H N N 253 
LYS HG2  H N N 254 
LYS HG3  H N N 255 
LYS HD2  H N N 256 
LYS HD3  H N N 257 
LYS HE2  H N N 258 
LYS HE3  H N N 259 
LYS HZ1  H N N 260 
LYS HZ2  H N N 261 
LYS HZ3  H N N 262 
LYS HXT  H N N 263 
MES O1   O N N 264 
MES C2   C N N 265 
MES C3   C N N 266 
MES N4   N N N 267 
MES C5   C N N 268 
MES C6   C N N 269 
MES C7   C N N 270 
MES C8   C N N 271 
MES S    S N N 272 
MES O1S  O N N 273 
MES O2S  O N N 274 
MES O3S  O N N 275 
MES H21  H N N 276 
MES H22  H N N 277 
MES H31  H N N 278 
MES H32  H N N 279 
MES HN4  H N N 280 
MES H51  H N N 281 
MES H52  H N N 282 
MES H61  H N N 283 
MES H62  H N N 284 
MES H71  H N N 285 
MES H72  H N N 286 
MES H81  H N N 287 
MES H82  H N N 288 
MET N    N N N 289 
MET CA   C N S 290 
MET C    C N N 291 
MET O    O N N 292 
MET CB   C N N 293 
MET CG   C N N 294 
MET SD   S N N 295 
MET CE   C N N 296 
MET OXT  O N N 297 
MET H    H N N 298 
MET H2   H N N 299 
MET HA   H N N 300 
MET HB2  H N N 301 
MET HB3  H N N 302 
MET HG2  H N N 303 
MET HG3  H N N 304 
MET HE1  H N N 305 
MET HE2  H N N 306 
MET HE3  H N N 307 
MET HXT  H N N 308 
PHE N    N N N 309 
PHE CA   C N S 310 
PHE C    C N N 311 
PHE O    O N N 312 
PHE CB   C N N 313 
PHE CG   C Y N 314 
PHE CD1  C Y N 315 
PHE CD2  C Y N 316 
PHE CE1  C Y N 317 
PHE CE2  C Y N 318 
PHE CZ   C Y N 319 
PHE OXT  O N N 320 
PHE H    H N N 321 
PHE H2   H N N 322 
PHE HA   H N N 323 
PHE HB2  H N N 324 
PHE HB3  H N N 325 
PHE HD1  H N N 326 
PHE HD2  H N N 327 
PHE HE1  H N N 328 
PHE HE2  H N N 329 
PHE HZ   H N N 330 
PHE HXT  H N N 331 
PRO N    N N N 332 
PRO CA   C N S 333 
PRO C    C N N 334 
PRO O    O N N 335 
PRO CB   C N N 336 
PRO CG   C N N 337 
PRO CD   C N N 338 
PRO OXT  O N N 339 
PRO H    H N N 340 
PRO HA   H N N 341 
PRO HB2  H N N 342 
PRO HB3  H N N 343 
PRO HG2  H N N 344 
PRO HG3  H N N 345 
PRO HD2  H N N 346 
PRO HD3  H N N 347 
PRO HXT  H N N 348 
SER N    N N N 349 
SER CA   C N S 350 
SER C    C N N 351 
SER O    O N N 352 
SER CB   C N N 353 
SER OG   O N N 354 
SER OXT  O N N 355 
SER H    H N N 356 
SER H2   H N N 357 
SER HA   H N N 358 
SER HB2  H N N 359 
SER HB3  H N N 360 
SER HG   H N N 361 
SER HXT  H N N 362 
THR N    N N N 363 
THR CA   C N S 364 
THR C    C N N 365 
THR O    O N N 366 
THR CB   C N R 367 
THR OG1  O N N 368 
THR CG2  C N N 369 
THR OXT  O N N 370 
THR H    H N N 371 
THR H2   H N N 372 
THR HA   H N N 373 
THR HB   H N N 374 
THR HG1  H N N 375 
THR HG21 H N N 376 
THR HG22 H N N 377 
THR HG23 H N N 378 
THR HXT  H N N 379 
TRP N    N N N 380 
TRP CA   C N S 381 
TRP C    C N N 382 
TRP O    O N N 383 
TRP CB   C N N 384 
TRP CG   C Y N 385 
TRP CD1  C Y N 386 
TRP CD2  C Y N 387 
TRP NE1  N Y N 388 
TRP CE2  C Y N 389 
TRP CE3  C Y N 390 
TRP CZ2  C Y N 391 
TRP CZ3  C Y N 392 
TRP CH2  C Y N 393 
TRP OXT  O N N 394 
TRP H    H N N 395 
TRP H2   H N N 396 
TRP HA   H N N 397 
TRP HB2  H N N 398 
TRP HB3  H N N 399 
TRP HD1  H N N 400 
TRP HE1  H N N 401 
TRP HE3  H N N 402 
TRP HZ2  H N N 403 
TRP HZ3  H N N 404 
TRP HH2  H N N 405 
TRP HXT  H N N 406 
TYR N    N N N 407 
TYR CA   C N S 408 
TYR C    C N N 409 
TYR O    O N N 410 
TYR CB   C N N 411 
TYR CG   C Y N 412 
TYR CD1  C Y N 413 
TYR CD2  C Y N 414 
TYR CE1  C Y N 415 
TYR CE2  C Y N 416 
TYR CZ   C Y N 417 
TYR OH   O N N 418 
TYR OXT  O N N 419 
TYR H    H N N 420 
TYR H2   H N N 421 
TYR HA   H N N 422 
TYR HB2  H N N 423 
TYR HB3  H N N 424 
TYR HD1  H N N 425 
TYR HD2  H N N 426 
TYR HE1  H N N 427 
TYR HE2  H N N 428 
TYR HH   H N N 429 
TYR HXT  H N N 430 
VAL N    N N N 431 
VAL CA   C N S 432 
VAL C    C N N 433 
VAL O    O N N 434 
VAL CB   C N N 435 
VAL CG1  C N N 436 
VAL CG2  C N N 437 
VAL OXT  O N N 438 
VAL H    H N N 439 
VAL H2   H N N 440 
VAL HA   H N N 441 
VAL HB   H N N 442 
VAL HG11 H N N 443 
VAL HG12 H N N 444 
VAL HG13 H N N 445 
VAL HG21 H N N 446 
VAL HG22 H N N 447 
VAL HG23 H N N 448 
VAL HXT  H N N 449 
# 
loop_
_chem_comp_bond.comp_id 
_chem_comp_bond.atom_id_1 
_chem_comp_bond.atom_id_2 
_chem_comp_bond.value_order 
_chem_comp_bond.pdbx_aromatic_flag 
_chem_comp_bond.pdbx_stereo_config 
_chem_comp_bond.pdbx_ordinal 
ALA N   CA   sing N N 1   
ALA N   H    sing N N 2   
ALA N   H2   sing N N 3   
ALA CA  C    sing N N 4   
ALA CA  CB   sing N N 5   
ALA CA  HA   sing N N 6   
ALA C   O    doub N N 7   
ALA C   OXT  sing N N 8   
ALA CB  HB1  sing N N 9   
ALA CB  HB2  sing N N 10  
ALA CB  HB3  sing N N 11  
ALA OXT HXT  sing N N 12  
ARG N   CA   sing N N 13  
ARG N   H    sing N N 14  
ARG N   H2   sing N N 15  
ARG CA  C    sing N N 16  
ARG CA  CB   sing N N 17  
ARG CA  HA   sing N N 18  
ARG C   O    doub N N 19  
ARG C   OXT  sing N N 20  
ARG CB  CG   sing N N 21  
ARG CB  HB2  sing N N 22  
ARG CB  HB3  sing N N 23  
ARG CG  CD   sing N N 24  
ARG CG  HG2  sing N N 25  
ARG CG  HG3  sing N N 26  
ARG CD  NE   sing N N 27  
ARG CD  HD2  sing N N 28  
ARG CD  HD3  sing N N 29  
ARG NE  CZ   sing N N 30  
ARG NE  HE   sing N N 31  
ARG CZ  NH1  sing N N 32  
ARG CZ  NH2  doub N N 33  
ARG NH1 HH11 sing N N 34  
ARG NH1 HH12 sing N N 35  
ARG NH2 HH21 sing N N 36  
ARG NH2 HH22 sing N N 37  
ARG OXT HXT  sing N N 38  
ASN N   CA   sing N N 39  
ASN N   H    sing N N 40  
ASN N   H2   sing N N 41  
ASN CA  C    sing N N 42  
ASN CA  CB   sing N N 43  
ASN CA  HA   sing N N 44  
ASN C   O    doub N N 45  
ASN C   OXT  sing N N 46  
ASN CB  CG   sing N N 47  
ASN CB  HB2  sing N N 48  
ASN CB  HB3  sing N N 49  
ASN CG  OD1  doub N N 50  
ASN CG  ND2  sing N N 51  
ASN ND2 HD21 sing N N 52  
ASN ND2 HD22 sing N N 53  
ASN OXT HXT  sing N N 54  
ASP N   CA   sing N N 55  
ASP N   H    sing N N 56  
ASP N   H2   sing N N 57  
ASP CA  C    sing N N 58  
ASP CA  CB   sing N N 59  
ASP CA  HA   sing N N 60  
ASP C   O    doub N N 61  
ASP C   OXT  sing N N 62  
ASP CB  CG   sing N N 63  
ASP CB  HB2  sing N N 64  
ASP CB  HB3  sing N N 65  
ASP CG  OD1  doub N N 66  
ASP CG  OD2  sing N N 67  
ASP OD2 HD2  sing N N 68  
ASP OXT HXT  sing N N 69  
GAL C1  C2   sing N N 70  
GAL C1  O1   sing N N 71  
GAL C1  O5   sing N N 72  
GAL C1  H1   sing N N 73  
GAL C2  C3   sing N N 74  
GAL C2  O2   sing N N 75  
GAL C2  H2   sing N N 76  
GAL C3  C4   sing N N 77  
GAL C3  O3   sing N N 78  
GAL C3  H3   sing N N 79  
GAL C4  C5   sing N N 80  
GAL C4  O4   sing N N 81  
GAL C4  H4   sing N N 82  
GAL C5  C6   sing N N 83  
GAL C5  O5   sing N N 84  
GAL C5  H5   sing N N 85  
GAL C6  O6   sing N N 86  
GAL C6  H61  sing N N 87  
GAL C6  H62  sing N N 88  
GAL O1  HO1  sing N N 89  
GAL O2  HO2  sing N N 90  
GAL O3  HO3  sing N N 91  
GAL O4  HO4  sing N N 92  
GAL O6  HO6  sing N N 93  
GLC C1  C2   sing N N 94  
GLC C1  O1   sing N N 95  
GLC C1  O5   sing N N 96  
GLC C1  H1   sing N N 97  
GLC C2  C3   sing N N 98  
GLC C2  O2   sing N N 99  
GLC C2  H2   sing N N 100 
GLC C3  C4   sing N N 101 
GLC C3  O3   sing N N 102 
GLC C3  H3   sing N N 103 
GLC C4  C5   sing N N 104 
GLC C4  O4   sing N N 105 
GLC C4  H4   sing N N 106 
GLC C5  C6   sing N N 107 
GLC C5  O5   sing N N 108 
GLC C5  H5   sing N N 109 
GLC C6  O6   sing N N 110 
GLC C6  H61  sing N N 111 
GLC C6  H62  sing N N 112 
GLC O1  HO1  sing N N 113 
GLC O2  HO2  sing N N 114 
GLC O3  HO3  sing N N 115 
GLC O4  HO4  sing N N 116 
GLC O6  HO6  sing N N 117 
GLN N   CA   sing N N 118 
GLN N   H    sing N N 119 
GLN N   H2   sing N N 120 
GLN CA  C    sing N N 121 
GLN CA  CB   sing N N 122 
GLN CA  HA   sing N N 123 
GLN C   O    doub N N 124 
GLN C   OXT  sing N N 125 
GLN CB  CG   sing N N 126 
GLN CB  HB2  sing N N 127 
GLN CB  HB3  sing N N 128 
GLN CG  CD   sing N N 129 
GLN CG  HG2  sing N N 130 
GLN CG  HG3  sing N N 131 
GLN CD  OE1  doub N N 132 
GLN CD  NE2  sing N N 133 
GLN NE2 HE21 sing N N 134 
GLN NE2 HE22 sing N N 135 
GLN OXT HXT  sing N N 136 
GLU N   CA   sing N N 137 
GLU N   H    sing N N 138 
GLU N   H2   sing N N 139 
GLU CA  C    sing N N 140 
GLU CA  CB   sing N N 141 
GLU CA  HA   sing N N 142 
GLU C   O    doub N N 143 
GLU C   OXT  sing N N 144 
GLU CB  CG   sing N N 145 
GLU CB  HB2  sing N N 146 
GLU CB  HB3  sing N N 147 
GLU CG  CD   sing N N 148 
GLU CG  HG2  sing N N 149 
GLU CG  HG3  sing N N 150 
GLU CD  OE1  doub N N 151 
GLU CD  OE2  sing N N 152 
GLU OE2 HE2  sing N N 153 
GLU OXT HXT  sing N N 154 
GLY N   CA   sing N N 155 
GLY N   H    sing N N 156 
GLY N   H2   sing N N 157 
GLY CA  C    sing N N 158 
GLY CA  HA2  sing N N 159 
GLY CA  HA3  sing N N 160 
GLY C   O    doub N N 161 
GLY C   OXT  sing N N 162 
GLY OXT HXT  sing N N 163 
HIS N   CA   sing N N 164 
HIS N   H    sing N N 165 
HIS N   H2   sing N N 166 
HIS CA  C    sing N N 167 
HIS CA  CB   sing N N 168 
HIS CA  HA   sing N N 169 
HIS C   O    doub N N 170 
HIS C   OXT  sing N N 171 
HIS CB  CG   sing N N 172 
HIS CB  HB2  sing N N 173 
HIS CB  HB3  sing N N 174 
HIS CG  ND1  sing Y N 175 
HIS CG  CD2  doub Y N 176 
HIS ND1 CE1  doub Y N 177 
HIS ND1 HD1  sing N N 178 
HIS CD2 NE2  sing Y N 179 
HIS CD2 HD2  sing N N 180 
HIS CE1 NE2  sing Y N 181 
HIS CE1 HE1  sing N N 182 
HIS NE2 HE2  sing N N 183 
HIS OXT HXT  sing N N 184 
HOH O   H1   sing N N 185 
HOH O   H2   sing N N 186 
ILE N   CA   sing N N 187 
ILE N   H    sing N N 188 
ILE N   H2   sing N N 189 
ILE CA  C    sing N N 190 
ILE CA  CB   sing N N 191 
ILE CA  HA   sing N N 192 
ILE C   O    doub N N 193 
ILE C   OXT  sing N N 194 
ILE CB  CG1  sing N N 195 
ILE CB  CG2  sing N N 196 
ILE CB  HB   sing N N 197 
ILE CG1 CD1  sing N N 198 
ILE CG1 HG12 sing N N 199 
ILE CG1 HG13 sing N N 200 
ILE CG2 HG21 sing N N 201 
ILE CG2 HG22 sing N N 202 
ILE CG2 HG23 sing N N 203 
ILE CD1 HD11 sing N N 204 
ILE CD1 HD12 sing N N 205 
ILE CD1 HD13 sing N N 206 
ILE OXT HXT  sing N N 207 
LEU N   CA   sing N N 208 
LEU N   H    sing N N 209 
LEU N   H2   sing N N 210 
LEU CA  C    sing N N 211 
LEU CA  CB   sing N N 212 
LEU CA  HA   sing N N 213 
LEU C   O    doub N N 214 
LEU C   OXT  sing N N 215 
LEU CB  CG   sing N N 216 
LEU CB  HB2  sing N N 217 
LEU CB  HB3  sing N N 218 
LEU CG  CD1  sing N N 219 
LEU CG  CD2  sing N N 220 
LEU CG  HG   sing N N 221 
LEU CD1 HD11 sing N N 222 
LEU CD1 HD12 sing N N 223 
LEU CD1 HD13 sing N N 224 
LEU CD2 HD21 sing N N 225 
LEU CD2 HD22 sing N N 226 
LEU CD2 HD23 sing N N 227 
LEU OXT HXT  sing N N 228 
LYS N   CA   sing N N 229 
LYS N   H    sing N N 230 
LYS N   H2   sing N N 231 
LYS CA  C    sing N N 232 
LYS CA  CB   sing N N 233 
LYS CA  HA   sing N N 234 
LYS C   O    doub N N 235 
LYS C   OXT  sing N N 236 
LYS CB  CG   sing N N 237 
LYS CB  HB2  sing N N 238 
LYS CB  HB3  sing N N 239 
LYS CG  CD   sing N N 240 
LYS CG  HG2  sing N N 241 
LYS CG  HG3  sing N N 242 
LYS CD  CE   sing N N 243 
LYS CD  HD2  sing N N 244 
LYS CD  HD3  sing N N 245 
LYS CE  NZ   sing N N 246 
LYS CE  HE2  sing N N 247 
LYS CE  HE3  sing N N 248 
LYS NZ  HZ1  sing N N 249 
LYS NZ  HZ2  sing N N 250 
LYS NZ  HZ3  sing N N 251 
LYS OXT HXT  sing N N 252 
MES O1  C2   sing N N 253 
MES O1  C6   sing N N 254 
MES C2  C3   sing N N 255 
MES C2  H21  sing N N 256 
MES C2  H22  sing N N 257 
MES C3  N4   sing N N 258 
MES C3  H31  sing N N 259 
MES C3  H32  sing N N 260 
MES N4  C5   sing N N 261 
MES N4  C7   sing N N 262 
MES N4  HN4  sing N N 263 
MES C5  C6   sing N N 264 
MES C5  H51  sing N N 265 
MES C5  H52  sing N N 266 
MES C6  H61  sing N N 267 
MES C6  H62  sing N N 268 
MES C7  C8   sing N N 269 
MES C7  H71  sing N N 270 
MES C7  H72  sing N N 271 
MES C8  S    sing N N 272 
MES C8  H81  sing N N 273 
MES C8  H82  sing N N 274 
MES S   O1S  doub N N 275 
MES S   O2S  doub N N 276 
MES S   O3S  sing N N 277 
MET N   CA   sing N N 278 
MET N   H    sing N N 279 
MET N   H2   sing N N 280 
MET CA  C    sing N N 281 
MET CA  CB   sing N N 282 
MET CA  HA   sing N N 283 
MET C   O    doub N N 284 
MET C   OXT  sing N N 285 
MET CB  CG   sing N N 286 
MET CB  HB2  sing N N 287 
MET CB  HB3  sing N N 288 
MET CG  SD   sing N N 289 
MET CG  HG2  sing N N 290 
MET CG  HG3  sing N N 291 
MET SD  CE   sing N N 292 
MET CE  HE1  sing N N 293 
MET CE  HE2  sing N N 294 
MET CE  HE3  sing N N 295 
MET OXT HXT  sing N N 296 
PHE N   CA   sing N N 297 
PHE N   H    sing N N 298 
PHE N   H2   sing N N 299 
PHE CA  C    sing N N 300 
PHE CA  CB   sing N N 301 
PHE CA  HA   sing N N 302 
PHE C   O    doub N N 303 
PHE C   OXT  sing N N 304 
PHE CB  CG   sing N N 305 
PHE CB  HB2  sing N N 306 
PHE CB  HB3  sing N N 307 
PHE CG  CD1  doub Y N 308 
PHE CG  CD2  sing Y N 309 
PHE CD1 CE1  sing Y N 310 
PHE CD1 HD1  sing N N 311 
PHE CD2 CE2  doub Y N 312 
PHE CD2 HD2  sing N N 313 
PHE CE1 CZ   doub Y N 314 
PHE CE1 HE1  sing N N 315 
PHE CE2 CZ   sing Y N 316 
PHE CE2 HE2  sing N N 317 
PHE CZ  HZ   sing N N 318 
PHE OXT HXT  sing N N 319 
PRO N   CA   sing N N 320 
PRO N   CD   sing N N 321 
PRO N   H    sing N N 322 
PRO CA  C    sing N N 323 
PRO CA  CB   sing N N 324 
PRO CA  HA   sing N N 325 
PRO C   O    doub N N 326 
PRO C   OXT  sing N N 327 
PRO CB  CG   sing N N 328 
PRO CB  HB2  sing N N 329 
PRO CB  HB3  sing N N 330 
PRO CG  CD   sing N N 331 
PRO CG  HG2  sing N N 332 
PRO CG  HG3  sing N N 333 
PRO CD  HD2  sing N N 334 
PRO CD  HD3  sing N N 335 
PRO OXT HXT  sing N N 336 
SER N   CA   sing N N 337 
SER N   H    sing N N 338 
SER N   H2   sing N N 339 
SER CA  C    sing N N 340 
SER CA  CB   sing N N 341 
SER CA  HA   sing N N 342 
SER C   O    doub N N 343 
SER C   OXT  sing N N 344 
SER CB  OG   sing N N 345 
SER CB  HB2  sing N N 346 
SER CB  HB3  sing N N 347 
SER OG  HG   sing N N 348 
SER OXT HXT  sing N N 349 
THR N   CA   sing N N 350 
THR N   H    sing N N 351 
THR N   H2   sing N N 352 
THR CA  C    sing N N 353 
THR CA  CB   sing N N 354 
THR CA  HA   sing N N 355 
THR C   O    doub N N 356 
THR C   OXT  sing N N 357 
THR CB  OG1  sing N N 358 
THR CB  CG2  sing N N 359 
THR CB  HB   sing N N 360 
THR OG1 HG1  sing N N 361 
THR CG2 HG21 sing N N 362 
THR CG2 HG22 sing N N 363 
THR CG2 HG23 sing N N 364 
THR OXT HXT  sing N N 365 
TRP N   CA   sing N N 366 
TRP N   H    sing N N 367 
TRP N   H2   sing N N 368 
TRP CA  C    sing N N 369 
TRP CA  CB   sing N N 370 
TRP CA  HA   sing N N 371 
TRP C   O    doub N N 372 
TRP C   OXT  sing N N 373 
TRP CB  CG   sing N N 374 
TRP CB  HB2  sing N N 375 
TRP CB  HB3  sing N N 376 
TRP CG  CD1  doub Y N 377 
TRP CG  CD2  sing Y N 378 
TRP CD1 NE1  sing Y N 379 
TRP CD1 HD1  sing N N 380 
TRP CD2 CE2  doub Y N 381 
TRP CD2 CE3  sing Y N 382 
TRP NE1 CE2  sing Y N 383 
TRP NE1 HE1  sing N N 384 
TRP CE2 CZ2  sing Y N 385 
TRP CE3 CZ3  doub Y N 386 
TRP CE3 HE3  sing N N 387 
TRP CZ2 CH2  doub Y N 388 
TRP CZ2 HZ2  sing N N 389 
TRP CZ3 CH2  sing Y N 390 
TRP CZ3 HZ3  sing N N 391 
TRP CH2 HH2  sing N N 392 
TRP OXT HXT  sing N N 393 
TYR N   CA   sing N N 394 
TYR N   H    sing N N 395 
TYR N   H2   sing N N 396 
TYR CA  C    sing N N 397 
TYR CA  CB   sing N N 398 
TYR CA  HA   sing N N 399 
TYR C   O    doub N N 400 
TYR C   OXT  sing N N 401 
TYR CB  CG   sing N N 402 
TYR CB  HB2  sing N N 403 
TYR CB  HB3  sing N N 404 
TYR CG  CD1  doub Y N 405 
TYR CG  CD2  sing Y N 406 
TYR CD1 CE1  sing Y N 407 
TYR CD1 HD1  sing N N 408 
TYR CD2 CE2  doub Y N 409 
TYR CD2 HD2  sing N N 410 
TYR CE1 CZ   doub Y N 411 
TYR CE1 HE1  sing N N 412 
TYR CE2 CZ   sing Y N 413 
TYR CE2 HE2  sing N N 414 
TYR CZ  OH   sing N N 415 
TYR OH  HH   sing N N 416 
TYR OXT HXT  sing N N 417 
VAL N   CA   sing N N 418 
VAL N   H    sing N N 419 
VAL N   H2   sing N N 420 
VAL CA  C    sing N N 421 
VAL CA  CB   sing N N 422 
VAL CA  HA   sing N N 423 
VAL C   O    doub N N 424 
VAL C   OXT  sing N N 425 
VAL CB  CG1  sing N N 426 
VAL CB  CG2  sing N N 427 
VAL CB  HB   sing N N 428 
VAL CG1 HG11 sing N N 429 
VAL CG1 HG12 sing N N 430 
VAL CG1 HG13 sing N N 431 
VAL CG2 HG21 sing N N 432 
VAL CG2 HG22 sing N N 433 
VAL CG2 HG23 sing N N 434 
VAL OXT HXT  sing N N 435 
# 
loop_
_pdbx_entity_branch_list.entity_id 
_pdbx_entity_branch_list.comp_id 
_pdbx_entity_branch_list.num 
_pdbx_entity_branch_list.hetero 
2 GLC 1 n 
2 GAL 2 n 
# 
_atom_sites.entry_id                    1WLW 
_atom_sites.fract_transf_matrix[1][1]   -0.01549247 
_atom_sites.fract_transf_matrix[1][2]   0.00434545 
_atom_sites.fract_transf_matrix[1][3]   -0.00317183 
_atom_sites.fract_transf_matrix[2][1]   0.00291314 
_atom_sites.fract_transf_matrix[2][2]   0.01490467 
_atom_sites.fract_transf_matrix[2][3]   0.00619067 
_atom_sites.fract_transf_matrix[3][1]   0.00349867 
_atom_sites.fract_transf_matrix[3][2]   0.00408790 
_atom_sites.fract_transf_matrix[3][3]   -0.01148839 
_atom_sites.fract_transf_vector[1]      0.317171 
_atom_sites.fract_transf_vector[2]      0.335102 
_atom_sites.fract_transf_vector[3]      0.319708 
# 
loop_
_atom_type.symbol 
C 
N 
O 
S 
# 
loop_
_atom_site.group_PDB 
_atom_site.id 
_atom_site.type_symbol 
_atom_site.label_atom_id 
_atom_site.label_alt_id 
_atom_site.label_comp_id 
_atom_site.label_asym_id 
_atom_site.label_entity_id 
_atom_site.label_seq_id 
_atom_site.pdbx_PDB_ins_code 
_atom_site.Cartn_x 
_atom_site.Cartn_y 
_atom_site.Cartn_z 
_atom_site.occupancy 
_atom_site.B_iso_or_equiv 
_atom_site.pdbx_formal_charge 
_atom_site.auth_seq_id 
_atom_site.auth_comp_id 
_atom_site.auth_asym_id 
_atom_site.auth_atom_id 
_atom_site.pdbx_PDB_model_num 
ATOM   1    N N   . ASP A 1 2   ? 4.749   16.026  -4.364  1.00 36.26 ? 2   ASP A N   1 
ATOM   2    C CA  . ASP A 1 2   ? 3.503   15.300  -4.688  1.00 34.19 ? 2   ASP A CA  1 
ATOM   3    C C   . ASP A 1 2   ? 3.646   13.779  -4.558  1.00 30.83 ? 2   ASP A C   1 
ATOM   4    O O   . ASP A 1 2   ? 4.718   13.183  -4.530  1.00 29.45 ? 2   ASP A O   1 
ATOM   5    C CB  . ASP A 1 2   ? 3.008   15.556  -6.108  1.00 37.93 ? 2   ASP A CB  1 
ATOM   6    C CG  . ASP A 1 2   ? 2.661   16.981  -6.439  1.00 41.09 ? 2   ASP A CG  1 
ATOM   7    O OD1 . ASP A 1 2   ? 3.551   17.860  -6.353  1.00 43.03 ? 2   ASP A OD1 1 
ATOM   8    O OD2 . ASP A 1 2   ? 1.477   17.214  -6.793  1.00 42.16 ? 2   ASP A OD2 1 
ATOM   9    N N   . ARG A 1 3   ? 2.465   13.142  -4.558  1.00 25.59 ? 3   ARG A N   1 
ATOM   10   C CA  . ARG A 1 3   ? 2.481   11.687  -4.413  1.00 21.61 ? 3   ARG A CA  1 
ATOM   11   C C   . ARG A 1 3   ? 3.003   11.055  -5.708  1.00 16.72 ? 3   ARG A C   1 
ATOM   12   O O   . ARG A 1 3   ? 2.908   11.643  -6.784  1.00 14.30 ? 3   ARG A O   1 
ATOM   13   C CB  . ARG A 1 3   ? 1.110   11.150  -4.054  1.00 23.58 ? 3   ARG A CB  1 
ATOM   14   C CG  . ARG A 1 3   ? 0.102   11.366  -5.152  1.00 24.54 ? 3   ARG A CG  1 
ATOM   15   C CD  . ARG A 1 3   ? -1.314  11.012  -4.657  1.00 26.13 ? 3   ARG A CD  1 
ATOM   16   N NE  . ARG A 1 3   ? -2.182  11.541  -5.678  1.00 27.59 ? 3   ARG A NE  1 
ATOM   17   C CZ  . ARG A 1 3   ? -2.885  12.646  -5.783  1.00 27.75 ? 3   ARG A CZ  1 
ATOM   18   N NH1 . ARG A 1 3   ? -3.029  13.577  -4.863  1.00 26.42 ? 3   ARG A NH1 1 
ATOM   19   N NH2 . ARG A 1 3   ? -3.528  12.792  -6.942  1.00 29.19 ? 3   ARG A NH2 1 
ATOM   20   N N   . ALA A 1 4   ? 3.440   9.827   -5.541  1.00 12.59 ? 4   ALA A N   1 
ATOM   21   C CA  . ALA A 1 4   ? 3.924   9.023   -6.656  1.00 10.76 ? 4   ALA A CA  1 
ATOM   22   C C   . ALA A 1 4   ? 2.755   8.159   -7.104  1.00 10.22 ? 4   ALA A C   1 
ATOM   23   O O   . ALA A 1 4   ? 2.071   7.523   -6.288  1.00 10.32 ? 4   ALA A O   1 
ATOM   24   C CB  . ALA A 1 4   ? 5.095   8.204   -6.155  1.00 11.15 ? 4   ALA A CB  1 
ATOM   25   N N   . GLU A 1 5   ? 2.458   8.170   -8.398  1.00 8.60  ? 5   GLU A N   1 
ATOM   26   C CA  . GLU A 1 5   ? 1.294   7.348   -8.805  1.00 9.41  ? 5   GLU A CA  1 
ATOM   27   C C   . GLU A 1 5   ? 1.472   6.764   -10.188 1.00 8.53  ? 5   GLU A C   1 
ATOM   28   O O   . GLU A 1 5   ? 2.230   7.249   -11.016 1.00 7.60  ? 5   GLU A O   1 
ATOM   29   C CB  . GLU A 1 5   ? 0.036   8.205   -8.643  1.00 12.59 ? 5   GLU A CB  1 
ATOM   30   C CG  A GLU A 1 5   ? -0.223  9.311   -9.624  0.50 11.14 ? 5   GLU A CG  1 
ATOM   31   C CG  B GLU A 1 5   ? 0.194   9.551   -9.320  0.50 14.31 ? 5   GLU A CG  1 
ATOM   32   C CD  A GLU A 1 5   ? -1.142  10.422  -9.164  0.50 11.05 ? 5   GLU A CD  1 
ATOM   33   C CD  B GLU A 1 5   ? -1.016  10.454  -9.342  0.50 15.01 ? 5   GLU A CD  1 
ATOM   34   O OE1 A GLU A 1 5   ? -2.180  10.201  -8.502  0.50 10.28 ? 5   GLU A OE1 1 
ATOM   35   O OE1 B GLU A 1 5   ? -1.727  10.501  -10.366 0.50 15.07 ? 5   GLU A OE1 1 
ATOM   36   O OE2 A GLU A 1 5   ? -0.839  11.610  -9.453  0.50 8.88  ? 5   GLU A OE2 1 
ATOM   37   O OE2 B GLU A 1 5   ? -1.266  11.168  -8.347  0.50 15.29 ? 5   GLU A OE2 1 
ATOM   38   N N   . VAL A 1 6   ? 0.734   5.680   -10.397 1.00 7.14  ? 6   VAL A N   1 
ATOM   39   C CA  . VAL A 1 6   ? 0.541   5.034   -11.675 1.00 6.94  ? 6   VAL A CA  1 
ATOM   40   C C   . VAL A 1 6   ? -0.974  5.101   -11.914 1.00 7.89  ? 6   VAL A C   1 
ATOM   41   O O   . VAL A 1 6   ? -1.722  4.532   -11.117 1.00 7.08  ? 6   VAL A O   1 
ATOM   42   C CB  . VAL A 1 6   ? 1.019   3.579   -11.650 1.00 6.36  ? 6   VAL A CB  1 
ATOM   43   C CG1 . VAL A 1 6   ? 0.819   2.936   -13.026 1.00 6.09  ? 6   VAL A CG1 1 
ATOM   44   C CG2 . VAL A 1 6   ? 2.485   3.466   -11.218 1.00 5.54  ? 6   VAL A CG2 1 
ATOM   45   N N   . ARG A 1 7   ? -1.407  5.788   -12.945 1.00 7.61  ? 7   ARG A N   1 
ATOM   46   C CA  . ARG A 1 7   ? -2.816  6.019   -13.184 1.00 8.55  ? 7   ARG A CA  1 
ATOM   47   C C   . ARG A 1 7   ? -3.236  5.515   -14.560 1.00 7.47  ? 7   ARG A C   1 
ATOM   48   O O   . ARG A 1 7   ? -2.538  5.823   -15.528 1.00 6.79  ? 7   ARG A O   1 
ATOM   49   C CB  . ARG A 1 7   ? -3.166  7.501   -13.283 1.00 12.52 ? 7   ARG A CB  1 
ATOM   50   C CG  . ARG A 1 7   ? -2.943  8.369   -12.089 1.00 18.28 ? 7   ARG A CG  1 
ATOM   51   C CD  . ARG A 1 7   ? -3.826  9.636   -12.346 1.00 21.11 ? 7   ARG A CD  1 
ATOM   52   N NE  . ARG A 1 7   ? -4.101  10.154  -11.041 1.00 22.77 ? 7   ARG A NE  1 
ATOM   53   C CZ  . ARG A 1 7   ? -5.162  10.128  -10.259 1.00 22.71 ? 7   ARG A CZ  1 
ATOM   54   N NH1 . ARG A 1 7   ? -6.279  9.575   -10.711 1.00 22.26 ? 7   ARG A NH1 1 
ATOM   55   N NH2 . ARG A 1 7   ? -4.976  10.701  -9.073  1.00 20.35 ? 7   ARG A NH2 1 
ATOM   56   N N   . ASN A 1 8   ? -4.378  4.868   -14.608 1.00 7.42  ? 8   ASN A N   1 
ATOM   57   C CA  . ASN A 1 8   ? -4.975  4.452   -15.883 1.00 8.21  ? 8   ASN A CA  1 
ATOM   58   C C   . ASN A 1 8   ? -4.130  3.452   -16.632 1.00 6.99  ? 8   ASN A C   1 
ATOM   59   O O   . ASN A 1 8   ? -4.272  3.236   -17.843 1.00 7.32  ? 8   ASN A O   1 
ATOM   60   C CB  . ASN A 1 8   ? -5.316  5.701   -16.712 1.00 9.16  ? 8   ASN A CB  1 
ATOM   61   C CG  . ASN A 1 8   ? -6.424  6.537   -16.125 1.00 11.54 ? 8   ASN A CG  1 
ATOM   62   O OD1 . ASN A 1 8   ? -6.505  7.773   -16.263 1.00 14.28 ? 8   ASN A OD1 1 
ATOM   63   N ND2 . ASN A 1 8   ? -7.342  5.875   -15.436 1.00 9.23  ? 8   ASN A ND2 1 
ATOM   64   N N   . ILE A 1 9   ? -3.269  2.721   -15.932 1.00 5.88  ? 9   ILE A N   1 
ATOM   65   C CA  . ILE A 1 9   ? -2.722  1.467   -16.439 1.00 7.48  ? 9   ILE A CA  1 
ATOM   66   C C   . ILE A 1 9   ? -3.381  0.357   -15.620 1.00 8.11  ? 9   ILE A C   1 
ATOM   67   O O   . ILE A 1 9   ? -2.953  0.132   -14.489 1.00 6.04  ? 9   ILE A O   1 
ATOM   68   C CB  . ILE A 1 9   ? -1.192  1.437   -16.283 1.00 7.05  ? 9   ILE A CB  1 
ATOM   69   C CG1 . ILE A 1 9   ? -0.553  2.686   -16.913 1.00 7.31  ? 9   ILE A CG1 1 
ATOM   70   C CG2 . ILE A 1 9   ? -0.695  0.140   -16.916 1.00 7.58  ? 9   ILE A CG2 1 
ATOM   71   C CD1 . ILE A 1 9   ? 0.958   2.763   -16.812 1.00 7.63  ? 9   ILE A CD1 1 
ATOM   72   N N   . PRO A 1 10  ? -4.429  -0.244  -16.147 1.00 7.15  ? 10  PRO A N   1 
ATOM   73   C CA  . PRO A 1 10  ? -5.223  -1.170  -15.341 1.00 7.05  ? 10  PRO A CA  1 
ATOM   74   C C   . PRO A 1 10  ? -4.380  -2.237  -14.671 1.00 6.63  ? 10  PRO A C   1 
ATOM   75   O O   . PRO A 1 10  ? -3.671  -2.993  -15.316 1.00 5.94  ? 10  PRO A O   1 
ATOM   76   C CB  . PRO A 1 10  ? -6.229  -1.762  -16.332 1.00 6.54  ? 10  PRO A CB  1 
ATOM   77   C CG  . PRO A 1 10  ? -6.366  -0.650  -17.355 1.00 7.41  ? 10  PRO A CG  1 
ATOM   78   C CD  . PRO A 1 10  ? -4.947  -0.155  -17.532 1.00 6.07  ? 10  PRO A CD  1 
ATOM   79   N N   . PHE A 1 11  ? -4.579  -2.331  -13.346 1.00 6.08  ? 11  PHE A N   1 
ATOM   80   C CA  . PHE A 1 11  ? -3.969  -3.395  -12.558 1.00 6.45  ? 11  PHE A CA  1 
ATOM   81   C C   . PHE A 1 11  ? -5.027  -4.490  -12.439 1.00 6.75  ? 11  PHE A C   1 
ATOM   82   O O   . PHE A 1 11  ? -5.977  -4.293  -11.683 1.00 7.34  ? 11  PHE A O   1 
ATOM   83   C CB  . PHE A 1 11  ? -3.548  -2.812  -11.199 1.00 4.86  ? 11  PHE A CB  1 
ATOM   84   C CG  . PHE A 1 11  ? -2.969  -3.803  -10.218 1.00 5.04  ? 11  PHE A CG  1 
ATOM   85   C CD1 . PHE A 1 11  ? -2.405  -4.989  -10.630 1.00 4.81  ? 11  PHE A CD1 1 
ATOM   86   C CD2 . PHE A 1 11  ? -2.972  -3.485  -8.868  1.00 5.24  ? 11  PHE A CD2 1 
ATOM   87   C CE1 . PHE A 1 11  ? -1.874  -5.874  -9.712  1.00 5.76  ? 11  PHE A CE1 1 
ATOM   88   C CE2 . PHE A 1 11  ? -2.447  -4.371  -7.934  1.00 6.39  ? 11  PHE A CE2 1 
ATOM   89   C CZ  . PHE A 1 11  ? -1.893  -5.552  -8.375  1.00 6.23  ? 11  PHE A CZ  1 
ATOM   90   N N   . LYS A 1 12  ? -4.894  -5.527  -13.255 1.00 5.98  ? 12  LYS A N   1 
ATOM   91   C CA  . LYS A 1 12  ? -5.992  -6.471  -13.463 1.00 8.11  ? 12  LYS A CA  1 
ATOM   92   C C   . LYS A 1 12  ? -5.684  -7.782  -12.748 1.00 8.72  ? 12  LYS A C   1 
ATOM   93   O O   . LYS A 1 12  ? -4.560  -8.021  -12.373 1.00 7.21  ? 12  LYS A O   1 
ATOM   94   C CB  . LYS A 1 12  ? -6.130  -6.821  -14.956 1.00 8.64  ? 12  LYS A CB  1 
ATOM   95   C CG  . LYS A 1 12  ? -6.463  -5.600  -15.802 1.00 10.71 ? 12  LYS A CG  1 
ATOM   96   C CD  . LYS A 1 12  ? -6.435  -5.975  -17.275 1.00 13.17 ? 12  LYS A CD  1 
ATOM   97   C CE  . LYS A 1 12  ? -7.529  -6.982  -17.630 1.00 16.84 ? 12  LYS A CE  1 
ATOM   98   N NZ  . LYS A 1 12  ? -7.372  -7.362  -19.082 1.00 18.51 ? 12  LYS A NZ  1 
ATOM   99   N N   . LEU A 1 13  ? -6.694  -8.585  -12.492 1.00 9.71  ? 13  LEU A N   1 
ATOM   100  C CA  . LEU A 1 13  ? -6.538  -9.959  -12.057 1.00 12.67 ? 13  LEU A CA  1 
ATOM   101  C C   . LEU A 1 13  ? -5.426  -10.705 -12.772 1.00 12.42 ? 13  LEU A C   1 
ATOM   102  O O   . LEU A 1 13  ? -5.462  -10.706 -14.001 1.00 12.23 ? 13  LEU A O   1 
ATOM   103  C CB  . LEU A 1 13  ? -7.851  -10.675 -12.473 1.00 14.67 ? 13  LEU A CB  1 
ATOM   104  C CG  . LEU A 1 13  ? -9.041  -10.400 -11.570 1.00 16.30 ? 13  LEU A CG  1 
ATOM   105  C CD1 . LEU A 1 13  ? -10.328 -11.030 -12.101 1.00 16.08 ? 13  LEU A CD1 1 
ATOM   106  C CD2 . LEU A 1 13  ? -8.762  -10.963 -10.184 1.00 15.93 ? 13  LEU A CD2 1 
ATOM   107  N N   . GLY A 1 14  ? -4.475  -11.284 -12.032 1.00 14.46 ? 14  GLY A N   1 
ATOM   108  C CA  . GLY A 1 14  ? -3.478  -12.112 -12.714 1.00 14.81 ? 14  GLY A CA  1 
ATOM   109  C C   . GLY A 1 14  ? -2.204  -11.331 -13.021 1.00 13.65 ? 14  GLY A C   1 
ATOM   110  O O   . GLY A 1 14  ? -1.199  -11.938 -13.442 1.00 14.57 ? 14  GLY A O   1 
ATOM   111  N N   . MET A 1 15  ? -2.241  -10.021 -12.818 1.00 10.34 ? 15  MET A N   1 
ATOM   112  C CA  . MET A 1 15  ? -1.069  -9.172  -12.983 1.00 8.32  ? 15  MET A CA  1 
ATOM   113  C C   . MET A 1 15  ? -0.350  -8.993  -11.656 1.00 7.72  ? 15  MET A C   1 
ATOM   114  O O   . MET A 1 15  ? -0.934  -9.286  -10.610 1.00 7.72  ? 15  MET A O   1 
ATOM   115  C CB  . MET A 1 15  ? -1.508  -7.787  -13.478 1.00 7.43  ? 15  MET A CB  1 
ATOM   116  C CG  . MET A 1 15  ? -1.884  -7.776  -14.959 1.00 7.39  ? 15  MET A CG  1 
ATOM   117  S SD  . MET A 1 15  ? -2.502  -6.156  -15.468 1.00 4.45  ? 15  MET A SD  1 
ATOM   118  C CE  . MET A 1 15  ? -0.945  -5.217  -15.413 1.00 6.01  ? 15  MET A CE  1 
ATOM   119  N N   . SER A 1 16  ? 0.895   -8.545  -11.693 1.00 7.45  ? 16  SER A N   1 
ATOM   120  C CA  . SER A 1 16  ? 1.601   -8.336  -10.409 1.00 7.98  ? 16  SER A CA  1 
ATOM   121  C C   . SER A 1 16  ? 2.127   -6.910  -10.410 1.00 8.20  ? 16  SER A C   1 
ATOM   122  O O   . SER A 1 16  ? 2.494   -6.348  -11.450 1.00 8.18  ? 16  SER A O   1 
ATOM   123  C CB  . SER A 1 16  ? 2.664   -9.427  -10.294 1.00 9.45  ? 16  SER A CB  1 
ATOM   124  O OG  A SER A 1 16  ? 3.728   -9.154  -9.441  0.50 6.07  ? 16  SER A OG  1 
ATOM   125  O OG  B SER A 1 16  ? 3.760   -9.103  -11.116 0.50 10.26 ? 16  SER A OG  1 
ATOM   126  N N   . LEU A 1 17  ? 2.125   -6.316  -9.240  1.00 6.41  ? 17  LEU A N   1 
ATOM   127  C CA  . LEU A 1 17  ? 2.609   -4.965  -9.002  1.00 7.72  ? 17  LEU A CA  1 
ATOM   128  C C   . LEU A 1 17  ? 3.797   -5.055  -8.049  1.00 7.96  ? 17  LEU A C   1 
ATOM   129  O O   . LEU A 1 17  ? 3.624   -5.522  -6.920  1.00 8.55  ? 17  LEU A O   1 
ATOM   130  C CB  . LEU A 1 17  ? 1.504   -4.099  -8.367  1.00 6.71  ? 17  LEU A CB  1 
ATOM   131  C CG  . LEU A 1 17  ? 1.942   -2.695  -7.887  1.00 7.29  ? 17  LEU A CG  1 
ATOM   132  C CD1 . LEU A 1 17  ? 2.437   -1.847  -9.047  1.00 6.83  ? 17  LEU A CD1 1 
ATOM   133  C CD2 . LEU A 1 17  ? 0.814   -2.004  -7.140  1.00 7.67  ? 17  LEU A CD2 1 
ATOM   134  N N   . THR A 1 18  ? 4.954   -4.551  -8.463  1.00 6.77  ? 18  THR A N   1 
ATOM   135  C CA  . THR A 1 18  ? 6.090   -4.485  -7.538  1.00 6.05  ? 18  THR A CA  1 
ATOM   136  C C   . THR A 1 18  ? 6.524   -3.027  -7.481  1.00 6.44  ? 18  THR A C   1 
ATOM   137  O O   . THR A 1 18  ? 6.686   -2.432  -8.555  1.00 6.27  ? 18  THR A O   1 
ATOM   138  C CB  . THR A 1 18  ? 7.267   -5.347  -8.023  1.00 7.86  ? 18  THR A CB  1 
ATOM   139  O OG1 . THR A 1 18  ? 6.857   -6.719  -8.034  1.00 8.46  ? 18  THR A OG1 1 
ATOM   140  C CG2 . THR A 1 18  ? 8.452   -5.184  -7.075  1.00 7.56  ? 18  THR A CG2 1 
ATOM   141  N N   . VAL A 1 19  ? 6.596   -2.456  -6.277  1.00 6.91  ? 19  VAL A N   1 
ATOM   142  C CA  . VAL A 1 19  ? 7.122   -1.087  -6.199  1.00 8.35  ? 19  VAL A CA  1 
ATOM   143  C C   . VAL A 1 19  ? 8.380   -1.149  -5.323  1.00 9.64  ? 19  VAL A C   1 
ATOM   144  O O   . VAL A 1 19  ? 8.414   -1.965  -4.405  1.00 10.69 ? 19  VAL A O   1 
ATOM   145  C CB  . VAL A 1 19  ? 6.093   -0.113  -5.619  1.00 9.82  ? 19  VAL A CB  1 
ATOM   146  C CG1 . VAL A 1 19  ? 4.945   0.135   -6.597  1.00 9.93  ? 19  VAL A CG1 1 
ATOM   147  C CG2 . VAL A 1 19  ? 5.487   -0.670  -4.322  1.00 9.08  ? 19  VAL A CG2 1 
ATOM   148  N N   . GLY A 1 20  ? 9.364   -0.328  -5.642  1.00 7.98  ? 20  GLY A N   1 
ATOM   149  C CA  . GLY A 1 20  ? 10.497  -0.144  -4.731  1.00 7.39  ? 20  GLY A CA  1 
ATOM   150  C C   . GLY A 1 20  ? 10.496  1.318   -4.310  1.00 7.02  ? 20  GLY A C   1 
ATOM   151  O O   . GLY A 1 20  ? 10.036  2.171   -5.078  1.00 5.49  ? 20  GLY A O   1 
ATOM   152  N N   . GLY A 1 21  ? 11.065  1.563   -3.113  1.00 6.60  ? 21  GLY A N   1 
ATOM   153  C CA  . GLY A 1 21  ? 11.156  2.991   -2.748  1.00 7.21  ? 21  GLY A CA  1 
ATOM   154  C C   . GLY A 1 21  ? 12.163  3.074   -1.592  1.00 7.22  ? 21  GLY A C   1 
ATOM   155  O O   . GLY A 1 21  ? 12.870  2.125   -1.243  1.00 7.31  ? 21  GLY A O   1 
ATOM   156  N N   . VAL A 1 22  ? 12.150  4.259   -0.997  1.00 7.15  ? 22  VAL A N   1 
ATOM   157  C CA  . VAL A 1 22  ? 13.027  4.574   0.133   1.00 6.72  ? 22  VAL A CA  1 
ATOM   158  C C   . VAL A 1 22  ? 12.157  5.318   1.159   1.00 6.44  ? 22  VAL A C   1 
ATOM   159  O O   . VAL A 1 22  ? 11.441  6.270   0.832   1.00 5.05  ? 22  VAL A O   1 
ATOM   160  C CB  . VAL A 1 22  ? 14.198  5.496   -0.226  1.00 8.68  ? 22  VAL A CB  1 
ATOM   161  C CG1 . VAL A 1 22  ? 15.088  5.837   0.985   1.00 8.13  ? 22  VAL A CG1 1 
ATOM   162  C CG2 . VAL A 1 22  ? 15.085  4.906   -1.304  1.00 8.74  ? 22  VAL A CG2 1 
ATOM   163  N N   . VAL A 1 23  ? 12.265  4.896   2.395   1.00 5.74  ? 23  VAL A N   1 
ATOM   164  C CA  . VAL A 1 23  ? 11.588  5.570   3.498   1.00 6.05  ? 23  VAL A CA  1 
ATOM   165  C C   . VAL A 1 23  ? 12.350  6.835   3.904   1.00 6.89  ? 23  VAL A C   1 
ATOM   166  O O   . VAL A 1 23  ? 13.576  6.784   4.047   1.00 6.32  ? 23  VAL A O   1 
ATOM   167  C CB  . VAL A 1 23  ? 11.499  4.621   4.707   1.00 5.01  ? 23  VAL A CB  1 
ATOM   168  C CG1 . VAL A 1 23  ? 10.714  5.278   5.842   1.00 5.88  ? 23  VAL A CG1 1 
ATOM   169  C CG2 . VAL A 1 23  ? 10.830  3.323   4.252   1.00 6.22  ? 23  VAL A CG2 1 
ATOM   170  N N   . ASN A 1 24  ? 11.624  7.927   4.113   1.00 6.86  ? 24  ASN A N   1 
ATOM   171  C CA  . ASN A 1 24  ? 12.254  9.154   4.589   1.00 8.29  ? 24  ASN A CA  1 
ATOM   172  C C   . ASN A 1 24  ? 12.964  8.938   5.923   1.00 7.89  ? 24  ASN A C   1 
ATOM   173  O O   . ASN A 1 24  ? 12.480  8.177   6.753   1.00 7.22  ? 24  ASN A O   1 
ATOM   174  C CB  . ASN A 1 24  ? 11.265  10.312  4.808   1.00 8.59  ? 24  ASN A CB  1 
ATOM   175  C CG  . ASN A 1 24  ? 10.693  10.932  3.559   1.00 10.66 ? 24  ASN A CG  1 
ATOM   176  O OD1 . ASN A 1 24  ? 9.845   11.840  3.658   1.00 12.44 ? 24  ASN A OD1 1 
ATOM   177  N ND2 . ASN A 1 24  ? 11.043  10.452  2.385   1.00 6.03  ? 24  ASN A ND2 1 
ATOM   178  N N   A SER A 1 25  ? 14.035  9.679   6.207   0.50 7.97  ? 25  SER A N   1 
ATOM   179  N N   B SER A 1 25  ? 14.111  9.602   6.087   0.50 9.77  ? 25  SER A N   1 
ATOM   180  C CA  A SER A 1 25  ? 14.850  9.480   7.394   0.50 7.24  ? 25  SER A CA  1 
ATOM   181  C CA  B SER A 1 25  ? 14.613  9.779   7.454   0.50 10.78 ? 25  SER A CA  1 
ATOM   182  C C   A SER A 1 25  ? 14.089  9.634   8.711   0.50 6.19  ? 25  SER A C   1 
ATOM   183  C C   B SER A 1 25  ? 13.534  10.564  8.189   0.50 11.09 ? 25  SER A C   1 
ATOM   184  O O   A SER A 1 25  ? 14.399  8.994   9.714   0.50 5.06  ? 25  SER A O   1 
ATOM   185  O O   B SER A 1 25  ? 12.859  11.446  7.617   0.50 11.28 ? 25  SER A O   1 
ATOM   186  C CB  A SER A 1 25  ? 15.982  10.532  7.479   0.50 8.96  ? 25  SER A CB  1 
ATOM   187  C CB  B SER A 1 25  ? 15.949  10.520  7.486   0.50 11.43 ? 25  SER A CB  1 
ATOM   188  O OG  A SER A 1 25  ? 16.730  10.530  6.289   0.50 9.52  ? 25  SER A OG  1 
ATOM   189  O OG  B SER A 1 25  ? 16.878  9.840   6.660   0.50 10.47 ? 25  SER A OG  1 
ATOM   190  N N   A ASN A 1 26  ? 13.213  10.624  8.754   0.50 5.01  ? 26  ASN A N   1 
ATOM   191  N N   B ASN A 1 26  ? 13.235  10.157  9.408   0.50 11.64 ? 26  ASN A N   1 
ATOM   192  C CA  A ASN A 1 26  ? 12.417  10.990  9.897   0.50 5.77  ? 26  ASN A CA  1 
ATOM   193  C CA  B ASN A 1 26  ? 12.290  10.859  10.259  0.50 11.72 ? 26  ASN A CA  1 
ATOM   194  C C   A ASN A 1 26  ? 10.919  10.782  9.627   0.50 5.70  ? 26  ASN A C   1 
ATOM   195  C C   B ASN A 1 26  ? 10.843  10.664  9.803   0.50 9.34  ? 26  ASN A C   1 
ATOM   196  O O   A ASN A 1 26  ? 10.084  11.523  10.130  0.50 5.52  ? 26  ASN A O   1 
ATOM   197  O O   B ASN A 1 26  ? 9.951   11.292  10.380  0.50 8.73  ? 26  ASN A O   1 
ATOM   198  C CB  A ASN A 1 26  ? 12.675  12.447  10.308  0.50 5.11  ? 26  ASN A CB  1 
ATOM   199  C CB  B ASN A 1 26  ? 12.651  12.351  10.305  0.50 13.23 ? 26  ASN A CB  1 
ATOM   200  C CG  A ASN A 1 26  ? 14.079  12.629  10.866  0.50 5.35  ? 26  ASN A CG  1 
ATOM   201  C CG  B ASN A 1 26  ? 14.094  12.613  10.682  0.50 15.19 ? 26  ASN A CG  1 
ATOM   202  O OD1 A ASN A 1 26  ? 14.526  11.804  11.666  0.50 2.72  ? 26  ASN A OD1 1 
ATOM   203  O OD1 B ASN A 1 26  ? 14.973  12.884  9.854   0.50 16.29 ? 26  ASN A OD1 1 
ATOM   204  N ND2 A ASN A 1 26  ? 14.762  13.674  10.408  0.50 6.00  ? 26  ASN A ND2 1 
ATOM   205  N ND2 B ASN A 1 26  ? 14.399  12.538  11.972  0.50 14.66 ? 26  ASN A ND2 1 
ATOM   206  N N   . ALA A 1 27  ? 10.605  9.739   8.869   1.00 7.70  ? 27  ALA A N   1 
ATOM   207  C CA  . ALA A 1 27  ? 9.234   9.425   8.472   1.00 6.29  ? 27  ALA A CA  1 
ATOM   208  C C   . ALA A 1 27  ? 8.300   9.167   9.652   1.00 5.79  ? 27  ALA A C   1 
ATOM   209  O O   . ALA A 1 27  ? 8.659   8.432   10.570  1.00 6.03  ? 27  ALA A O   1 
ATOM   210  C CB  . ALA A 1 27  ? 9.238   8.161   7.609   1.00 4.82  ? 27  ALA A CB  1 
ATOM   211  N N   . THR A 1 28  ? 7.097   9.747   9.567   1.00 7.42  ? 28  THR A N   1 
ATOM   212  C CA  . THR A 1 28  ? 6.013   9.346   10.462  1.00 6.99  ? 28  THR A CA  1 
ATOM   213  C C   . THR A 1 28  ? 5.297   8.114   9.913   1.00 7.64  ? 28  THR A C   1 
ATOM   214  O O   . THR A 1 28  ? 5.108   7.112   10.591  1.00 7.17  ? 28  THR A O   1 
ATOM   215  C CB  . THR A 1 28  ? 4.977   10.472  10.659  1.00 8.72  ? 28  THR A CB  1 
ATOM   216  O OG1 . THR A 1 28  ? 4.426   10.871  9.388   1.00 8.84  ? 28  THR A OG1 1 
ATOM   217  C CG2 . THR A 1 28  ? 5.632   11.687  11.305  1.00 10.58 ? 28  THR A CG2 1 
ATOM   218  N N   . ARG A 1 29  ? 4.853   8.198   8.661   1.00 5.87  ? 29  ARG A N   1 
ATOM   219  C CA  . ARG A 1 29  ? 4.136   7.103   8.026   1.00 6.60  ? 29  ARG A CA  1 
ATOM   220  C C   . ARG A 1 29  ? 4.086   7.373   6.513   1.00 6.22  ? 29  ARG A C   1 
ATOM   221  O O   . ARG A 1 29  ? 4.180   8.529   6.111   1.00 6.20  ? 29  ARG A O   1 
ATOM   222  C CB  . ARG A 1 29  ? 2.683   6.962   8.522   1.00 7.40  ? 29  ARG A CB  1 
ATOM   223  C CG  . ARG A 1 29  ? 1.950   8.302   8.487   1.00 9.91  ? 29  ARG A CG  1 
ATOM   224  C CD  . ARG A 1 29  ? 0.672   8.270   9.294   1.00 12.69 ? 29  ARG A CD  1 
ATOM   225  N NE  . ARG A 1 29  ? -0.416  7.681   8.604   1.00 14.25 ? 29  ARG A NE  1 
ATOM   226  C CZ  . ARG A 1 29  ? -1.522  8.301   8.059   1.00 15.01 ? 29  ARG A CZ  1 
ATOM   227  N NH1 . ARG A 1 29  ? -2.461  7.478   7.526   1.00 14.03 ? 29  ARG A NH1 1 
ATOM   228  N NH2 . ARG A 1 29  ? -1.889  9.617   7.924   1.00 14.98 ? 29  ARG A NH2 1 
ATOM   229  N N   . PHE A 1 30  ? 3.963   6.304   5.757   1.00 7.79  ? 30  PHE A N   1 
ATOM   230  C CA  . PHE A 1 30  ? 3.711   6.420   4.321   1.00 6.59  ? 30  PHE A CA  1 
ATOM   231  C C   . PHE A 1 30  ? 2.781   5.262   3.917   1.00 7.35  ? 30  PHE A C   1 
ATOM   232  O O   . PHE A 1 30  ? 2.737   4.206   4.571   1.00 5.91  ? 30  PHE A O   1 
ATOM   233  C CB  . PHE A 1 30  ? 5.011   6.365   3.520   1.00 5.97  ? 30  PHE A CB  1 
ATOM   234  C CG  . PHE A 1 30  ? 5.619   4.996   3.380   1.00 6.63  ? 30  PHE A CG  1 
ATOM   235  C CD1 . PHE A 1 30  ? 6.510   4.518   4.320   1.00 6.66  ? 30  PHE A CD1 1 
ATOM   236  C CD2 . PHE A 1 30  ? 5.316   4.185   2.281   1.00 7.02  ? 30  PHE A CD2 1 
ATOM   237  C CE1 . PHE A 1 30  ? 7.082   3.252   4.207   1.00 7.47  ? 30  PHE A CE1 1 
ATOM   238  C CE2 . PHE A 1 30  ? 5.890   2.932   2.161   1.00 6.59  ? 30  PHE A CE2 1 
ATOM   239  C CZ  . PHE A 1 30  ? 6.746   2.457   3.125   1.00 5.99  ? 30  PHE A CZ  1 
ATOM   240  N N   . SER A 1 31  ? 2.022   5.466   2.843   1.00 5.42  ? 31  SER A N   1 
ATOM   241  C CA  . SER A 1 31  ? 1.092   4.381   2.467   1.00 5.32  ? 31  SER A CA  1 
ATOM   242  C C   . SER A 1 31  ? 1.249   4.012   0.999   1.00 5.29  ? 31  SER A C   1 
ATOM   243  O O   . SER A 1 31  ? 1.671   4.841   0.210   1.00 4.90  ? 31  SER A O   1 
ATOM   244  C CB  . SER A 1 31  ? -0.354  4.789   2.754   1.00 5.93  ? 31  SER A CB  1 
ATOM   245  O OG  . SER A 1 31  ? -0.724  5.910   1.961   1.00 5.52  ? 31  SER A OG  1 
ATOM   246  N N   . ILE A 1 32  ? 0.909   2.773   0.697   1.00 4.99  ? 32  ILE A N   1 
ATOM   247  C CA  . ILE A 1 32  ? 0.771   2.295   -0.677  1.00 5.20  ? 32  ILE A CA  1 
ATOM   248  C C   . ILE A 1 32  ? -0.714  1.983   -0.891  1.00 6.76  ? 32  ILE A C   1 
ATOM   249  O O   . ILE A 1 32  ? -1.359  1.339   -0.041  1.00 5.95  ? 32  ILE A O   1 
ATOM   250  C CB  . ILE A 1 32  ? 1.603   1.020   -0.879  1.00 4.85  ? 32  ILE A CB  1 
ATOM   251  C CG1 . ILE A 1 32  ? 3.099   1.338   -0.798  1.00 6.03  ? 32  ILE A CG1 1 
ATOM   252  C CG2 . ILE A 1 32  ? 1.295   0.349   -2.229  1.00 5.98  ? 32  ILE A CG2 1 
ATOM   253  C CD1 . ILE A 1 32  ? 4.018   0.128   -0.729  1.00 8.09  ? 32  ILE A CD1 1 
ATOM   254  N N   . ASN A 1 33  ? -1.249  2.519   -1.985  1.00 5.76  ? 33  ASN A N   1 
ATOM   255  C CA  . ASN A 1 33  ? -2.703  2.533   -2.178  1.00 6.79  ? 33  ASN A CA  1 
ATOM   256  C C   . ASN A 1 33  ? -3.067  1.999   -3.560  1.00 6.44  ? 33  ASN A C   1 
ATOM   257  O O   . ASN A 1 33  ? -2.441  2.369   -4.541  1.00 5.68  ? 33  ASN A O   1 
ATOM   258  C CB  . ASN A 1 33  ? -3.212  3.970   -2.063  1.00 5.82  ? 33  ASN A CB  1 
ATOM   259  C CG  . ASN A 1 33  ? -2.893  4.576   -0.707  1.00 7.53  ? 33  ASN A CG  1 
ATOM   260  O OD1 . ASN A 1 33  ? -3.619  4.316   0.244   1.00 6.81  ? 33  ASN A OD1 1 
ATOM   261  N ND2 . ASN A 1 33  ? -1.801  5.331   -0.611  1.00 6.30  ? 33  ASN A ND2 1 
ATOM   262  N N   . VAL A 1 34  ? -4.066  1.152   -3.651  1.00 4.67  ? 34  VAL A N   1 
ATOM   263  C CA  . VAL A 1 34  ? -4.546  0.551   -4.879  1.00 6.29  ? 34  VAL A CA  1 
ATOM   264  C C   . VAL A 1 34  ? -6.065  0.807   -4.926  1.00 5.84  ? 34  VAL A C   1 
ATOM   265  O O   . VAL A 1 34  ? -6.776  0.427   -4.012  1.00 6.21  ? 34  VAL A O   1 
ATOM   266  C CB  . VAL A 1 34  ? -4.246  -0.962  -4.971  1.00 5.98  ? 34  VAL A CB  1 
ATOM   267  C CG1 . VAL A 1 34  ? -4.920  -1.626  -6.180  1.00 6.30  ? 34  VAL A CG1 1 
ATOM   268  C CG2 . VAL A 1 34  ? -2.742  -1.239  -5.038  1.00 6.02  ? 34  VAL A CG2 1 
ATOM   269  N N   . GLY A 1 35  ? -6.532  1.485   -5.964  1.00 5.85  ? 35  GLY A N   1 
ATOM   270  C CA  . GLY A 1 35  ? -7.977  1.783   -6.015  1.00 6.77  ? 35  GLY A CA  1 
ATOM   271  C C   . GLY A 1 35  ? -8.307  2.566   -7.280  1.00 6.42  ? 35  GLY A C   1 
ATOM   272  O O   . GLY A 1 35  ? -7.819  2.203   -8.340  1.00 5.89  ? 35  GLY A O   1 
ATOM   273  N N   . GLU A 1 36  ? -9.146  3.574   -7.084  1.00 7.39  ? 36  GLU A N   1 
ATOM   274  C CA  . GLU A 1 36  ? -9.598  4.394   -8.201  1.00 10.10 ? 36  GLU A CA  1 
ATOM   275  C C   . GLU A 1 36  ? -9.306  5.869   -8.033  1.00 10.09 ? 36  GLU A C   1 
ATOM   276  O O   . GLU A 1 36  ? -9.175  6.594   -9.041  1.00 9.88  ? 36  GLU A O   1 
ATOM   277  C CB  . GLU A 1 36  ? -11.096 4.158   -8.375  1.00 11.14 ? 36  GLU A CB  1 
ATOM   278  C CG  . GLU A 1 36  ? -11.421 2.788   -8.955  1.00 13.27 ? 36  GLU A CG  1 
ATOM   279  C CD  . GLU A 1 36  ? -10.837 2.650   -10.362 1.00 14.77 ? 36  GLU A CD  1 
ATOM   280  O OE1 . GLU A 1 36  ? -11.008 3.639   -11.136 1.00 18.52 ? 36  GLU A OE1 1 
ATOM   281  O OE2 . GLU A 1 36  ? -10.271 1.607   -10.686 1.00 11.16 ? 36  GLU A OE2 1 
ATOM   282  N N   . SER A 1 37  ? -9.158  6.359   -6.808  1.00 9.46  ? 37  SER A N   1 
ATOM   283  C CA  . SER A 1 37  ? -8.882  7.765   -6.570  1.00 7.62  ? 37  SER A CA  1 
ATOM   284  C C   . SER A 1 37  ? -8.274  7.946   -5.186  1.00 7.94  ? 37  SER A C   1 
ATOM   285  O O   . SER A 1 37  ? -8.290  7.019   -4.405  1.00 7.64  ? 37  SER A O   1 
ATOM   286  C CB  . SER A 1 37  ? -10.168 8.611   -6.662  1.00 8.73  ? 37  SER A CB  1 
ATOM   287  O OG  . SER A 1 37  ? -10.976 8.352   -5.510  1.00 8.39  ? 37  SER A OG  1 
ATOM   288  N N   . THR A 1 38  ? -7.902  9.171   -4.847  1.00 8.85  ? 38  THR A N   1 
ATOM   289  C CA  . THR A 1 38  ? -7.464  9.463   -3.474  1.00 8.81  ? 38  THR A CA  1 
ATOM   290  C C   . THR A 1 38  ? -8.605  9.382   -2.458  1.00 8.83  ? 38  THR A C   1 
ATOM   291  O O   . THR A 1 38  ? -8.320  9.581   -1.262  1.00 8.61  ? 38  THR A O   1 
ATOM   292  C CB  . THR A 1 38  ? -6.833  10.863  -3.377  1.00 9.73  ? 38  THR A CB  1 
ATOM   293  O OG1 . THR A 1 38  ? -7.778  11.840  -3.832  1.00 9.77  ? 38  THR A OG1 1 
ATOM   294  C CG2 . THR A 1 38  ? -5.577  10.968  -4.236  1.00 9.93  ? 38  THR A CG2 1 
ATOM   295  N N   . ASP A 1 39  ? -9.838  9.259   -2.918  1.00 7.49  ? 39  ASP A N   1 
ATOM   296  C CA  . ASP A 1 39  ? -10.992 9.053   -2.045  1.00 8.33  ? 39  ASP A CA  1 
ATOM   297  C C   . ASP A 1 39  ? -11.662 7.718   -2.298  1.00 7.83  ? 39  ASP A C   1 
ATOM   298  O O   . ASP A 1 39  ? -12.778 7.506   -1.852  1.00 7.32  ? 39  ASP A O   1 
ATOM   299  C CB  . ASP A 1 39  ? -12.014 10.189  -2.288  1.00 9.54  ? 39  ASP A CB  1 
ATOM   300  C CG  . ASP A 1 39  ? -12.926 10.415  -1.095  1.00 10.95 ? 39  ASP A CG  1 
ATOM   301  O OD1 . ASP A 1 39  ? -14.149 10.603  -1.276  1.00 13.40 ? 39  ASP A OD1 1 
ATOM   302  O OD2 . ASP A 1 39  ? -12.417 10.365  0.040   1.00 10.78 ? 39  ASP A OD2 1 
ATOM   303  N N   . SER A 1 40  ? -11.048 6.798   -3.034  1.00 7.16  ? 40  SER A N   1 
ATOM   304  C CA  . SER A 1 40  ? -11.652 5.498   -3.336  1.00 6.88  ? 40  SER A CA  1 
ATOM   305  C C   . SER A 1 40  ? -10.482 4.522   -3.427  1.00 7.38  ? 40  SER A C   1 
ATOM   306  O O   . SER A 1 40  ? -9.798  4.462   -4.449  1.00 7.14  ? 40  SER A O   1 
ATOM   307  C CB  . SER A 1 40  ? -12.439 5.512   -4.654  1.00 7.49  ? 40  SER A CB  1 
ATOM   308  O OG  . SER A 1 40  ? -13.212 4.318   -4.860  1.00 7.09  ? 40  SER A OG  1 
ATOM   309  N N   . ILE A 1 41  ? -10.232 3.809   -2.316  1.00 6.30  ? 41  ILE A N   1 
ATOM   310  C CA  . ILE A 1 41  ? -9.046  2.960   -2.195  1.00 6.51  ? 41  ILE A CA  1 
ATOM   311  C C   . ILE A 1 41  ? -9.452  1.553   -1.748  1.00 7.09  ? 41  ILE A C   1 
ATOM   312  O O   . ILE A 1 41  ? -10.038 1.357   -0.694  1.00 8.60  ? 41  ILE A O   1 
ATOM   313  C CB  . ILE A 1 41  ? -8.005  3.553   -1.216  1.00 5.12  ? 41  ILE A CB  1 
ATOM   314  C CG1 . ILE A 1 41  ? -7.623  4.993   -1.558  1.00 6.08  ? 41  ILE A CG1 1 
ATOM   315  C CG2 . ILE A 1 41  ? -6.747  2.675   -1.229  1.00 5.42  ? 41  ILE A CG2 1 
ATOM   316  C CD1 . ILE A 1 41  ? -6.818  5.778   -0.543  1.00 6.43  ? 41  ILE A CD1 1 
ATOM   317  N N   . ALA A 1 42  ? -9.218  0.542   -2.572  1.00 5.64  ? 42  ALA A N   1 
ATOM   318  C CA  . ALA A 1 42  ? -9.587  -0.832  -2.281  1.00 5.02  ? 42  ALA A CA  1 
ATOM   319  C C   . ALA A 1 42  ? -8.593  -1.509  -1.342  1.00 4.94  ? 42  ALA A C   1 
ATOM   320  O O   . ALA A 1 42  ? -8.938  -2.338  -0.513  1.00 4.87  ? 42  ALA A O   1 
ATOM   321  C CB  . ALA A 1 42  ? -9.672  -1.664  -3.571  1.00 4.39  ? 42  ALA A CB  1 
ATOM   322  N N   . MET A 1 43  ? -7.320  -1.106  -1.476  1.00 5.17  ? 43  MET A N   1 
ATOM   323  C CA  . MET A 1 43  ? -6.295  -1.625  -0.550  1.00 5.84  ? 43  MET A CA  1 
ATOM   324  C C   . MET A 1 43  ? -5.352  -0.466  -0.218  1.00 6.49  ? 43  MET A C   1 
ATOM   325  O O   . MET A 1 43  ? -4.598  0.002   -1.079  1.00 6.34  ? 43  MET A O   1 
ATOM   326  C CB  . MET A 1 43  ? -5.504  -2.773  -1.171  1.00 5.59  ? 43  MET A CB  1 
ATOM   327  C CG  . MET A 1 43  ? -4.676  -3.626  -0.204  1.00 7.70  ? 43  MET A CG  1 
ATOM   328  S SD  . MET A 1 43  ? -3.317  -2.730  0.593   1.00 5.48  ? 43  MET A SD  1 
ATOM   329  C CE  . MET A 1 43  ? -2.346  -2.315  -0.864  1.00 6.56  ? 43  MET A CE  1 
ATOM   330  N N   . HIS A 1 44  ? -5.472  0.013   0.998   1.00 5.92  ? 44  HIS A N   1 
ATOM   331  C CA  . HIS A 1 44  ? -4.566  0.982   1.592   1.00 4.79  ? 44  HIS A CA  1 
ATOM   332  C C   . HIS A 1 44  ? -3.661  0.268   2.591   1.00 4.17  ? 44  HIS A C   1 
ATOM   333  O O   . HIS A 1 44  ? -4.192  -0.337  3.505   1.00 3.98  ? 44  HIS A O   1 
ATOM   334  C CB  . HIS A 1 44  ? -5.385  2.042   2.341   1.00 5.08  ? 44  HIS A CB  1 
ATOM   335  C CG  . HIS A 1 44  ? -4.674  2.965   3.282   1.00 5.55  ? 44  HIS A CG  1 
ATOM   336  N ND1 . HIS A 1 44  ? -3.925  4.040   2.867   1.00 5.94  ? 44  HIS A ND1 1 
ATOM   337  C CD2 . HIS A 1 44  ? -4.664  2.973   4.651   1.00 4.74  ? 44  HIS A CD2 1 
ATOM   338  C CE1 . HIS A 1 44  ? -3.478  4.680   3.952   1.00 5.50  ? 44  HIS A CE1 1 
ATOM   339  N NE2 . HIS A 1 44  ? -3.888  4.053   5.026   1.00 5.57  ? 44  HIS A NE2 1 
ATOM   340  N N   . MET A 1 45  ? -2.351  0.340   2.412   1.00 4.38  ? 45  MET A N   1 
ATOM   341  C CA  . MET A 1 45  ? -1.420  -0.255  3.335   1.00 4.64  ? 45  MET A CA  1 
ATOM   342  C C   . MET A 1 45  ? -0.564  0.855   3.929   1.00 4.78  ? 45  MET A C   1 
ATOM   343  O O   . MET A 1 45  ? 0.286   1.411   3.245   1.00 4.47  ? 45  MET A O   1 
ATOM   344  C CB  A MET A 1 45  ? -0.529  -1.196  2.507   0.50 5.64  ? 45  MET A CB  1 
ATOM   345  C CB  B MET A 1 45  ? -0.493  -1.341  2.765   0.50 6.14  ? 45  MET A CB  1 
ATOM   346  C CG  A MET A 1 45  ? 0.750   -1.595  3.227   0.50 6.98  ? 45  MET A CG  1 
ATOM   347  C CG  B MET A 1 45  ? 0.324   -1.916  3.933   0.50 7.14  ? 45  MET A CG  1 
ATOM   348  S SD  A MET A 1 45  ? 1.484   -3.066  2.488   0.50 8.18  ? 45  MET A SD  1 
ATOM   349  S SD  B MET A 1 45  ? 1.534   -3.179  3.494   0.50 8.71  ? 45  MET A SD  1 
ATOM   350  C CE  A MET A 1 45  ? 1.775   -2.513  0.827   0.50 7.51  ? 45  MET A CE  1 
ATOM   351  C CE  B MET A 1 45  ? 0.452   -4.517  3.039   0.50 8.31  ? 45  MET A CE  1 
ATOM   352  N N   . ASP A 1 46  ? -0.815  1.230   5.176   1.00 5.98  ? 46  ASP A N   1 
ATOM   353  C CA  . ASP A 1 46  ? -0.097  2.333   5.801   1.00 5.91  ? 46  ASP A CA  1 
ATOM   354  C C   . ASP A 1 46  ? 1.060   1.783   6.634   1.00 6.54  ? 46  ASP A C   1 
ATOM   355  O O   . ASP A 1 46  ? 0.901   0.785   7.332   1.00 7.78  ? 46  ASP A O   1 
ATOM   356  C CB  . ASP A 1 46  ? -1.047  3.129   6.707   1.00 6.20  ? 46  ASP A CB  1 
ATOM   357  C CG  . ASP A 1 46  ? -0.531  4.500   7.071   1.00 8.09  ? 46  ASP A CG  1 
ATOM   358  O OD1 . ASP A 1 46  ? 0.375   5.034   6.380   1.00 8.31  ? 46  ASP A OD1 1 
ATOM   359  O OD2 . ASP A 1 46  ? -1.024  5.025   8.096   1.00 7.67  ? 46  ASP A OD2 1 
ATOM   360  N N   . HIS A 1 47  ? 2.216   2.415   6.538   1.00 4.59  ? 47  HIS A N   1 
ATOM   361  C CA  . HIS A 1 47  ? 3.405   1.934   7.236   1.00 5.27  ? 47  HIS A CA  1 
ATOM   362  C C   . HIS A 1 47  ? 3.684   2.956   8.323   1.00 5.04  ? 47  HIS A C   1 
ATOM   363  O O   . HIS A 1 47  ? 4.065   4.093   8.004   1.00 5.75  ? 47  HIS A O   1 
ATOM   364  C CB  . HIS A 1 47  ? 4.588   1.865   6.250   1.00 5.93  ? 47  HIS A CB  1 
ATOM   365  C CG  . HIS A 1 47  ? 4.363   1.046   5.020   1.00 5.14  ? 47  HIS A CG  1 
ATOM   366  N ND1 . HIS A 1 47  ? 3.563   1.438   3.986   1.00 7.41  ? 47  HIS A ND1 1 
ATOM   367  C CD2 . HIS A 1 47  ? 4.914   -0.127  4.634   1.00 7.42  ? 47  HIS A CD2 1 
ATOM   368  C CE1 . HIS A 1 47  ? 3.608   0.526   3.008   1.00 6.64  ? 47  HIS A CE1 1 
ATOM   369  N NE2 . HIS A 1 47  ? 4.420   -0.444  3.391   1.00 6.24  ? 47  HIS A NE2 1 
ATOM   370  N N   . ARG A 1 48  ? 3.419   2.614   9.576   1.00 6.18  ? 48  ARG A N   1 
ATOM   371  C CA  . ARG A 1 48  ? 3.433   3.634   10.620  1.00 5.42  ? 48  ARG A CA  1 
ATOM   372  C C   . ARG A 1 48  ? 4.705   3.453   11.450  1.00 7.55  ? 48  ARG A C   1 
ATOM   373  O O   . ARG A 1 48  ? 4.843   2.458   12.143  1.00 7.19  ? 48  ARG A O   1 
ATOM   374  C CB  . ARG A 1 48  ? 2.161   3.463   11.489  1.00 6.22  ? 48  ARG A CB  1 
ATOM   375  C CG  . ARG A 1 48  ? 0.934   3.808   10.633  1.00 6.34  ? 48  ARG A CG  1 
ATOM   376  C CD  . ARG A 1 48  ? -0.356  3.655   11.410  1.00 7.71  ? 48  ARG A CD  1 
ATOM   377  N NE  . ARG A 1 48  ? -1.515  4.011   10.577  1.00 7.69  ? 48  ARG A NE  1 
ATOM   378  C CZ  . ARG A 1 48  ? -2.764  4.119   10.990  1.00 9.00  ? 48  ARG A CZ  1 
ATOM   379  N NH1 . ARG A 1 48  ? -3.060  3.909   12.276  1.00 7.56  ? 48  ARG A NH1 1 
ATOM   380  N NH2 . ARG A 1 48  ? -3.750  4.436   10.145  1.00 7.35  ? 48  ARG A NH2 1 
ATOM   381  N N   . PHE A 1 49  ? 5.639   4.390   11.263  1.00 7.28  ? 49  PHE A N   1 
ATOM   382  C CA  . PHE A 1 49  ? 6.828   4.424   12.105  1.00 9.22  ? 49  PHE A CA  1 
ATOM   383  C C   . PHE A 1 49  ? 6.464   5.076   13.427  1.00 10.06 ? 49  PHE A C   1 
ATOM   384  O O   . PHE A 1 49  ? 6.803   4.542   14.469  1.00 12.06 ? 49  PHE A O   1 
ATOM   385  C CB  . PHE A 1 49  ? 7.958   5.202   11.399  1.00 8.81  ? 49  PHE A CB  1 
ATOM   386  C CG  . PHE A 1 49  ? 8.330   4.473   10.134  1.00 9.33  ? 49  PHE A CG  1 
ATOM   387  C CD1 . PHE A 1 49  ? 7.629   4.709   8.959   1.00 10.72 ? 49  PHE A CD1 1 
ATOM   388  C CD2 . PHE A 1 49  ? 9.341   3.517   10.129  1.00 9.67  ? 49  PHE A CD2 1 
ATOM   389  C CE1 . PHE A 1 49  ? 7.918   4.025   7.806   1.00 11.57 ? 49  PHE A CE1 1 
ATOM   390  C CE2 . PHE A 1 49  ? 9.632   2.844   8.961   1.00 10.24 ? 49  PHE A CE2 1 
ATOM   391  C CZ  . PHE A 1 49  ? 8.922   3.063   7.798   1.00 11.50 ? 49  PHE A CZ  1 
ATOM   392  N N   . SER A 1 50  ? 5.760   6.203   13.376  1.00 11.27 ? 50  SER A N   1 
ATOM   393  C CA  . SER A 1 50  ? 5.256   6.825   14.593  1.00 12.89 ? 50  SER A CA  1 
ATOM   394  C C   . SER A 1 50  ? 4.005   7.632   14.259  1.00 12.68 ? 50  SER A C   1 
ATOM   395  O O   . SER A 1 50  ? 4.111   8.649   13.582  1.00 14.17 ? 50  SER A O   1 
ATOM   396  C CB  . SER A 1 50  ? 6.311   7.738   15.220  1.00 13.69 ? 50  SER A CB  1 
ATOM   397  O OG  . SER A 1 50  ? 5.952   8.020   16.570  1.00 16.36 ? 50  SER A OG  1 
ATOM   398  N N   . TYR A 1 51  ? 2.867   7.107   14.688  1.00 13.79 ? 51  TYR A N   1 
ATOM   399  C CA  . TYR A 1 51  ? 1.596   7.778   14.392  1.00 14.98 ? 51  TYR A CA  1 
ATOM   400  C C   . TYR A 1 51  ? 0.686   7.632   15.598  1.00 16.37 ? 51  TYR A C   1 
ATOM   401  O O   . TYR A 1 51  ? 0.080   6.589   15.821  1.00 16.72 ? 51  TYR A O   1 
ATOM   402  C CB  . TYR A 1 51  ? 0.983   7.168   13.124  1.00 12.35 ? 51  TYR A CB  1 
ATOM   403  C CG  . TYR A 1 51  ? -0.329  7.776   12.656  1.00 12.22 ? 51  TYR A CG  1 
ATOM   404  C CD1 . TYR A 1 51  ? -0.417  9.123   12.336  1.00 13.12 ? 51  TYR A CD1 1 
ATOM   405  C CD2 . TYR A 1 51  ? -1.477  7.004   12.562  1.00 11.75 ? 51  TYR A CD2 1 
ATOM   406  C CE1 . TYR A 1 51  ? -1.613  9.677   11.916  1.00 14.00 ? 51  TYR A CE1 1 
ATOM   407  C CE2 . TYR A 1 51  ? -2.690  7.537   12.145  1.00 12.72 ? 51  TYR A CE2 1 
ATOM   408  C CZ  . TYR A 1 51  ? -2.735  8.885   11.820  1.00 13.54 ? 51  TYR A CZ  1 
ATOM   409  O OH  . TYR A 1 51  ? -3.921  9.442   11.402  1.00 13.34 ? 51  TYR A OH  1 
ATOM   410  N N   . GLY A 1 52  ? 0.585   8.707   16.385  1.00 20.30 ? 52  GLY A N   1 
ATOM   411  C CA  . GLY A 1 52  ? -0.148  8.614   17.650  1.00 23.00 ? 52  GLY A CA  1 
ATOM   412  C C   . GLY A 1 52  ? 0.574   7.557   18.496  1.00 24.50 ? 52  GLY A C   1 
ATOM   413  O O   . GLY A 1 52  ? 1.775   7.701   18.753  1.00 25.32 ? 52  GLY A O   1 
ATOM   414  N N   . ALA A 1 53  ? -0.138  6.495   18.824  1.00 24.76 ? 53  ALA A N   1 
ATOM   415  C CA  . ALA A 1 53  ? 0.417   5.404   19.590  1.00 25.30 ? 53  ALA A CA  1 
ATOM   416  C C   . ALA A 1 53  ? 0.892   4.265   18.682  1.00 24.96 ? 53  ALA A C   1 
ATOM   417  O O   . ALA A 1 53  ? 1.250   3.221   19.230  1.00 24.67 ? 53  ALA A O   1 
ATOM   418  C CB  . ALA A 1 53  ? -0.649  4.810   20.519  1.00 26.54 ? 53  ALA A CB  1 
ATOM   419  N N   . ASP A 1 54  ? 0.790   4.425   17.366  1.00 22.18 ? 54  ASP A N   1 
ATOM   420  C CA  . ASP A 1 54  ? 1.198   3.328   16.485  1.00 21.56 ? 54  ASP A CA  1 
ATOM   421  C C   . ASP A 1 54  ? 2.685   3.510   16.182  1.00 20.32 ? 54  ASP A C   1 
ATOM   422  O O   . ASP A 1 54  ? 3.075   4.576   15.711  1.00 19.53 ? 54  ASP A O   1 
ATOM   423  C CB  . ASP A 1 54  ? 0.417   3.280   15.177  1.00 21.35 ? 54  ASP A CB  1 
ATOM   424  C CG  . ASP A 1 54  ? -1.026  2.876   15.390  1.00 23.10 ? 54  ASP A CG  1 
ATOM   425  O OD1 . ASP A 1 54  ? -1.905  3.149   14.544  1.00 22.01 ? 54  ASP A OD1 1 
ATOM   426  O OD2 . ASP A 1 54  ? -1.278  2.262   16.450  1.00 24.56 ? 54  ASP A OD2 1 
ATOM   427  N N   . GLN A 1 55  ? 3.452   2.468   16.460  1.00 19.18 ? 55  GLN A N   1 
ATOM   428  C CA  . GLN A 1 55  ? 4.872   2.473   16.125  1.00 19.18 ? 55  GLN A CA  1 
ATOM   429  C C   . GLN A 1 55  ? 5.247   1.113   15.544  1.00 15.77 ? 55  GLN A C   1 
ATOM   430  O O   . GLN A 1 55  ? 5.001   0.045   16.110  1.00 12.64 ? 55  GLN A O   1 
ATOM   431  C CB  . GLN A 1 55  ? 5.770   2.824   17.309  1.00 23.92 ? 55  GLN A CB  1 
ATOM   432  C CG  . GLN A 1 55  ? 5.648   1.887   18.495  1.00 28.72 ? 55  GLN A CG  1 
ATOM   433  C CD  . GLN A 1 55  ? 6.052   2.562   19.805  1.00 31.78 ? 55  GLN A CD  1 
ATOM   434  O OE1 . GLN A 1 55  ? 5.399   3.530   20.197  1.00 33.74 ? 55  GLN A OE1 1 
ATOM   435  N NE2 . GLN A 1 55  ? 7.106   2.049   20.436  1.00 33.09 ? 55  GLN A NE2 1 
ATOM   436  N N   . ASN A 1 56  ? 5.861   1.202   14.363  1.00 13.04 ? 56  ASN A N   1 
ATOM   437  C CA  . ASN A 1 56  ? 6.331   0.033   13.647  1.00 12.97 ? 56  ASN A CA  1 
ATOM   438  C C   . ASN A 1 56  ? 5.187   -0.943  13.420  1.00 12.05 ? 56  ASN A C   1 
ATOM   439  O O   . ASN A 1 56  ? 5.263   -2.128  13.730  1.00 12.09 ? 56  ASN A O   1 
ATOM   440  C CB  . ASN A 1 56  ? 7.533   -0.588  14.356  1.00 15.31 ? 56  ASN A CB  1 
ATOM   441  C CG  . ASN A 1 56  ? 8.755   0.309   14.338  1.00 16.53 ? 56  ASN A CG  1 
ATOM   442  O OD1 . ASN A 1 56  ? 8.879   1.346   13.696  1.00 17.80 ? 56  ASN A OD1 1 
ATOM   443  N ND2 . ASN A 1 56  ? 9.777   -0.067  15.115  1.00 20.84 ? 56  ASN A ND2 1 
ATOM   444  N N   . VAL A 1 57  ? 4.111   -0.438  12.804  1.00 11.36 ? 57  VAL A N   1 
ATOM   445  C CA  . VAL A 1 57  ? 2.961   -1.326  12.520  1.00 10.82 ? 57  VAL A CA  1 
ATOM   446  C C   . VAL A 1 57  ? 2.447   -1.046  11.109  1.00 8.76  ? 57  VAL A C   1 
ATOM   447  O O   . VAL A 1 57  ? 2.514   0.104   10.688  1.00 8.64  ? 57  VAL A O   1 
ATOM   448  C CB  . VAL A 1 57  ? 1.870   -1.168  13.582  1.00 12.18 ? 57  VAL A CB  1 
ATOM   449  C CG1 . VAL A 1 57  ? 1.329   0.237   13.718  1.00 12.32 ? 57  VAL A CG1 1 
ATOM   450  C CG2 . VAL A 1 57  ? 0.688   -2.114  13.353  1.00 14.59 ? 57  VAL A CG2 1 
ATOM   451  N N   . LEU A 1 58  ? 1.952   -2.080  10.459  1.00 8.41  ? 58  LEU A N   1 
ATOM   452  C CA  . LEU A 1 58  ? 1.220   -1.890  9.200   1.00 8.94  ? 58  LEU A CA  1 
ATOM   453  C C   . LEU A 1 58  ? -0.275  -1.842  9.489   1.00 7.90  ? 58  LEU A C   1 
ATOM   454  O O   . LEU A 1 58  ? -0.752  -2.637  10.268  1.00 8.20  ? 58  LEU A O   1 
ATOM   455  C CB  . LEU A 1 58  ? 1.425   -3.070  8.276   1.00 9.76  ? 58  LEU A CB  1 
ATOM   456  C CG  . LEU A 1 58  ? 2.836   -3.294  7.743   1.00 11.15 ? 58  LEU A CG  1 
ATOM   457  C CD1 . LEU A 1 58  ? 2.854   -4.574  6.896   1.00 9.59  ? 58  LEU A CD1 1 
ATOM   458  C CD2 . LEU A 1 58  ? 3.274   -2.087  6.934   1.00 9.59  ? 58  LEU A CD2 1 
ATOM   459  N N   . VAL A 1 59  ? -0.974  -0.914  8.855   1.00 8.88  ? 59  VAL A N   1 
ATOM   460  C CA  . VAL A 1 59  ? -2.424  -0.784  9.030   1.00 9.50  ? 59  VAL A CA  1 
ATOM   461  C C   . VAL A 1 59  ? -3.045  -0.799  7.633   1.00 9.24  ? 59  VAL A C   1 
ATOM   462  O O   . VAL A 1 59  ? -2.644  0.007   6.783   1.00 8.70  ? 59  VAL A O   1 
ATOM   463  C CB  . VAL A 1 59  ? -2.797  0.522   9.734   1.00 10.29 ? 59  VAL A CB  1 
ATOM   464  C CG1 . VAL A 1 59  ? -4.311  0.709   9.819   1.00 10.37 ? 59  VAL A CG1 1 
ATOM   465  C CG2 . VAL A 1 59  ? -2.198  0.555   11.131  1.00 10.63 ? 59  VAL A CG2 1 
ATOM   466  N N   . LEU A 1 60  ? -3.932  -1.759  7.397   1.00 7.23  ? 60  LEU A N   1 
ATOM   467  C CA  . LEU A 1 60  ? -4.560  -1.934  6.104   1.00 8.34  ? 60  LEU A CA  1 
ATOM   468  C C   . LEU A 1 60  ? -6.062  -1.617  6.139   1.00 8.50  ? 60  LEU A C   1 
ATOM   469  O O   . LEU A 1 60  ? -6.752  -1.945  7.113   1.00 8.30  ? 60  LEU A O   1 
ATOM   470  C CB  . LEU A 1 60  ? -4.394  -3.378  5.607   1.00 9.13  ? 60  LEU A CB  1 
ATOM   471  C CG  . LEU A 1 60  ? -2.929  -3.750  5.265   1.00 11.43 ? 60  LEU A CG  1 
ATOM   472  C CD1 . LEU A 1 60  ? -2.249  -4.247  6.525   1.00 11.42 ? 60  LEU A CD1 1 
ATOM   473  C CD2 . LEU A 1 60  ? -2.942  -4.802  4.171   1.00 12.01 ? 60  LEU A CD2 1 
ATOM   474  N N   . ASN A 1 61  ? -6.561  -0.981  5.079   1.00 6.77  ? 61  ASN A N   1 
ATOM   475  C CA  . ASN A 1 61  ? -8.009  -0.677  5.105   1.00 7.37  ? 61  ASN A CA  1 
ATOM   476  C C   . ASN A 1 61  ? -8.464  -0.305  3.696   1.00 6.83  ? 61  ASN A C   1 
ATOM   477  O O   . ASN A 1 61  ? -7.654  -0.262  2.764   1.00 6.58  ? 61  ASN A O   1 
ATOM   478  C CB  . ASN A 1 61  ? -8.247  0.453   6.121   1.00 7.50  ? 61  ASN A CB  1 
ATOM   479  C CG  . ASN A 1 61  ? -9.674  0.576   6.638   1.00 7.59  ? 61  ASN A CG  1 
ATOM   480  O OD1 . ASN A 1 61  ? -10.560 -0.151  6.190   1.00 7.58  ? 61  ASN A OD1 1 
ATOM   481  N ND2 . ASN A 1 61  ? -9.875  1.470   7.596   1.00 6.93  ? 61  ASN A ND2 1 
ATOM   482  N N   . SER A 1 62  ? -9.773  -0.092  3.564   1.00 6.64  ? 62  SER A N   1 
ATOM   483  C CA  . SER A 1 62  ? -10.345 0.417   2.322   1.00 7.03  ? 62  SER A CA  1 
ATOM   484  C C   . SER A 1 62  ? -11.016 1.751   2.619   1.00 7.05  ? 62  SER A C   1 
ATOM   485  O O   . SER A 1 62  ? -11.495 2.034   3.726   1.00 6.95  ? 62  SER A O   1 
ATOM   486  C CB  . SER A 1 62  ? -11.385 -0.577  1.757   1.00 6.50  ? 62  SER A CB  1 
ATOM   487  O OG  . SER A 1 62  ? -12.380 -0.831  2.756   1.00 6.25  ? 62  SER A OG  1 
ATOM   488  N N   . LEU A 1 63  ? -11.026 2.627   1.619   1.00 7.32  ? 63  LEU A N   1 
ATOM   489  C CA  . LEU A 1 63  ? -11.635 3.945   1.712   1.00 5.98  ? 63  LEU A CA  1 
ATOM   490  C C   . LEU A 1 63  ? -12.718 4.060   0.638   1.00 6.55  ? 63  LEU A C   1 
ATOM   491  O O   . LEU A 1 63  ? -12.443 3.789   -0.525  1.00 5.45  ? 63  LEU A O   1 
ATOM   492  C CB  . LEU A 1 63  ? -10.569 5.028   1.484   1.00 6.10  ? 63  LEU A CB  1 
ATOM   493  C CG  . LEU A 1 63  ? -11.046 6.475   1.323   1.00 7.37  ? 63  LEU A CG  1 
ATOM   494  C CD1 . LEU A 1 63  ? -11.819 6.884   2.560   1.00 8.51  ? 63  LEU A CD1 1 
ATOM   495  C CD2 . LEU A 1 63  ? -9.837  7.391   1.142   1.00 7.75  ? 63  LEU A CD2 1 
ATOM   496  N N   . VAL A 1 64  ? -13.934 4.386   1.043   1.00 5.80  ? 64  VAL A N   1 
ATOM   497  C CA  . VAL A 1 64  ? -15.081 4.453   0.143   1.00 6.35  ? 64  VAL A CA  1 
ATOM   498  C C   . VAL A 1 64  ? -15.385 5.936   -0.077  1.00 7.17  ? 64  VAL A C   1 
ATOM   499  O O   . VAL A 1 64  ? -15.413 6.725   0.866   1.00 8.10  ? 64  VAL A O   1 
ATOM   500  C CB  . VAL A 1 64  ? -16.289 3.751   0.772   1.00 6.96  ? 64  VAL A CB  1 
ATOM   501  C CG1 . VAL A 1 64  ? -17.554 3.907   -0.059  1.00 7.32  ? 64  VAL A CG1 1 
ATOM   502  C CG2 . VAL A 1 64  ? -15.946 2.258   0.942   1.00 8.50  ? 64  VAL A CG2 1 
ATOM   503  N N   . HIS A 1 65  ? -15.667 6.295   -1.308  1.00 8.48  ? 65  HIS A N   1 
ATOM   504  C CA  . HIS A 1 65  ? -15.838 7.680   -1.732  1.00 10.72 ? 65  HIS A CA  1 
ATOM   505  C C   . HIS A 1 65  ? -17.029 8.322   -1.048  1.00 10.32 ? 65  HIS A C   1 
ATOM   506  O O   . HIS A 1 65  ? -18.130 7.746   -1.054  1.00 8.25  ? 65  HIS A O   1 
ATOM   507  C CB  . HIS A 1 65  ? -16.104 7.588   -3.244  1.00 15.36 ? 65  HIS A CB  1 
ATOM   508  C CG  . HIS A 1 65  ? -16.195 8.931   -3.886  1.00 20.34 ? 65  HIS A CG  1 
ATOM   509  N ND1 . HIS A 1 65  ? -16.903 9.098   -5.048  1.00 23.82 ? 65  HIS A ND1 1 
ATOM   510  C CD2 . HIS A 1 65  ? -15.643 10.119  -3.570  1.00 21.25 ? 65  HIS A CD2 1 
ATOM   511  C CE1 . HIS A 1 65  ? -16.803 10.375  -5.420  1.00 24.97 ? 65  HIS A CE1 1 
ATOM   512  N NE2 . HIS A 1 65  ? -16.048 11.004  -4.535  1.00 24.96 ? 65  HIS A NE2 1 
ATOM   513  N N   . ASN A 1 66  ? -16.826 9.460   -0.413  1.00 8.37  ? 66  ASN A N   1 
ATOM   514  C CA  . ASN A 1 66  ? -17.893 10.212  0.231   1.00 8.80  ? 66  ASN A CA  1 
ATOM   515  C C   . ASN A 1 66  ? -18.464 9.432   1.407   1.00 8.89  ? 66  ASN A C   1 
ATOM   516  O O   . ASN A 1 66  ? -19.556 9.740   1.890   1.00 9.14  ? 66  ASN A O   1 
ATOM   517  C CB  . ASN A 1 66  ? -19.028 10.647  -0.718  1.00 8.37  ? 66  ASN A CB  1 
ATOM   518  C CG  . ASN A 1 66  ? -19.817 11.842  -0.182  1.00 8.87  ? 66  ASN A CG  1 
ATOM   519  O OD1 . ASN A 1 66  ? -21.011 11.952  -0.557  1.00 9.02  ? 66  ASN A OD1 1 
ATOM   520  N ND2 . ASN A 1 66  ? -19.169 12.672  0.631   1.00 5.14  ? 66  ASN A ND2 1 
ATOM   521  N N   . VAL A 1 67  ? -17.712 8.467   1.939   1.00 7.41  ? 67  VAL A N   1 
ATOM   522  C CA  . VAL A 1 67  ? -18.208 7.596   3.007   1.00 8.03  ? 67  VAL A CA  1 
ATOM   523  C C   . VAL A 1 67  ? -17.123 7.549   4.086   1.00 8.07  ? 67  VAL A C   1 
ATOM   524  O O   . VAL A 1 67  ? -17.372 7.923   5.230   1.00 9.18  ? 67  VAL A O   1 
ATOM   525  C CB  . VAL A 1 67  ? -18.564 6.186   2.524   1.00 7.69  ? 67  VAL A CB  1 
ATOM   526  C CG1 . VAL A 1 67  ? -18.794 5.249   3.704   1.00 8.99  ? 67  VAL A CG1 1 
ATOM   527  C CG2 . VAL A 1 67  ? -19.820 6.220   1.663   1.00 7.87  ? 67  VAL A CG2 1 
ATOM   528  N N   . GLY A 1 68  ? -15.938 7.080   3.692   1.00 7.18  ? 68  GLY A N   1 
ATOM   529  C CA  . GLY A 1 68  ? -14.815 7.054   4.625   1.00 7.82  ? 68  GLY A CA  1 
ATOM   530  C C   . GLY A 1 68  ? -14.219 5.648   4.799   1.00 7.37  ? 68  GLY A C   1 
ATOM   531  O O   . GLY A 1 68  ? -14.422 4.715   4.018   1.00 8.02  ? 68  GLY A O   1 
ATOM   532  N N   . TRP A 1 69  ? -13.383 5.553   5.829   1.00 7.21  ? 69  TRP A N   1 
ATOM   533  C CA  . TRP A 1 69  ? -12.558 4.354   6.053   1.00 8.50  ? 69  TRP A CA  1 
ATOM   534  C C   . TRP A 1 69  ? -13.408 3.250   6.655   1.00 7.98  ? 69  TRP A C   1 
ATOM   535  O O   . TRP A 1 69  ? -14.317 3.512   7.450   1.00 7.60  ? 69  TRP A O   1 
ATOM   536  C CB  . TRP A 1 69  ? -11.394 4.682   6.983   1.00 8.57  ? 69  TRP A CB  1 
ATOM   537  C CG  . TRP A 1 69  ? -10.402 5.578   6.295   1.00 7.84  ? 69  TRP A CG  1 
ATOM   538  C CD1 . TRP A 1 69  ? -10.278 6.933   6.435   1.00 8.95  ? 69  TRP A CD1 1 
ATOM   539  C CD2 . TRP A 1 69  ? -9.416  5.168   5.342   1.00 8.41  ? 69  TRP A CD2 1 
ATOM   540  N NE1 . TRP A 1 69  ? -9.245  7.392   5.653   1.00 9.25  ? 69  TRP A NE1 1 
ATOM   541  C CE2 . TRP A 1 69  ? -8.712  6.329   4.960   1.00 8.84  ? 69  TRP A CE2 1 
ATOM   542  C CE3 . TRP A 1 69  ? -9.061  3.932   4.781   1.00 6.98  ? 69  TRP A CE3 1 
ATOM   543  C CZ2 . TRP A 1 69  ? -7.678  6.280   4.025   1.00 8.38  ? 69  TRP A CZ2 1 
ATOM   544  C CZ3 . TRP A 1 69  ? -8.014  3.896   3.871   1.00 7.46  ? 69  TRP A CZ3 1 
ATOM   545  C CH2 . TRP A 1 69  ? -7.348  5.059   3.496   1.00 6.77  ? 69  TRP A CH2 1 
ATOM   546  N N   . GLN A 1 70  ? -13.131 2.033   6.228   1.00 8.22  ? 70  GLN A N   1 
ATOM   547  C CA  . GLN A 1 70  ? -13.877 0.851   6.656   1.00 7.18  ? 70  GLN A CA  1 
ATOM   548  C C   . GLN A 1 70  ? -13.168 0.185   7.821   1.00 9.06  ? 70  GLN A C   1 
ATOM   549  O O   . GLN A 1 70  ? -12.528 0.903   8.586   1.00 8.85  ? 70  GLN A O   1 
ATOM   550  C CB  . GLN A 1 70  ? -14.133 -0.058  5.456   1.00 7.48  ? 70  GLN A CB  1 
ATOM   551  C CG  . GLN A 1 70  ? -14.899 0.677   4.334   1.00 7.64  ? 70  GLN A CG  1 
ATOM   552  C CD  . GLN A 1 70  ? -16.193 1.279   4.827   1.00 8.72  ? 70  GLN A CD  1 
ATOM   553  O OE1 . GLN A 1 70  ? -17.073 0.590   5.326   1.00 10.59 ? 70  GLN A OE1 1 
ATOM   554  N NE2 . GLN A 1 70  ? -16.383 2.580   4.710   1.00 8.99  ? 70  GLN A NE2 1 
ATOM   555  N N   . GLN A 1 71  ? -13.278 -1.117  7.955   1.00 9.87  ? 71  GLN A N   1 
ATOM   556  C CA  . GLN A 1 71  ? -12.660 -1.832  9.064   1.00 12.70 ? 71  GLN A CA  1 
ATOM   557  C C   . GLN A 1 71  ? -11.162 -2.006  8.870   1.00 12.02 ? 71  GLN A C   1 
ATOM   558  O O   . GLN A 1 71  ? -10.713 -2.693  7.945   1.00 10.84 ? 71  GLN A O   1 
ATOM   559  C CB  . GLN A 1 71  ? -13.353 -3.184  9.235   1.00 15.68 ? 71  GLN A CB  1 
ATOM   560  C CG  . GLN A 1 71  ? -12.683 -4.087  10.265  1.00 21.30 ? 71  GLN A CG  1 
ATOM   561  C CD  . GLN A 1 71  ? -12.686 -3.423  11.628  1.00 25.02 ? 71  GLN A CD  1 
ATOM   562  O OE1 . GLN A 1 71  ? -13.779 -3.137  12.145  1.00 28.75 ? 71  GLN A OE1 1 
ATOM   563  N NE2 . GLN A 1 71  ? -11.508 -3.178  12.196  1.00 26.54 ? 71  GLN A NE2 1 
ATOM   564  N N   . GLU A 1 72  ? -10.361 -1.435  9.786   1.00 11.24 ? 72  GLU A N   1 
ATOM   565  C CA  . GLU A 1 72  ? -8.911  -1.613  9.699   1.00 11.63 ? 72  GLU A CA  1 
ATOM   566  C C   . GLU A 1 72  ? -8.441  -3.024  10.015  1.00 12.09 ? 72  GLU A C   1 
ATOM   567  O O   . GLU A 1 72  ? -9.014  -3.691  10.886  1.00 11.42 ? 72  GLU A O   1 
ATOM   568  C CB  . GLU A 1 72  ? -8.123  -0.750  10.706  1.00 13.62 ? 72  GLU A CB  1 
ATOM   569  C CG  . GLU A 1 72  ? -8.277  0.726   10.523  1.00 16.37 ? 72  GLU A CG  1 
ATOM   570  C CD  . GLU A 1 72  ? -7.356  1.529   11.435  1.00 15.68 ? 72  GLU A CD  1 
ATOM   571  O OE1 . GLU A 1 72  ? -7.132  2.674   11.052  1.00 16.04 ? 72  GLU A OE1 1 
ATOM   572  O OE2 . GLU A 1 72  ? -6.941  1.000   12.484  1.00 16.33 ? 72  GLU A OE2 1 
ATOM   573  N N   . GLU A 1 73  ? -7.365  -3.437  9.370   1.00 9.62  ? 73  GLU A N   1 
ATOM   574  C CA  . GLU A 1 73  ? -6.675  -4.681  9.727   1.00 12.16 ? 73  GLU A CA  1 
ATOM   575  C C   . GLU A 1 73  ? -5.231  -4.313  10.038  1.00 12.45 ? 73  GLU A C   1 
ATOM   576  O O   . GLU A 1 73  ? -4.751  -3.311  9.493   1.00 13.48 ? 73  GLU A O   1 
ATOM   577  C CB  . GLU A 1 73  ? -6.739  -5.660  8.551   1.00 13.44 ? 73  GLU A CB  1 
ATOM   578  C CG  . GLU A 1 73  ? -8.122  -6.241  8.351   1.00 17.30 ? 73  GLU A CG  1 
ATOM   579  C CD  . GLU A 1 73  ? -8.279  -7.411  7.422   1.00 20.58 ? 73  GLU A CD  1 
ATOM   580  O OE1 . GLU A 1 73  ? -7.344  -8.113  6.975   1.00 21.33 ? 73  GLU A OE1 1 
ATOM   581  O OE2 . GLU A 1 73  ? -9.460  -7.706  7.082   1.00 24.66 ? 73  GLU A OE2 1 
ATOM   582  N N   . ARG A 1 74  ? -4.569  -4.982  10.970  1.00 11.30 ? 74  ARG A N   1 
ATOM   583  C CA  . ARG A 1 74  ? -3.197  -4.543  11.280  1.00 13.57 ? 74  ARG A CA  1 
ATOM   584  C C   . ARG A 1 74  ? -2.235  -5.726  11.215  1.00 13.30 ? 74  ARG A C   1 
ATOM   585  O O   . ARG A 1 74  ? -2.681  -6.862  11.384  1.00 11.98 ? 74  ARG A O   1 
ATOM   586  C CB  . ARG A 1 74  ? -3.104  -3.893  12.658  1.00 15.59 ? 74  ARG A CB  1 
ATOM   587  C CG  . ARG A 1 74  ? -4.051  -2.714  12.833  1.00 17.81 ? 74  ARG A CG  1 
ATOM   588  C CD  . ARG A 1 74  ? -3.889  -1.963  14.138  1.00 19.67 ? 74  ARG A CD  1 
ATOM   589  N NE  . ARG A 1 74  ? -4.509  -0.622  13.986  1.00 19.78 ? 74  ARG A NE  1 
ATOM   590  C CZ  . ARG A 1 74  ? -3.921  0.452   14.502  1.00 19.74 ? 74  ARG A CZ  1 
ATOM   591  N NH1 . ARG A 1 74  ? -2.778  0.314   15.169  1.00 20.42 ? 74  ARG A NH1 1 
ATOM   592  N NH2 . ARG A 1 74  ? -4.491  1.646   14.353  1.00 18.67 ? 74  ARG A NH2 1 
ATOM   593  N N   . SER A 1 75  ? -0.959  -5.427  10.982  1.00 11.61 ? 75  SER A N   1 
ATOM   594  C CA  . SER A 1 75  ? 0.056   -6.473  11.086  1.00 10.53 ? 75  SER A CA  1 
ATOM   595  C C   . SER A 1 75  ? 1.265   -5.893  11.825  1.00 12.31 ? 75  SER A C   1 
ATOM   596  O O   . SER A 1 75  ? 1.579   -4.718  11.644  1.00 12.38 ? 75  SER A O   1 
ATOM   597  C CB  . SER A 1 75  ? 0.484   -6.932  9.697   1.00 10.69 ? 75  SER A CB  1 
ATOM   598  O OG  . SER A 1 75  ? 1.606   -7.807  9.782   1.00 11.07 ? 75  SER A OG  1 
ATOM   599  N N   . LYS A 1 76  ? 1.910   -6.719  12.658  1.00 12.95 ? 76  LYS A N   1 
ATOM   600  C CA  . LYS A 1 76  ? 3.182   -6.299  13.225  1.00 15.00 ? 76  LYS A CA  1 
ATOM   601  C C   . LYS A 1 76  ? 4.371   -6.651  12.350  1.00 14.42 ? 76  LYS A C   1 
ATOM   602  O O   . LYS A 1 76  ? 5.503   -6.360  12.777  1.00 13.76 ? 76  LYS A O   1 
ATOM   603  C CB  . LYS A 1 76  ? 3.347   -6.900  14.618  1.00 18.43 ? 76  LYS A CB  1 
ATOM   604  C CG  . LYS A 1 76  ? 2.187   -6.683  15.569  1.00 22.01 ? 76  LYS A CG  1 
ATOM   605  C CD  . LYS A 1 76  ? 1.985   -5.200  15.829  1.00 26.25 ? 76  LYS A CD  1 
ATOM   606  C CE  . LYS A 1 76  ? 0.817   -4.962  16.780  1.00 29.19 ? 76  LYS A CE  1 
ATOM   607  N NZ  . LYS A 1 76  ? 0.611   -3.506  17.033  1.00 30.72 ? 76  LYS A NZ  1 
ATOM   608  N N   . LYS A 1 77  ? 4.193   -7.237  11.167  1.00 13.11 ? 77  LYS A N   1 
ATOM   609  C CA  . LYS A 1 77  ? 5.328   -7.478  10.283  1.00 12.33 ? 77  LYS A CA  1 
ATOM   610  C C   . LYS A 1 77  ? 5.815   -6.104  9.855   1.00 13.42 ? 77  LYS A C   1 
ATOM   611  O O   . LYS A 1 77  ? 5.006   -5.328  9.330   1.00 14.87 ? 77  LYS A O   1 
ATOM   612  C CB  A LYS A 1 77  ? 4.959   -8.404  9.126   0.50 11.63 ? 77  LYS A CB  1 
ATOM   613  C CB  B LYS A 1 77  ? 4.981   -8.317  9.062   0.50 13.12 ? 77  LYS A CB  1 
ATOM   614  C CG  A LYS A 1 77  ? 4.452   -9.761  9.615   0.50 10.62 ? 77  LYS A CG  1 
ATOM   615  C CG  B LYS A 1 77  ? 4.415   -9.680  9.440   0.50 14.00 ? 77  LYS A CG  1 
ATOM   616  C CD  A LYS A 1 77  ? 3.794   -10.608 8.535   0.50 10.83 ? 77  LYS A CD  1 
ATOM   617  C CD  B LYS A 1 77  ? 3.527   -10.219 8.324   0.50 15.21 ? 77  LYS A CD  1 
ATOM   618  C CE  A LYS A 1 77  ? 3.242   -11.906 9.131   0.50 10.68 ? 77  LYS A CE  1 
ATOM   619  C CE  B LYS A 1 77  ? 2.942   -11.556 8.752   0.50 16.78 ? 77  LYS A CE  1 
ATOM   620  N NZ  A LYS A 1 77  ? 2.544   -12.739 8.093   0.50 9.29  ? 77  LYS A NZ  1 
ATOM   621  N NZ  B LYS A 1 77  ? 4.020   -12.563 8.948   0.50 16.88 ? 77  LYS A NZ  1 
ATOM   622  N N   . PHE A 1 78  ? 7.062   -5.770  10.173  1.00 10.58 ? 78  PHE A N   1 
ATOM   623  C CA  . PHE A 1 78  ? 7.478   -4.403  9.827   1.00 9.29  ? 78  PHE A CA  1 
ATOM   624  C C   . PHE A 1 78  ? 8.949   -4.371  9.471   1.00 9.38  ? 78  PHE A C   1 
ATOM   625  O O   . PHE A 1 78  ? 9.746   -3.742  10.164  1.00 10.07 ? 78  PHE A O   1 
ATOM   626  C CB  . PHE A 1 78  ? 7.179   -3.446  10.971  1.00 8.69  ? 78  PHE A CB  1 
ATOM   627  C CG  . PHE A 1 78  ? 7.099   -1.996  10.560  1.00 9.86  ? 78  PHE A CG  1 
ATOM   628  C CD1 . PHE A 1 78  ? 8.132   -1.111  10.776  1.00 10.04 ? 78  PHE A CD1 1 
ATOM   629  C CD2 . PHE A 1 78  ? 5.938   -1.523  9.970   1.00 10.43 ? 78  PHE A CD2 1 
ATOM   630  C CE1 . PHE A 1 78  ? 8.027   0.225   10.394  1.00 11.02 ? 78  PHE A CE1 1 
ATOM   631  C CE2 . PHE A 1 78  ? 5.814   -0.187  9.602   1.00 12.26 ? 78  PHE A CE2 1 
ATOM   632  C CZ  . PHE A 1 78  ? 6.866   0.691   9.806   1.00 11.61 ? 78  PHE A CZ  1 
ATOM   633  N N   . PRO A 1 79  ? 9.276   -4.923  8.318   1.00 10.26 ? 79  PRO A N   1 
ATOM   634  C CA  . PRO A 1 79  ? 10.667  -4.960  7.860   1.00 11.90 ? 79  PRO A CA  1 
ATOM   635  C C   . PRO A 1 79  ? 11.048  -3.683  7.155   1.00 11.49 ? 79  PRO A C   1 
ATOM   636  O O   . PRO A 1 79  ? 11.314  -3.674  5.944   1.00 12.18 ? 79  PRO A O   1 
ATOM   637  C CB  . PRO A 1 79  ? 10.656  -6.153  6.903   1.00 11.99 ? 79  PRO A CB  1 
ATOM   638  C CG  . PRO A 1 79  ? 9.281   -6.112  6.297   1.00 10.78 ? 79  PRO A CG  1 
ATOM   639  C CD  . PRO A 1 79  ? 8.389   -5.716  7.432   1.00 9.93  ? 79  PRO A CD  1 
ATOM   640  N N   . PHE A 1 80  ? 10.896  -2.524  7.807   1.00 10.58 ? 80  PHE A N   1 
ATOM   641  C CA  . PHE A 1 80  ? 11.074  -1.222  7.198   1.00 9.36  ? 80  PHE A CA  1 
ATOM   642  C C   . PHE A 1 80  ? 11.975  -0.385  8.098   1.00 9.95  ? 80  PHE A C   1 
ATOM   643  O O   . PHE A 1 80  ? 11.931  -0.516  9.316   1.00 10.80 ? 80  PHE A O   1 
ATOM   644  C CB  . PHE A 1 80  ? 9.752   -0.433  6.994   1.00 10.39 ? 80  PHE A CB  1 
ATOM   645  C CG  . PHE A 1 80  ? 8.778   -1.274  6.205   1.00 9.71  ? 80  PHE A CG  1 
ATOM   646  C CD1 . PHE A 1 80  ? 8.885   -1.344  4.830   1.00 11.38 ? 80  PHE A CD1 1 
ATOM   647  C CD2 . PHE A 1 80  ? 7.818   -2.038  6.836   1.00 10.76 ? 80  PHE A CD2 1 
ATOM   648  C CE1 . PHE A 1 80  ? 8.030   -2.122  4.075   1.00 12.17 ? 80  PHE A CE1 1 
ATOM   649  C CE2 . PHE A 1 80  ? 6.974   -2.838  6.087   1.00 10.49 ? 80  PHE A CE2 1 
ATOM   650  C CZ  . PHE A 1 80  ? 7.081   -2.890  4.724   1.00 11.51 ? 80  PHE A CZ  1 
ATOM   651  N N   . THR A 1 81  ? 12.856  0.384   7.467   1.00 9.25  ? 81  THR A N   1 
ATOM   652  C CA  . THR A 1 81  ? 13.784  1.245   8.187   1.00 9.62  ? 81  THR A CA  1 
ATOM   653  C C   . THR A 1 81  ? 13.799  2.627   7.550   1.00 9.28  ? 81  THR A C   1 
ATOM   654  O O   . THR A 1 81  ? 13.964  2.782   6.334   1.00 8.79  ? 81  THR A O   1 
ATOM   655  C CB  . THR A 1 81  ? 15.169  0.597   8.169   1.00 9.48  ? 81  THR A CB  1 
ATOM   656  O OG1 . THR A 1 81  ? 15.071  -0.678  8.819   1.00 10.67 ? 81  THR A OG1 1 
ATOM   657  C CG2 . THR A 1 81  ? 16.245  1.406   8.890   1.00 9.28  ? 81  THR A CG2 1 
ATOM   658  N N   . LYS A 1 82  ? 13.648  3.651   8.390   1.00 7.44  ? 82  LYS A N   1 
ATOM   659  C CA  . LYS A 1 82  ? 13.737  5.026   7.903   1.00 7.99  ? 82  LYS A CA  1 
ATOM   660  C C   . LYS A 1 82  ? 15.079  5.236   7.218   1.00 7.66  ? 82  LYS A C   1 
ATOM   661  O O   . LYS A 1 82  ? 16.106  4.819   7.753   1.00 6.60  ? 82  LYS A O   1 
ATOM   662  C CB  . LYS A 1 82  ? 13.599  6.008   9.081   1.00 5.50  ? 82  LYS A CB  1 
ATOM   663  C CG  . LYS A 1 82  ? 12.147  6.000   9.598   1.00 8.44  ? 82  LYS A CG  1 
ATOM   664  C CD  . LYS A 1 82  ? 12.057  6.980   10.764  1.00 9.08  ? 82  LYS A CD  1 
ATOM   665  C CE  . LYS A 1 82  ? 12.605  6.354   12.044  1.00 8.26  ? 82  LYS A CE  1 
ATOM   666  N NZ  . LYS A 1 82  ? 12.573  7.406   13.114  1.00 6.59  ? 82  LYS A NZ  1 
ATOM   667  N N   . GLY A 1 83  ? 15.071  5.895   6.075   1.00 5.08  ? 83  GLY A N   1 
ATOM   668  C CA  . GLY A 1 83  ? 16.293  6.130   5.308   1.00 6.76  ? 83  GLY A CA  1 
ATOM   669  C C   . GLY A 1 83  ? 16.613  4.959   4.386   1.00 7.92  ? 83  GLY A C   1 
ATOM   670  O O   . GLY A 1 83  ? 17.521  5.098   3.545   1.00 7.12  ? 83  GLY A O   1 
ATOM   671  N N   . ASP A 1 84  ? 15.921  3.827   4.485   1.00 6.65  ? 84  ASP A N   1 
ATOM   672  C CA  . ASP A 1 84  ? 16.328  2.641   3.728   1.00 8.14  ? 84  ASP A CA  1 
ATOM   673  C C   . ASP A 1 84  ? 15.310  2.271   2.640   1.00 7.03  ? 84  ASP A C   1 
ATOM   674  O O   . ASP A 1 84  ? 14.126  2.547   2.731   1.00 7.97  ? 84  ASP A O   1 
ATOM   675  C CB  . ASP A 1 84  ? 16.475  1.414   4.628   1.00 8.31  ? 84  ASP A CB  1 
ATOM   676  C CG  . ASP A 1 84  ? 17.726  1.481   5.511   1.00 11.61 ? 84  ASP A CG  1 
ATOM   677  O OD1 . ASP A 1 84  ? 17.920  0.552   6.296   1.00 12.58 ? 84  ASP A OD1 1 
ATOM   678  O OD2 . ASP A 1 84  ? 18.502  2.421   5.400   1.00 11.33 ? 84  ASP A OD2 1 
ATOM   679  N N   . HIS A 1 85  ? 15.817  1.548   1.649   1.00 8.07  ? 85  HIS A N   1 
ATOM   680  C CA  . HIS A 1 85  ? 14.984  1.002   0.595   1.00 9.15  ? 85  HIS A CA  1 
ATOM   681  C C   . HIS A 1 85  ? 14.020  -0.067  1.097   1.00 8.75  ? 85  HIS A C   1 
ATOM   682  O O   . HIS A 1 85  ? 14.289  -0.757  2.075   1.00 9.24  ? 85  HIS A O   1 
ATOM   683  C CB  . HIS A 1 85  ? 15.854  0.325   -0.481  1.00 11.75 ? 85  HIS A CB  1 
ATOM   684  C CG  . HIS A 1 85  ? 16.549  1.364   -1.304  1.00 14.35 ? 85  HIS A CG  1 
ATOM   685  N ND1 . HIS A 1 85  ? 16.147  1.663   -2.591  1.00 16.48 ? 85  HIS A ND1 1 
ATOM   686  C CD2 . HIS A 1 85  ? 17.611  2.163   -1.025  1.00 15.71 ? 85  HIS A CD2 1 
ATOM   687  C CE1 . HIS A 1 85  ? 16.933  2.615   -3.076  1.00 16.02 ? 85  HIS A CE1 1 
ATOM   688  N NE2 . HIS A 1 85  ? 17.815  2.931   -2.146  1.00 17.35 ? 85  HIS A NE2 1 
ATOM   689  N N   . PHE A 1 86  ? 12.895  -0.177  0.400   1.00 7.62  ? 86  PHE A N   1 
ATOM   690  C CA  . PHE A 1 86  ? 11.937  -1.256  0.632   1.00 8.16  ? 86  PHE A CA  1 
ATOM   691  C C   . PHE A 1 86  ? 11.444  -1.718  -0.746  1.00 8.87  ? 86  PHE A C   1 
ATOM   692  O O   . PHE A 1 86  ? 11.587  -0.957  -1.707  1.00 7.44  ? 86  PHE A O   1 
ATOM   693  C CB  . PHE A 1 86  ? 10.752  -0.785  1.474   1.00 7.87  ? 86  PHE A CB  1 
ATOM   694  C CG  . PHE A 1 86  ? 9.897   0.255   0.805   1.00 7.97  ? 86  PHE A CG  1 
ATOM   695  C CD1 . PHE A 1 86  ? 10.154  1.600   0.944   1.00 8.46  ? 86  PHE A CD1 1 
ATOM   696  C CD2 . PHE A 1 86  ? 8.813   -0.159  0.033   1.00 9.08  ? 86  PHE A CD2 1 
ATOM   697  C CE1 . PHE A 1 86  ? 9.331   2.545   0.330   1.00 8.57  ? 86  PHE A CE1 1 
ATOM   698  C CE2 . PHE A 1 86  ? 8.039   0.783   -0.621  1.00 9.06  ? 86  PHE A CE2 1 
ATOM   699  C CZ  . PHE A 1 86  ? 8.285   2.131   -0.469  1.00 8.45  ? 86  PHE A CZ  1 
ATOM   700  N N   . GLN A 1 87  ? 10.855  -2.899  -0.780  1.00 8.73  ? 87  GLN A N   1 
ATOM   701  C CA  . GLN A 1 87  ? 10.208  -3.334  -2.036  1.00 10.34 ? 87  GLN A CA  1 
ATOM   702  C C   . GLN A 1 87  ? 8.960   -4.112  -1.658  1.00 9.57  ? 87  GLN A C   1 
ATOM   703  O O   . GLN A 1 87  ? 9.017   -4.882  -0.675  1.00 10.14 ? 87  GLN A O   1 
ATOM   704  C CB  . GLN A 1 87  ? 11.161  -4.298  -2.751  1.00 12.87 ? 87  GLN A CB  1 
ATOM   705  C CG  . GLN A 1 87  ? 10.599  -4.766  -4.079  1.00 15.63 ? 87  GLN A CG  1 
ATOM   706  C CD  . GLN A 1 87  ? 11.643  -5.648  -4.758  1.00 16.03 ? 87  GLN A CD  1 
ATOM   707  O OE1 . GLN A 1 87  ? 11.323  -6.797  -5.018  1.00 17.82 ? 87  GLN A OE1 1 
ATOM   708  N NE2 . GLN A 1 87  ? 12.804  -5.051  -4.973  1.00 15.85 ? 87  GLN A NE2 1 
ATOM   709  N N   . THR A 1 88  ? 7.896   -3.960  -2.424  1.00 7.55  ? 88  THR A N   1 
ATOM   710  C CA  . THR A 1 88  ? 6.623   -4.597  -2.054  1.00 8.06  ? 88  THR A CA  1 
ATOM   711  C C   . THR A 1 88  ? 6.013   -5.171  -3.329  1.00 7.62  ? 88  THR A C   1 
ATOM   712  O O   . THR A 1 88  ? 6.094   -4.501  -4.360  1.00 5.66  ? 88  THR A O   1 
ATOM   713  C CB  . THR A 1 88  ? 5.604   -3.568  -1.511  1.00 9.12  ? 88  THR A CB  1 
ATOM   714  O OG1 . THR A 1 88  ? 6.208   -2.862  -0.441  1.00 11.88 ? 88  THR A OG1 1 
ATOM   715  C CG2 . THR A 1 88  ? 4.308   -4.248  -1.074  1.00 9.77  ? 88  THR A CG2 1 
ATOM   716  N N   . THR A 1 89  ? 5.427   -6.360  -3.223  1.00 7.34  ? 89  THR A N   1 
ATOM   717  C CA  . THR A 1 89  ? 4.763   -6.931  -4.398  1.00 8.03  ? 89  THR A CA  1 
ATOM   718  C C   . THR A 1 89  ? 3.308   -7.228  -4.043  1.00 7.63  ? 89  THR A C   1 
ATOM   719  O O   . THR A 1 89  ? 3.038   -7.725  -2.951  1.00 5.93  ? 89  THR A O   1 
ATOM   720  C CB  . THR A 1 89  ? 5.433   -8.235  -4.884  1.00 8.05  ? 89  THR A CB  1 
ATOM   721  O OG1 . THR A 1 89  ? 6.706   -7.877  -5.442  1.00 10.30 ? 89  THR A OG1 1 
ATOM   722  C CG2 . THR A 1 89  ? 4.636   -8.911  -5.991  1.00 9.19  ? 89  THR A CG2 1 
ATOM   723  N N   . ILE A 1 90  ? 2.406   -6.863  -4.943  1.00 6.05  ? 90  ILE A N   1 
ATOM   724  C CA  . ILE A 1 90  ? 0.975   -7.035  -4.728  1.00 6.68  ? 90  ILE A CA  1 
ATOM   725  C C   . ILE A 1 90  ? 0.361   -7.745  -5.930  1.00 7.14  ? 90  ILE A C   1 
ATOM   726  O O   . ILE A 1 90  ? 0.669   -7.458  -7.092  1.00 7.34  ? 90  ILE A O   1 
ATOM   727  C CB  . ILE A 1 90  ? 0.270   -5.674  -4.543  1.00 6.99  ? 90  ILE A CB  1 
ATOM   728  C CG1 . ILE A 1 90  ? 0.806   -4.941  -3.309  1.00 6.49  ? 90  ILE A CG1 1 
ATOM   729  C CG2 . ILE A 1 90  ? -1.242  -5.876  -4.387  1.00 6.79  ? 90  ILE A CG2 1 
ATOM   730  C CD1 . ILE A 1 90  ? 0.549   -3.458  -3.215  1.00 7.54  ? 90  ILE A CD1 1 
ATOM   731  N N   . THR A 1 91  ? -0.474  -8.745  -5.634  1.00 5.68  ? 91  THR A N   1 
ATOM   732  C CA  . THR A 1 91  ? -1.280  -9.371  -6.679  1.00 7.31  ? 91  THR A CA  1 
ATOM   733  C C   . THR A 1 91  ? -2.667  -9.541  -6.064  1.00 6.59  ? 91  THR A C   1 
ATOM   734  O O   . THR A 1 91  ? -2.784  -9.316  -4.847  1.00 6.47  ? 91  THR A O   1 
ATOM   735  C CB  . THR A 1 91  ? -0.779  -10.763 -7.070  1.00 9.22  ? 91  THR A CB  1 
ATOM   736  O OG1 . THR A 1 91  ? -0.846  -11.562 -5.876  1.00 11.11 ? 91  THR A OG1 1 
ATOM   737  C CG2 . THR A 1 91  ? 0.658   -10.828 -7.570  1.00 8.23  ? 91  THR A CG2 1 
ATOM   738  N N   . PHE A 1 92  ? -3.685  -9.923  -6.837  1.00 5.78  ? 92  PHE A N   1 
ATOM   739  C CA  . PHE A 1 92  ? -4.982  -10.056 -6.195  1.00 6.32  ? 92  PHE A CA  1 
ATOM   740  C C   . PHE A 1 92  ? -5.865  -10.986 -7.016  1.00 6.06  ? 92  PHE A C   1 
ATOM   741  O O   . PHE A 1 92  ? -5.653  -11.143 -8.217  1.00 5.61  ? 92  PHE A O   1 
ATOM   742  C CB  . PHE A 1 92  ? -5.668  -8.698  -5.963  1.00 6.91  ? 92  PHE A CB  1 
ATOM   743  C CG  . PHE A 1 92  ? -6.079  -8.010  -7.243  1.00 7.06  ? 92  PHE A CG  1 
ATOM   744  C CD1 . PHE A 1 92  ? -5.161  -7.175  -7.875  1.00 7.10  ? 92  PHE A CD1 1 
ATOM   745  C CD2 . PHE A 1 92  ? -7.322  -8.191  -7.813  1.00 7.48  ? 92  PHE A CD2 1 
ATOM   746  C CE1 . PHE A 1 92  ? -5.476  -6.563  -9.063  1.00 6.19  ? 92  PHE A CE1 1 
ATOM   747  C CE2 . PHE A 1 92  ? -7.653  -7.562  -8.997  1.00 7.04  ? 92  PHE A CE2 1 
ATOM   748  C CZ  . PHE A 1 92  ? -6.720  -6.745  -9.628  1.00 6.28  ? 92  PHE A CZ  1 
ATOM   749  N N   . ASP A 1 93  ? -6.854  -11.578 -6.356  1.00 5.99  ? 93  ASP A N   1 
ATOM   750  C CA  . ASP A 1 93  ? -7.945  -12.161 -7.149  1.00 6.95  ? 93  ASP A CA  1 
ATOM   751  C C   . ASP A 1 93  ? -9.236  -11.493 -6.680  1.00 6.32  ? 93  ASP A C   1 
ATOM   752  O O   . ASP A 1 93  ? -9.184  -10.529 -5.906  1.00 5.61  ? 93  ASP A O   1 
ATOM   753  C CB  . ASP A 1 93  ? -7.980  -13.671 -7.000  1.00 8.78  ? 93  ASP A CB  1 
ATOM   754  C CG  . ASP A 1 93  ? -8.126  -14.174 -5.568  1.00 10.64 ? 93  ASP A CG  1 
ATOM   755  O OD1 . ASP A 1 93  ? -7.718  -15.332 -5.333  1.00 11.94 ? 93  ASP A OD1 1 
ATOM   756  O OD2 . ASP A 1 93  ? -8.609  -13.452 -4.682  1.00 9.54  ? 93  ASP A OD2 1 
ATOM   757  N N   . THR A 1 94  ? -10.406 -12.079 -7.007  1.00 8.70  ? 94  THR A N   1 
ATOM   758  C CA  . THR A 1 94  ? -11.585 -11.280 -6.628  1.00 10.21 ? 94  THR A CA  1 
ATOM   759  C C   . THR A 1 94  ? -11.839 -11.269 -5.135  1.00 8.92  ? 94  THR A C   1 
ATOM   760  O O   . THR A 1 94  ? -12.675 -10.471 -4.729  1.00 9.34  ? 94  THR A O   1 
ATOM   761  C CB  . THR A 1 94  ? -12.891 -11.632 -7.369  1.00 14.33 ? 94  THR A CB  1 
ATOM   762  O OG1 . THR A 1 94  ? -13.096 -13.025 -7.243  1.00 14.28 ? 94  THR A OG1 1 
ATOM   763  C CG2 . THR A 1 94  ? -12.773 -11.234 -8.835  1.00 15.86 ? 94  THR A CG2 1 
ATOM   764  N N   . HIS A 1 95  ? -11.239 -12.179 -4.358  1.00 7.82  ? 95  HIS A N   1 
ATOM   765  C CA  . HIS A 1 95  ? -11.485 -12.181 -2.940  1.00 9.50  ? 95  HIS A CA  1 
ATOM   766  C C   . HIS A 1 95  ? -10.365 -11.572 -2.122  1.00 7.83  ? 95  HIS A C   1 
ATOM   767  O O   . HIS A 1 95  ? -10.637 -11.149 -0.998  1.00 7.83  ? 95  HIS A O   1 
ATOM   768  C CB  . HIS A 1 95  ? -11.770 -13.638 -2.524  1.00 13.14 ? 95  HIS A CB  1 
ATOM   769  C CG  . HIS A 1 95  ? -13.156 -13.981 -3.039  1.00 18.13 ? 95  HIS A CG  1 
ATOM   770  N ND1 . HIS A 1 95  ? -13.351 -14.795 -4.120  1.00 20.06 ? 95  HIS A ND1 1 
ATOM   771  C CD2 . HIS A 1 95  ? -14.374 -13.567 -2.623  1.00 20.05 ? 95  HIS A CD2 1 
ATOM   772  C CE1 . HIS A 1 95  ? -14.645 -14.910 -4.354  1.00 20.96 ? 95  HIS A CE1 1 
ATOM   773  N NE2 . HIS A 1 95  ? -15.284 -14.192 -3.462  1.00 21.55 ? 95  HIS A NE2 1 
ATOM   774  N N   . THR A 1 96  ? -9.129  -11.559 -2.656  1.00 6.10  ? 96  THR A N   1 
ATOM   775  C CA  . THR A 1 96  ? -7.989  -11.272 -1.783  1.00 5.53  ? 96  THR A CA  1 
ATOM   776  C C   . THR A 1 96  ? -6.898  -10.440 -2.459  1.00 6.05  ? 96  THR A C   1 
ATOM   777  O O   . THR A 1 96  ? -6.538  -10.756 -3.596  1.00 7.03  ? 96  THR A O   1 
ATOM   778  C CB  . THR A 1 96  ? -7.332  -12.617 -1.357  1.00 7.37  ? 96  THR A CB  1 
ATOM   779  O OG1 . THR A 1 96  ? -8.337  -13.442 -0.747  1.00 7.20  ? 96  THR A OG1 1 
ATOM   780  C CG2 . THR A 1 96  ? -6.236  -12.366 -0.316  1.00 6.73  ? 96  THR A CG2 1 
ATOM   781  N N   . PHE A 1 97  ? -6.347  -9.478  -1.724  1.00 6.51  ? 97  PHE A N   1 
ATOM   782  C CA  . PHE A 1 97  ? -5.097  -8.842  -2.105  1.00 5.31  ? 97  PHE A CA  1 
ATOM   783  C C   . PHE A 1 97  ? -3.960  -9.600  -1.401  1.00 6.36  ? 97  PHE A C   1 
ATOM   784  O O   . PHE A 1 97  ? -3.995  -9.813  -0.191  1.00 5.88  ? 97  PHE A O   1 
ATOM   785  C CB  . PHE A 1 97  ? -5.028  -7.389  -1.665  1.00 5.40  ? 97  PHE A CB  1 
ATOM   786  C CG  . PHE A 1 97  ? -5.936  -6.442  -2.403  1.00 6.31  ? 97  PHE A CG  1 
ATOM   787  C CD1 . PHE A 1 97  ? -5.503  -5.861  -3.575  1.00 6.61  ? 97  PHE A CD1 1 
ATOM   788  C CD2 . PHE A 1 97  ? -7.176  -6.089  -1.891  1.00 6.95  ? 97  PHE A CD2 1 
ATOM   789  C CE1 . PHE A 1 97  ? -6.314  -4.975  -4.276  1.00 7.90  ? 97  PHE A CE1 1 
ATOM   790  C CE2 . PHE A 1 97  ? -7.988  -5.189  -2.559  1.00 8.89  ? 97  PHE A CE2 1 
ATOM   791  C CZ  . PHE A 1 97  ? -7.557  -4.641  -3.756  1.00 8.28  ? 97  PHE A CZ  1 
ATOM   792  N N   . TYR A 1 98  ? -2.983  -9.972  -2.198  1.00 5.89  ? 98  TYR A N   1 
ATOM   793  C CA  . TYR A 1 98  ? -1.804  -10.681 -1.701  1.00 6.72  ? 98  TYR A CA  1 
ATOM   794  C C   . TYR A 1 98  ? -0.594  -9.732  -1.716  1.00 7.66  ? 98  TYR A C   1 
ATOM   795  O O   . TYR A 1 98  ? -0.159  -9.316  -2.791  1.00 8.64  ? 98  TYR A O   1 
ATOM   796  C CB  . TYR A 1 98  ? -1.578  -11.879 -2.596  1.00 6.42  ? 98  TYR A CB  1 
ATOM   797  C CG  . TYR A 1 98  ? -2.630  -12.968 -2.464  1.00 5.76  ? 98  TYR A CG  1 
ATOM   798  C CD1 . TYR A 1 98  ? -3.576  -13.122 -3.450  1.00 7.36  ? 98  TYR A CD1 1 
ATOM   799  C CD2 . TYR A 1 98  ? -2.650  -13.804 -1.351  1.00 6.72  ? 98  TYR A CD2 1 
ATOM   800  C CE1 . TYR A 1 98  ? -4.566  -14.100 -3.352  1.00 7.29  ? 98  TYR A CE1 1 
ATOM   801  C CE2 . TYR A 1 98  ? -3.597  -14.802 -1.259  1.00 7.07  ? 98  TYR A CE2 1 
ATOM   802  C CZ  . TYR A 1 98  ? -4.546  -14.939 -2.253  1.00 7.85  ? 98  TYR A CZ  1 
ATOM   803  O OH  . TYR A 1 98  ? -5.482  -15.935 -2.171  1.00 6.16  ? 98  TYR A OH  1 
ATOM   804  N N   . ILE A 1 99  ? -0.107  -9.405  -0.527  1.00 6.22  ? 99  ILE A N   1 
ATOM   805  C CA  . ILE A 1 99  ? 1.003   -8.448  -0.432  1.00 7.89  ? 99  ILE A CA  1 
ATOM   806  C C   . ILE A 1 99  ? 2.246   -9.186  0.071   1.00 8.90  ? 99  ILE A C   1 
ATOM   807  O O   . ILE A 1 99  ? 2.152   -9.910  1.057   1.00 8.73  ? 99  ILE A O   1 
ATOM   808  C CB  . ILE A 1 99  ? 0.640   -7.301  0.522   1.00 9.89  ? 99  ILE A CB  1 
ATOM   809  C CG1 . ILE A 1 99  ? -0.606  -6.549  0.011   1.00 11.54 ? 99  ILE A CG1 1 
ATOM   810  C CG2 . ILE A 1 99  ? 1.760   -6.274  0.662   1.00 11.07 ? 99  ILE A CG2 1 
ATOM   811  C CD1 . ILE A 1 99  ? -1.509  -6.164  1.174   1.00 14.72 ? 99  ILE A CD1 1 
ATOM   812  N N   . GLN A 1 100 ? 3.366   -8.943  -0.605  1.00 7.10  ? 100 GLN A N   1 
ATOM   813  C CA  . GLN A 1 100 ? 4.621   -9.531  -0.119  1.00 9.32  ? 100 GLN A CA  1 
ATOM   814  C C   . GLN A 1 100 ? 5.578   -8.409  0.244   1.00 9.61  ? 100 GLN A C   1 
ATOM   815  O O   . GLN A 1 100 ? 5.784   -7.498  -0.553  1.00 8.58  ? 100 GLN A O   1 
ATOM   816  C CB  . GLN A 1 100 ? 5.249   -10.423 -1.179  1.00 12.32 ? 100 GLN A CB  1 
ATOM   817  C CG  . GLN A 1 100 ? 6.505   -11.092 -0.577  1.00 16.80 ? 100 GLN A CG  1 
ATOM   818  C CD  . GLN A 1 100 ? 6.866   -12.350 -1.350  1.00 19.82 ? 100 GLN A CD  1 
ATOM   819  O OE1 . GLN A 1 100 ? 6.886   -12.277 -2.593  1.00 22.46 ? 100 GLN A OE1 1 
ATOM   820  N NE2 . GLN A 1 100 ? 7.120   -13.427 -0.600  1.00 18.59 ? 100 GLN A NE2 1 
ATOM   821  N N   . LEU A 1 101 ? 6.125   -8.431  1.434   1.00 10.87 ? 101 LEU A N   1 
ATOM   822  C CA  . LEU A 1 101 ? 6.940   -7.361  1.991   1.00 10.52 ? 101 LEU A CA  1 
ATOM   823  C C   . LEU A 1 101 ? 8.407   -7.537  1.627   1.00 10.40 ? 101 LEU A C   1 
ATOM   824  O O   . LEU A 1 101 ? 8.778   -8.604  1.142   1.00 9.57  ? 101 LEU A O   1 
ATOM   825  C CB  . LEU A 1 101 ? 6.799   -7.369  3.524   1.00 10.12 ? 101 LEU A CB  1 
ATOM   826  C CG  . LEU A 1 101 ? 5.368   -7.282  4.062   1.00 11.26 ? 101 LEU A CG  1 
ATOM   827  C CD1 . LEU A 1 101 ? 5.386   -7.275  5.579   1.00 9.03  ? 101 LEU A CD1 1 
ATOM   828  C CD2 . LEU A 1 101 ? 4.654   -6.034  3.498   1.00 9.38  ? 101 LEU A CD2 1 
ATOM   829  N N   . SER A 1 102 ? 9.254   -6.572  2.022   1.00 13.19 ? 102 SER A N   1 
ATOM   830  C CA  . SER A 1 102 ? 10.656  -6.593  1.662   1.00 14.93 ? 102 SER A CA  1 
ATOM   831  C C   . SER A 1 102 ? 11.404  -7.854  2.104   1.00 14.46 ? 102 SER A C   1 
ATOM   832  O O   . SER A 1 102 ? 12.383  -8.225  1.468   1.00 14.27 ? 102 SER A O   1 
ATOM   833  C CB  . SER A 1 102 ? 11.448  -5.414  2.249   1.00 15.56 ? 102 SER A CB  1 
ATOM   834  O OG  . SER A 1 102 ? 10.804  -4.166  2.111   1.00 17.04 ? 102 SER A OG  1 
ATOM   835  N N   . ASN A 1 103 ? 11.004  -8.469  3.217   1.00 12.38 ? 103 ASN A N   1 
ATOM   836  C CA  . ASN A 1 103 ? 11.747  -9.609  3.760   1.00 11.17 ? 103 ASN A CA  1 
ATOM   837  C C   . ASN A 1 103 ? 11.145  -10.933 3.326   1.00 10.01 ? 103 ASN A C   1 
ATOM   838  O O   . ASN A 1 103 ? 11.474  -11.977 3.859   1.00 10.75 ? 103 ASN A O   1 
ATOM   839  C CB  . ASN A 1 103 ? 11.718  -9.471  5.294   1.00 10.54 ? 103 ASN A CB  1 
ATOM   840  C CG  . ASN A 1 103 ? 10.290  -9.506  5.846   1.00 11.68 ? 103 ASN A CG  1 
ATOM   841  O OD1 . ASN A 1 103 ? 9.311   -9.310  5.117   1.00 9.38  ? 103 ASN A OD1 1 
ATOM   842  N ND2 . ASN A 1 103 ? 10.180  -9.747  7.143   1.00 9.22  ? 103 ASN A ND2 1 
ATOM   843  N N   . GLY A 1 104 ? 10.139  -10.885 2.455   1.00 8.84  ? 104 GLY A N   1 
ATOM   844  C CA  . GLY A 1 104 ? 9.437   -12.089 2.010   1.00 7.84  ? 104 GLY A CA  1 
ATOM   845  C C   . GLY A 1 104 ? 8.217   -12.473 2.829   1.00 6.16  ? 104 GLY A C   1 
ATOM   846  O O   . GLY A 1 104 ? 7.471   -13.384 2.445   1.00 5.94  ? 104 GLY A O   1 
ATOM   847  N N   . GLU A 1 105 ? 8.029   -11.868 4.002   1.00 5.68  ? 105 GLU A N   1 
ATOM   848  C CA  . GLU A 1 105 ? 6.794   -12.092 4.745   1.00 6.26  ? 105 GLU A CA  1 
ATOM   849  C C   . GLU A 1 105 ? 5.605   -11.552 3.960   1.00 7.05  ? 105 GLU A C   1 
ATOM   850  O O   . GLU A 1 105 ? 5.772   -10.715 3.076   1.00 6.48  ? 105 GLU A O   1 
ATOM   851  C CB  . GLU A 1 105 ? 6.824   -11.378 6.110   1.00 7.15  ? 105 GLU A CB  1 
ATOM   852  C CG  . GLU A 1 105 ? 7.821   -12.167 6.996   1.00 9.12  ? 105 GLU A CG  1 
ATOM   853  C CD  . GLU A 1 105 ? 7.716   -11.667 8.429   1.00 12.23 ? 105 GLU A CD  1 
ATOM   854  O OE1 . GLU A 1 105 ? 7.426   -12.498 9.325   1.00 13.74 ? 105 GLU A OE1 1 
ATOM   855  O OE2 . GLU A 1 105 ? 7.934   -10.471 8.640   1.00 12.06 ? 105 GLU A OE2 1 
ATOM   856  N N   . THR A 1 106 ? 4.408   -12.050 4.286   1.00 6.83  ? 106 THR A N   1 
ATOM   857  C CA  . THR A 1 106 ? 3.248   -11.655 3.458   1.00 7.19  ? 106 THR A CA  1 
ATOM   858  C C   . THR A 1 106 ? 2.120   -11.147 4.330   1.00 7.65  ? 106 THR A C   1 
ATOM   859  O O   . THR A 1 106 ? 2.016   -11.518 5.502   1.00 9.31  ? 106 THR A O   1 
ATOM   860  C CB  . THR A 1 106 ? 2.680   -12.800 2.609   1.00 8.41  ? 106 THR A CB  1 
ATOM   861  O OG1 . THR A 1 106 ? 2.022   -13.705 3.535   1.00 10.51 ? 106 THR A OG1 1 
ATOM   862  C CG2 . THR A 1 106 ? 3.750   -13.549 1.847   1.00 9.01  ? 106 THR A CG2 1 
ATOM   863  N N   . VAL A 1 107 ? 1.258   -10.299 3.789   1.00 7.62  ? 107 VAL A N   1 
ATOM   864  C CA  . VAL A 1 107 ? 0.025   -9.893  4.463   1.00 7.10  ? 107 VAL A CA  1 
ATOM   865  C C   . VAL A 1 107 ? -1.079  -10.046 3.415   1.00 8.19  ? 107 VAL A C   1 
ATOM   866  O O   . VAL A 1 107 ? -0.806  -9.863  2.230   1.00 8.65  ? 107 VAL A O   1 
ATOM   867  C CB  . VAL A 1 107 ? 0.097   -8.440  4.954   1.00 8.38  ? 107 VAL A CB  1 
ATOM   868  C CG1 . VAL A 1 107 ? -1.223  -7.931  5.542   1.00 9.63  ? 107 VAL A CG1 1 
ATOM   869  C CG2 . VAL A 1 107 ? 1.162   -8.299  6.034   1.00 9.30  ? 107 VAL A CG2 1 
ATOM   870  N N   . GLU A 1 108 ? -2.285  -10.437 3.830   1.00 8.19  ? 108 GLU A N   1 
ATOM   871  C CA  . GLU A 1 108 ? -3.406  -10.570 2.908   1.00 7.09  ? 108 GLU A CA  1 
ATOM   872  C C   . GLU A 1 108 ? -4.523  -9.625  3.343   1.00 7.66  ? 108 GLU A C   1 
ATOM   873  O O   . GLU A 1 108 ? -4.596  -9.344  4.534   1.00 7.80  ? 108 GLU A O   1 
ATOM   874  C CB  . GLU A 1 108 ? -3.912  -12.024 2.901   1.00 8.42  ? 108 GLU A CB  1 
ATOM   875  C CG  . GLU A 1 108 ? -2.973  -12.964 2.129   1.00 9.20  ? 108 GLU A CG  1 
ATOM   876  C CD  . GLU A 1 108 ? -1.809  -13.431 2.987   1.00 11.95 ? 108 GLU A CD  1 
ATOM   877  O OE1 . GLU A 1 108 ? -2.031  -13.823 4.145   1.00 13.23 ? 108 GLU A OE1 1 
ATOM   878  O OE2 . GLU A 1 108 ? -0.633  -13.339 2.551   1.00 13.65 ? 108 GLU A OE2 1 
ATOM   879  N N   . PHE A 1 109 ? -5.321  -9.134  2.405   1.00 6.90  ? 109 PHE A N   1 
ATOM   880  C CA  . PHE A 1 109 ? -6.378  -8.185  2.799   1.00 5.89  ? 109 PHE A CA  1 
ATOM   881  C C   . PHE A 1 109 ? -7.533  -8.435  1.841   1.00 7.77  ? 109 PHE A C   1 
ATOM   882  O O   . PHE A 1 109 ? -7.310  -8.688  0.655   1.00 6.50  ? 109 PHE A O   1 
ATOM   883  C CB  . PHE A 1 109 ? -5.806  -6.771  2.676   1.00 7.24  ? 109 PHE A CB  1 
ATOM   884  C CG  . PHE A 1 109 ? -6.823  -5.697  2.971   1.00 7.53  ? 109 PHE A CG  1 
ATOM   885  C CD1 . PHE A 1 109 ? -7.074  -5.407  4.305   1.00 8.08  ? 109 PHE A CD1 1 
ATOM   886  C CD2 . PHE A 1 109 ? -7.522  -5.044  1.981   1.00 7.68  ? 109 PHE A CD2 1 
ATOM   887  C CE1 . PHE A 1 109 ? -8.034  -4.465  4.654   1.00 6.75  ? 109 PHE A CE1 1 
ATOM   888  C CE2 . PHE A 1 109 ? -8.462  -4.083  2.310   1.00 6.76  ? 109 PHE A CE2 1 
ATOM   889  C CZ  . PHE A 1 109 ? -8.704  -3.801  3.643   1.00 8.65  ? 109 PHE A CZ  1 
ATOM   890  N N   . PRO A 1 110 ? -8.777  -8.386  2.311   1.00 7.65  ? 110 PRO A N   1 
ATOM   891  C CA  . PRO A 1 110 ? -9.895  -8.805  1.485   1.00 8.16  ? 110 PRO A CA  1 
ATOM   892  C C   . PRO A 1 110 ? -10.103 -7.777  0.370   1.00 7.35  ? 110 PRO A C   1 
ATOM   893  O O   . PRO A 1 110 ? -9.883  -6.582  0.567   1.00 7.99  ? 110 PRO A O   1 
ATOM   894  C CB  . PRO A 1 110 ? -11.094 -8.801  2.434   1.00 9.02  ? 110 PRO A CB  1 
ATOM   895  C CG  . PRO A 1 110 ? -10.668 -7.883  3.536   1.00 10.15 ? 110 PRO A CG  1 
ATOM   896  C CD  . PRO A 1 110 ? -9.180  -8.171  3.711   1.00 9.31  ? 110 PRO A CD  1 
ATOM   897  N N   . ASN A 1 111 ? -10.525 -8.292  -0.773  1.00 6.76  ? 111 ASN A N   1 
ATOM   898  C CA  . ASN A 1 111 ? -10.953 -7.458  -1.903  1.00 7.21  ? 111 ASN A CA  1 
ATOM   899  C C   . ASN A 1 111 ? -12.453 -7.239  -1.697  1.00 7.93  ? 111 ASN A C   1 
ATOM   900  O O   . ASN A 1 111 ? -13.291 -8.020  -2.168  1.00 8.17  ? 111 ASN A O   1 
ATOM   901  C CB  . ASN A 1 111 ? -10.646 -8.190  -3.202  1.00 8.04  ? 111 ASN A CB  1 
ATOM   902  C CG  . ASN A 1 111 ? -10.952 -7.493  -4.496  1.00 8.62  ? 111 ASN A CG  1 
ATOM   903  O OD1 . ASN A 1 111 ? -10.553 -7.895  -5.614  1.00 11.56 ? 111 ASN A OD1 1 
ATOM   904  N ND2 . ASN A 1 111 ? -11.735 -6.437  -4.402  1.00 6.96  ? 111 ASN A ND2 1 
ATOM   905  N N   . ARG A 1 112 ? -12.770 -6.159  -0.997  1.00 7.84  ? 112 ARG A N   1 
ATOM   906  C CA  . ARG A 1 112 ? -14.106 -5.971  -0.438  1.00 8.56  ? 112 ARG A CA  1 
ATOM   907  C C   . ARG A 1 112 ? -15.144 -5.719  -1.509  1.00 8.44  ? 112 ARG A C   1 
ATOM   908  O O   . ARG A 1 112 ? -16.304 -6.083  -1.314  1.00 8.65  ? 112 ARG A O   1 
ATOM   909  C CB  . ARG A 1 112 ? -14.061 -4.819  0.572   1.00 8.66  ? 112 ARG A CB  1 
ATOM   910  C CG  . ARG A 1 112 ? -13.270 -5.287  1.804   1.00 9.27  ? 112 ARG A CG  1 
ATOM   911  C CD  . ARG A 1 112 ? -13.119 -4.215  2.851   1.00 8.08  ? 112 ARG A CD  1 
ATOM   912  N NE  . ARG A 1 112 ? -12.615 -4.778  4.121   1.00 7.93  ? 112 ARG A NE  1 
ATOM   913  C CZ  . ARG A 1 112 ? -12.031 -4.039  5.055   1.00 7.97  ? 112 ARG A CZ  1 
ATOM   914  N NH1 . ARG A 1 112 ? -11.824 -2.729  4.913   1.00 7.32  ? 112 ARG A NH1 1 
ATOM   915  N NH2 . ARG A 1 112 ? -11.612 -4.617  6.174   1.00 9.36  ? 112 ARG A NH2 1 
ATOM   916  N N   . ASN A 1 113 ? -14.749 -5.084  -2.605  1.00 8.93  ? 113 ASN A N   1 
ATOM   917  C CA  . ASN A 1 113 ? -15.696 -4.828  -3.675  1.00 10.16 ? 113 ASN A CA  1 
ATOM   918  C C   . ASN A 1 113 ? -15.772 -5.943  -4.682  1.00 10.33 ? 113 ASN A C   1 
ATOM   919  O O   . ASN A 1 113 ? -16.594 -5.890  -5.612  1.00 8.45  ? 113 ASN A O   1 
ATOM   920  C CB  . ASN A 1 113 ? -15.268 -3.579  -4.472  1.00 11.94 ? 113 ASN A CB  1 
ATOM   921  C CG  . ASN A 1 113 ? -15.250 -2.296  -3.691  1.00 12.12 ? 113 ASN A CG  1 
ATOM   922  O OD1 . ASN A 1 113 ? -14.925 -1.270  -4.311  1.00 17.34 ? 113 ASN A OD1 1 
ATOM   923  N ND2 . ASN A 1 113 ? -15.569 -2.278  -2.424  1.00 9.28  ? 113 ASN A ND2 1 
ATOM   924  N N   . LYS A 1 114 ? -14.839 -6.905  -4.597  1.00 9.60  ? 114 LYS A N   1 
ATOM   925  C CA  . LYS A 1 114 ? -14.727 -7.945  -5.600  1.00 9.71  ? 114 LYS A CA  1 
ATOM   926  C C   . LYS A 1 114 ? -14.333 -7.330  -6.935  1.00 9.85  ? 114 LYS A C   1 
ATOM   927  O O   . LYS A 1 114 ? -14.729 -7.840  -7.975  1.00 9.52  ? 114 LYS A O   1 
ATOM   928  C CB  . LYS A 1 114 ? -16.001 -8.770  -5.757  1.00 12.72 ? 114 LYS A CB  1 
ATOM   929  C CG  . LYS A 1 114 ? -16.405 -9.468  -4.462  1.00 13.57 ? 114 LYS A CG  1 
ATOM   930  C CD  A LYS A 1 114 ? -17.641 -10.329 -4.658  0.50 11.67 ? 114 LYS A CD  1 
ATOM   931  C CD  B LYS A 1 114 ? -15.636 -10.739 -4.203  0.50 14.54 ? 114 LYS A CD  1 
ATOM   932  C CE  A LYS A 1 114 ? -17.367 -11.536 -5.540  0.50 12.32 ? 114 LYS A CE  1 
ATOM   933  C CE  B LYS A 1 114 ? -16.062 -11.826 -5.184  0.50 14.79 ? 114 LYS A CE  1 
ATOM   934  N NZ  A LYS A 1 114 ? -18.572 -12.395 -5.703  0.50 11.90 ? 114 LYS A NZ  1 
ATOM   935  N NZ  B LYS A 1 114 ? -17.524 -12.087 -5.102  0.50 15.66 ? 114 LYS A NZ  1 
ATOM   936  N N   . ASP A 1 115 ? -13.529 -6.282  -6.901  1.00 9.28  ? 115 ASP A N   1 
ATOM   937  C CA  . ASP A 1 115 ? -13.041 -5.652  -8.116  1.00 10.14 ? 115 ASP A CA  1 
ATOM   938  C C   . ASP A 1 115 ? -12.101 -6.590  -8.862  1.00 9.71  ? 115 ASP A C   1 
ATOM   939  O O   . ASP A 1 115 ? -11.265 -7.281  -8.268  1.00 9.70  ? 115 ASP A O   1 
ATOM   940  C CB  . ASP A 1 115 ? -12.280 -4.363  -7.814  1.00 12.03 ? 115 ASP A CB  1 
ATOM   941  C CG  . ASP A 1 115 ? -13.076 -3.232  -7.194  1.00 13.73 ? 115 ASP A CG  1 
ATOM   942  O OD1 . ASP A 1 115 ? -12.690 -2.689  -6.127  1.00 16.55 ? 115 ASP A OD1 1 
ATOM   943  O OD2 . ASP A 1 115 ? -14.102 -2.894  -7.787  1.00 13.23 ? 115 ASP A OD2 1 
ATOM   944  N N   . ALA A 1 116 ? -12.139 -6.497  -10.204 1.00 8.07  ? 116 ALA A N   1 
ATOM   945  C CA  . ALA A 1 116 ? -11.205 -7.308  -10.991 1.00 7.50  ? 116 ALA A CA  1 
ATOM   946  C C   . ALA A 1 116 ? -10.122 -6.421  -11.600 1.00 6.48  ? 116 ALA A C   1 
ATOM   947  O O   . ALA A 1 116 ? -9.274  -6.897  -12.342 1.00 8.38  ? 116 ALA A O   1 
ATOM   948  C CB  . ALA A 1 116 ? -11.985 -8.060  -12.070 1.00 8.69  ? 116 ALA A CB  1 
ATOM   949  N N   . ALA A 1 117 ? -10.179 -5.113  -11.350 1.00 7.16  ? 117 ALA A N   1 
ATOM   950  C CA  . ALA A 1 117 ? -9.162  -4.200  -11.891 1.00 7.40  ? 117 ALA A CA  1 
ATOM   951  C C   . ALA A 1 117 ? -9.212  -2.839  -11.219 1.00 8.07  ? 117 ALA A C   1 
ATOM   952  O O   . ALA A 1 117 ? -10.262 -2.456  -10.699 1.00 8.69  ? 117 ALA A O   1 
ATOM   953  C CB  . ALA A 1 117 ? -9.395  -3.938  -13.381 1.00 9.17  ? 117 ALA A CB  1 
ATOM   954  N N   . PHE A 1 118 ? -8.067  -2.153  -11.175 1.00 6.30  ? 118 PHE A N   1 
ATOM   955  C CA  . PHE A 1 118 ? -7.910  -0.884  -10.493 1.00 6.96  ? 118 PHE A CA  1 
ATOM   956  C C   . PHE A 1 118 ? -7.156  0.081   -11.406 1.00 8.30  ? 118 PHE A C   1 
ATOM   957  O O   . PHE A 1 118 ? -6.154  -0.354  -11.974 1.00 6.96  ? 118 PHE A O   1 
ATOM   958  C CB  . PHE A 1 118 ? -7.059  -1.029  -9.201  1.00 7.19  ? 118 PHE A CB  1 
ATOM   959  C CG  . PHE A 1 118 ? -7.678  -2.078  -8.317  1.00 7.05  ? 118 PHE A CG  1 
ATOM   960  C CD1 . PHE A 1 118 ? -8.821  -1.765  -7.597  1.00 8.27  ? 118 PHE A CD1 1 
ATOM   961  C CD2 . PHE A 1 118 ? -7.140  -3.359  -8.292  1.00 7.32  ? 118 PHE A CD2 1 
ATOM   962  C CE1 . PHE A 1 118 ? -9.428  -2.745  -6.815  1.00 7.17  ? 118 PHE A CE1 1 
ATOM   963  C CE2 . PHE A 1 118 ? -7.742  -4.343  -7.517  1.00 8.12  ? 118 PHE A CE2 1 
ATOM   964  C CZ  . PHE A 1 118 ? -8.890  -4.018  -6.805  1.00 8.36  ? 118 PHE A CZ  1 
ATOM   965  N N   . ASN A 1 119 ? -7.614  1.329   -11.475 1.00 6.86  ? 119 ASN A N   1 
ATOM   966  C CA  . ASN A 1 119 ? -6.912  2.285   -12.317 1.00 9.64  ? 119 ASN A CA  1 
ATOM   967  C C   . ASN A 1 119 ? -5.972  3.199   -11.562 1.00 8.71  ? 119 ASN A C   1 
ATOM   968  O O   . ASN A 1 119 ? -5.417  4.091   -12.210 1.00 10.52 ? 119 ASN A O   1 
ATOM   969  C CB  . ASN A 1 119 ? -7.951  3.170   -13.044 1.00 11.59 ? 119 ASN A CB  1 
ATOM   970  C CG  . ASN A 1 119 ? -8.619  2.375   -14.147 1.00 14.72 ? 119 ASN A CG  1 
ATOM   971  O OD1 . ASN A 1 119 ? -7.948  1.681   -14.896 1.00 15.68 ? 119 ASN A OD1 1 
ATOM   972  N ND2 . ASN A 1 119 ? -9.945  2.503   -14.246 1.00 17.43 ? 119 ASN A ND2 1 
ATOM   973  N N   . LEU A 1 120 ? -5.740  3.031   -10.263 1.00 7.89  ? 120 LEU A N   1 
ATOM   974  C CA  . LEU A 1 120 ? -4.841  3.987   -9.621  1.00 7.42  ? 120 LEU A CA  1 
ATOM   975  C C   . LEU A 1 120 ? -4.030  3.248   -8.547  1.00 7.62  ? 120 LEU A C   1 
ATOM   976  O O   . LEU A 1 120 ? -4.626  2.475   -7.810  1.00 5.62  ? 120 LEU A O   1 
ATOM   977  C CB  . LEU A 1 120 ? -5.608  5.130   -8.944  1.00 7.77  ? 120 LEU A CB  1 
ATOM   978  C CG  . LEU A 1 120 ? -4.744  6.078   -8.093  1.00 9.23  ? 120 LEU A CG  1 
ATOM   979  C CD1 . LEU A 1 120 ? -3.710  6.805   -8.941  1.00 10.06 ? 120 LEU A CD1 1 
ATOM   980  C CD2 . LEU A 1 120 ? -5.599  7.112   -7.377  1.00 9.54  ? 120 LEU A CD2 1 
ATOM   981  N N   . ILE A 1 121 ? -2.735  3.447   -8.601  1.00 6.90  ? 121 ILE A N   1 
ATOM   982  C CA  . ILE A 1 121 ? -1.816  2.953   -7.571  1.00 5.55  ? 121 ILE A CA  1 
ATOM   983  C C   . ILE A 1 121 ? -1.053  4.175   -7.087  1.00 5.91  ? 121 ILE A C   1 
ATOM   984  O O   . ILE A 1 121 ? -0.558  4.928   -7.940  1.00 6.48  ? 121 ILE A O   1 
ATOM   985  C CB  . ILE A 1 121 ? -0.859  1.941   -8.215  1.00 6.89  ? 121 ILE A CB  1 
ATOM   986  C CG1 . ILE A 1 121 ? -1.608  0.655   -8.607  1.00 6.42  ? 121 ILE A CG1 1 
ATOM   987  C CG2 . ILE A 1 121 ? 0.303   1.575   -7.288  1.00 7.05  ? 121 ILE A CG2 1 
ATOM   988  C CD1 . ILE A 1 121 ? -0.927  0.031   -9.833  1.00 10.45 ? 121 ILE A CD1 1 
ATOM   989  N N   . TYR A 1 122 ? -0.955  4.433   -5.777  1.00 5.01  ? 122 TYR A N   1 
ATOM   990  C CA  . TYR A 1 122 ? -0.140  5.594   -5.412  1.00 5.55  ? 122 TYR A CA  1 
ATOM   991  C C   . TYR A 1 122 ? 0.520   5.408   -4.053  1.00 6.10  ? 122 TYR A C   1 
ATOM   992  O O   . TYR A 1 122 ? 0.065   4.645   -3.216  1.00 7.05  ? 122 TYR A O   1 
ATOM   993  C CB  . TYR A 1 122 ? -0.940  6.869   -5.462  1.00 6.21  ? 122 TYR A CB  1 
ATOM   994  C CG  . TYR A 1 122 ? -1.978  7.190   -4.430  1.00 7.57  ? 122 TYR A CG  1 
ATOM   995  C CD1 . TYR A 1 122 ? -1.657  7.904   -3.277  1.00 7.86  ? 122 TYR A CD1 1 
ATOM   996  C CD2 . TYR A 1 122 ? -3.308  6.861   -4.615  1.00 8.58  ? 122 TYR A CD2 1 
ATOM   997  C CE1 . TYR A 1 122 ? -2.609  8.273   -2.343  1.00 7.80  ? 122 TYR A CE1 1 
ATOM   998  C CE2 . TYR A 1 122 ? -4.278  7.219   -3.680  1.00 8.56  ? 122 TYR A CE2 1 
ATOM   999  C CZ  . TYR A 1 122 ? -3.925  7.908   -2.549  1.00 8.38  ? 122 TYR A CZ  1 
ATOM   1000 O OH  . TYR A 1 122 ? -4.913  8.278   -1.646  1.00 9.40  ? 122 TYR A OH  1 
ATOM   1001 N N   . LEU A 1 123 ? 1.626   6.109   -3.892  1.00 6.43  ? 123 LEU A N   1 
ATOM   1002 C CA  . LEU A 1 123 ? 2.292   6.182   -2.583  1.00 7.51  ? 123 LEU A CA  1 
ATOM   1003 C C   . LEU A 1 123 ? 2.099   7.593   -2.051  1.00 8.58  ? 123 LEU A C   1 
ATOM   1004 O O   . LEU A 1 123 ? 2.197   8.549   -2.815  1.00 8.45  ? 123 LEU A O   1 
ATOM   1005 C CB  . LEU A 1 123 ? 3.778   5.834   -2.732  1.00 7.88  ? 123 LEU A CB  1 
ATOM   1006 C CG  . LEU A 1 123 ? 4.532   5.896   -1.376  1.00 9.57  ? 123 LEU A CG  1 
ATOM   1007 C CD1 . LEU A 1 123 ? 5.620   4.840   -1.322  1.00 9.15  ? 123 LEU A CD1 1 
ATOM   1008 C CD2 . LEU A 1 123 ? 5.145   7.270   -1.237  1.00 10.78 ? 123 LEU A CD2 1 
ATOM   1009 N N   . ALA A 1 124 ? 1.802   7.678   -0.758  1.00 8.45  ? 124 ALA A N   1 
ATOM   1010 C CA  . ALA A 1 124 ? 1.629   8.976   -0.124  1.00 8.90  ? 124 ALA A CA  1 
ATOM   1011 C C   . ALA A 1 124 ? 2.360   8.979   1.220   1.00 8.80  ? 124 ALA A C   1 
ATOM   1012 O O   . ALA A 1 124 ? 2.735   7.920   1.736   1.00 7.81  ? 124 ALA A O   1 
ATOM   1013 C CB  . ALA A 1 124 ? 0.147   9.257   0.090   1.00 9.39  ? 124 ALA A CB  1 
ATOM   1014 N N   . GLY A 1 125 ? 2.691   10.190  1.672   1.00 8.70  ? 125 GLY A N   1 
ATOM   1015 C CA  . GLY A 1 125 ? 3.316   10.285  2.997   1.00 7.71  ? 125 GLY A CA  1 
ATOM   1016 C C   . GLY A 1 125 ? 4.844   10.296  2.888   1.00 7.42  ? 125 GLY A C   1 
ATOM   1017 O O   . GLY A 1 125 ? 5.458   10.680  1.876   1.00 7.59  ? 125 GLY A O   1 
ATOM   1018 N N   . ASP A 1 126 ? 5.499   9.813   3.964   1.00 5.82  ? 126 ASP A N   1 
ATOM   1019 C CA  . ASP A 1 126 ? 6.910   10.131  4.174   1.00 6.26  ? 126 ASP A CA  1 
ATOM   1020 C C   . ASP A 1 126 ? 7.836   9.072   3.560   1.00 6.18  ? 126 ASP A C   1 
ATOM   1021 O O   . ASP A 1 126 ? 8.671   8.459   4.231   1.00 6.43  ? 126 ASP A O   1 
ATOM   1022 C CB  . ASP A 1 126 ? 7.200   10.272  5.662   1.00 7.87  ? 126 ASP A CB  1 
ATOM   1023 C CG  . ASP A 1 126 ? 6.556   11.505  6.279   1.00 10.93 ? 126 ASP A CG  1 
ATOM   1024 O OD1 . ASP A 1 126 ? 6.348   11.473  7.511   1.00 10.01 ? 126 ASP A OD1 1 
ATOM   1025 O OD2 . ASP A 1 126 ? 6.289   12.500  5.570   1.00 8.16  ? 126 ASP A OD2 1 
ATOM   1026 N N   . ALA A 1 127 ? 7.714   8.928   2.244   1.00 6.01  ? 127 ALA A N   1 
ATOM   1027 C CA  . ALA A 1 127 ? 8.593   8.018   1.516   1.00 5.82  ? 127 ALA A CA  1 
ATOM   1028 C C   . ALA A 1 127 ? 8.562   8.431   0.043   1.00 6.38  ? 127 ALA A C   1 
ATOM   1029 O O   . ALA A 1 127 ? 7.853   9.361   -0.322  1.00 6.03  ? 127 ALA A O   1 
ATOM   1030 C CB  . ALA A 1 127 ? 8.164   6.562   1.610   1.00 3.93  ? 127 ALA A CB  1 
ATOM   1031 N N   . ARG A 1 128 ? 9.379   7.755   -0.745  1.00 6.60  ? 128 ARG A N   1 
ATOM   1032 C CA  . ARG A 1 128 ? 9.352   8.071   -2.179  1.00 7.66  ? 128 ARG A CA  1 
ATOM   1033 C C   . ARG A 1 128 ? 9.459   6.753   -2.930  1.00 7.46  ? 128 ARG A C   1 
ATOM   1034 O O   . ARG A 1 128 ? 10.009  5.804   -2.384  1.00 7.38  ? 128 ARG A O   1 
ATOM   1035 C CB  . ARG A 1 128 ? 10.507  9.003   -2.546  1.00 8.11  ? 128 ARG A CB  1 
ATOM   1036 C CG  . ARG A 1 128 ? 11.906  8.453   -2.228  1.00 9.87  ? 128 ARG A CG  1 
ATOM   1037 C CD  . ARG A 1 128 ? 12.917  9.626   -2.248  1.00 11.76 ? 128 ARG A CD  1 
ATOM   1038 N NE  . ARG A 1 128 ? 14.255  9.235   -1.849  1.00 13.05 ? 128 ARG A NE  1 
ATOM   1039 C CZ  . ARG A 1 128 ? 15.141  8.538   -2.552  1.00 14.14 ? 128 ARG A CZ  1 
ATOM   1040 N NH1 . ARG A 1 128 ? 14.872  8.147   -3.789  1.00 13.32 ? 128 ARG A NH1 1 
ATOM   1041 N NH2 . ARG A 1 128 ? 16.346  8.213   -2.036  1.00 14.66 ? 128 ARG A NH2 1 
ATOM   1042 N N   . LEU A 1 129 ? 8.950   6.722   -4.163  1.00 6.74  ? 129 LEU A N   1 
ATOM   1043 C CA  . LEU A 1 129 ? 9.161   5.520   -4.977  1.00 7.18  ? 129 LEU A CA  1 
ATOM   1044 C C   . LEU A 1 129 ? 10.380  5.656   -5.882  1.00 6.39  ? 129 LEU A C   1 
ATOM   1045 O O   . LEU A 1 129 ? 10.666  6.755   -6.357  1.00 6.49  ? 129 LEU A O   1 
ATOM   1046 C CB  . LEU A 1 129 ? 7.893   5.264   -5.821  1.00 5.99  ? 129 LEU A CB  1 
ATOM   1047 C CG  . LEU A 1 129 ? 6.693   4.696   -5.052  1.00 5.91  ? 129 LEU A CG  1 
ATOM   1048 C CD1 . LEU A 1 129 ? 5.535   4.383   -6.013  1.00 6.39  ? 129 LEU A CD1 1 
ATOM   1049 C CD2 . LEU A 1 129 ? 7.061   3.450   -4.259  1.00 6.02  ? 129 LEU A CD2 1 
ATOM   1050 N N   . THR A 1 130 ? 11.064  4.528   -6.108  1.00 6.20  ? 130 THR A N   1 
ATOM   1051 C CA  . THR A 1 130 ? 12.206  4.466   -6.980  1.00 7.21  ? 130 THR A CA  1 
ATOM   1052 C C   . THR A 1 130 ? 12.018  3.545   -8.184  1.00 7.34  ? 130 THR A C   1 
ATOM   1053 O O   . THR A 1 130 ? 12.772  3.754   -9.147  1.00 6.89  ? 130 THR A O   1 
ATOM   1054 C CB  . THR A 1 130 ? 13.482  3.981   -6.243  1.00 8.74  ? 130 THR A CB  1 
ATOM   1055 O OG1 . THR A 1 130 ? 13.216  2.698   -5.658  1.00 9.69  ? 130 THR A OG1 1 
ATOM   1056 C CG2 . THR A 1 130 ? 13.836  4.984   -5.153  1.00 8.71  ? 130 THR A CG2 1 
ATOM   1057 N N   . PHE A 1 131 ? 11.129  2.561   -8.132  1.00 6.44  ? 131 PHE A N   1 
ATOM   1058 C CA  . PHE A 1 131 ? 10.890  1.792   -9.363  1.00 6.08  ? 131 PHE A CA  1 
ATOM   1059 C C   . PHE A 1 131 ? 9.505   1.152   -9.298  1.00 6.00  ? 131 PHE A C   1 
ATOM   1060 O O   . PHE A 1 131 ? 8.955   0.983   -8.217  1.00 5.11  ? 131 PHE A O   1 
ATOM   1061 C CB  . PHE A 1 131 ? 11.951  0.701   -9.572  1.00 6.53  ? 131 PHE A CB  1 
ATOM   1062 C CG  . PHE A 1 131 ? 11.857  -0.550  -8.758  1.00 8.67  ? 131 PHE A CG  1 
ATOM   1063 C CD1 . PHE A 1 131 ? 12.559  -0.696  -7.574  1.00 9.64  ? 131 PHE A CD1 1 
ATOM   1064 C CD2 . PHE A 1 131 ? 11.086  -1.624  -9.211  1.00 9.19  ? 131 PHE A CD2 1 
ATOM   1065 C CE1 . PHE A 1 131 ? 12.491  -1.859  -6.818  1.00 9.33  ? 131 PHE A CE1 1 
ATOM   1066 C CE2 . PHE A 1 131 ? 11.002  -2.792  -8.465  1.00 10.51 ? 131 PHE A CE2 1 
ATOM   1067 C CZ  . PHE A 1 131 ? 11.708  -2.892  -7.281  1.00 9.38  ? 131 PHE A CZ  1 
ATOM   1068 N N   . VAL A 1 132 ? 8.998   0.730   -10.448 1.00 4.79  ? 132 VAL A N   1 
ATOM   1069 C CA  . VAL A 1 132 ? 7.701   0.030   -10.470 1.00 4.42  ? 132 VAL A CA  1 
ATOM   1070 C C   . VAL A 1 132 ? 7.710   -1.005  -11.589 1.00 5.77  ? 132 VAL A C   1 
ATOM   1071 O O   . VAL A 1 132 ? 8.159   -0.720  -12.709 1.00 6.66  ? 132 VAL A O   1 
ATOM   1072 C CB  . VAL A 1 132 ? 6.510   0.991   -10.605 1.00 5.06  ? 132 VAL A CB  1 
ATOM   1073 C CG1 . VAL A 1 132 ? 6.561   1.811   -11.899 1.00 6.06  ? 132 VAL A CG1 1 
ATOM   1074 C CG2 . VAL A 1 132 ? 5.194   0.201   -10.529 1.00 4.58  ? 132 VAL A CG2 1 
ATOM   1075 N N   . ARG A 1 133 ? 7.168   -2.185  -11.319 1.00 5.67  ? 133 ARG A N   1 
ATOM   1076 C CA  . ARG A 1 133 ? 6.808   -3.138  -12.365 1.00 6.25  ? 133 ARG A CA  1 
ATOM   1077 C C   . ARG A 1 133 ? 5.317   -3.456  -12.222 1.00 6.21  ? 133 ARG A C   1 
ATOM   1078 O O   . ARG A 1 133 ? 4.935   -3.933  -11.151 1.00 7.47  ? 133 ARG A O   1 
ATOM   1079 C CB  . ARG A 1 133 ? 7.625   -4.424  -12.281 1.00 8.92  ? 133 ARG A CB  1 
ATOM   1080 C CG  . ARG A 1 133 ? 9.127   -4.163  -12.475 1.00 10.40 ? 133 ARG A CG  1 
ATOM   1081 C CD  . ARG A 1 133 ? 9.829   -5.491  -12.754 1.00 13.64 ? 133 ARG A CD  1 
ATOM   1082 N NE  . ARG A 1 133 ? 9.752   -6.385  -11.606 1.00 14.48 ? 133 ARG A NE  1 
ATOM   1083 C CZ  . ARG A 1 133 ? 10.614  -6.366  -10.590 1.00 15.30 ? 133 ARG A CZ  1 
ATOM   1084 N NH1 . ARG A 1 133 ? 11.642  -5.551  -10.536 1.00 15.07 ? 133 ARG A NH1 1 
ATOM   1085 N NH2 . ARG A 1 133 ? 10.462  -7.230  -9.588  1.00 15.65 ? 133 ARG A NH2 1 
ATOM   1086 N N   . LEU A 1 134 ? 4.518   -3.161  -13.226 1.00 5.55  ? 134 LEU A N   1 
ATOM   1087 C CA  . LEU A 1 134 ? 3.100   -3.565  -13.192 1.00 5.94  ? 134 LEU A CA  1 
ATOM   1088 C C   . LEU A 1 134 ? 2.862   -4.354  -14.477 1.00 6.51  ? 134 LEU A C   1 
ATOM   1089 O O   . LEU A 1 134 ? 2.916   -3.735  -15.539 1.00 7.52  ? 134 LEU A O   1 
ATOM   1090 C CB  . LEU A 1 134 ? 2.226   -2.313  -13.167 1.00 7.00  ? 134 LEU A CB  1 
ATOM   1091 C CG  . LEU A 1 134 ? 0.712   -2.520  -13.285 1.00 8.09  ? 134 LEU A CG  1 
ATOM   1092 C CD1 . LEU A 1 134 ? 0.215   -3.344  -12.096 1.00 7.47  ? 134 LEU A CD1 1 
ATOM   1093 C CD2 . LEU A 1 134 ? 0.047   -1.149  -13.354 1.00 7.16  ? 134 LEU A CD2 1 
ATOM   1094 N N   . GLU A 1 135 ? 2.634   -5.654  -14.368 1.00 6.39  ? 135 GLU A N   1 
ATOM   1095 C CA  . GLU A 1 135 ? 2.621   -6.458  -15.589 1.00 8.37  ? 135 GLU A CA  1 
ATOM   1096 C C   . GLU A 1 135 ? 1.990   -7.810  -15.276 1.00 7.88  ? 135 GLU A C   1 
ATOM   1097 O O   . GLU A 1 135 ? 1.574   -8.480  -16.249 1.00 9.88  ? 135 GLU A O   1 
ATOM   1098 C CB  . GLU A 1 135 ? 4.037   -6.643  -16.137 1.00 9.86  ? 135 GLU A CB  1 
ATOM   1099 C CG  . GLU A 1 135 ? 4.994   -7.367  -15.199 1.00 12.99 ? 135 GLU A CG  1 
ATOM   1100 C CD  . GLU A 1 135 ? 6.431   -7.299  -15.729 1.00 15.74 ? 135 GLU A CD  1 
ATOM   1101 O OE1 . GLU A 1 135 ? 7.342   -7.236  -14.860 1.00 13.76 ? 135 GLU A OE1 1 
ATOM   1102 O OE2 . GLU A 1 135 ? 6.595   -7.255  -16.973 1.00 16.07 ? 135 GLU A OE2 1 
ATOM   1103 O OXT . GLU A 1 135 ? 1.901   -8.148  -14.094 1.00 8.75  ? 135 GLU A OXT 1 
HETATM 1104 C C1  . GLC B 2 .   ? -8.159  5.833   14.835  1.00 23.13 ? 1   GLC B C1  1 
HETATM 1105 C C2  . GLC B 2 .   ? -7.439  4.663   14.221  1.00 21.97 ? 1   GLC B C2  1 
HETATM 1106 C C3  . GLC B 2 .   ? -6.496  5.151   13.132  1.00 20.70 ? 1   GLC B C3  1 
HETATM 1107 C C4  . GLC B 2 .   ? -7.247  6.016   12.135  1.00 20.75 ? 1   GLC B C4  1 
HETATM 1108 C C5  . GLC B 2 .   ? -7.945  7.158   12.872  1.00 23.35 ? 1   GLC B C5  1 
HETATM 1109 C C6  . GLC B 2 .   ? -8.750  8.051   11.991  1.00 24.16 ? 1   GLC B C6  1 
HETATM 1110 O O1  . GLC B 2 .   ? -6.921  6.576   15.306  1.00 64.20 ? 1   GLC B O1  1 
HETATM 1111 O O2  . GLC B 2 .   ? -6.640  3.997   15.195  1.00 21.74 ? 1   GLC B O2  1 
HETATM 1112 O O3  . GLC B 2 .   ? -5.844  4.095   12.475  1.00 16.54 ? 1   GLC B O3  1 
HETATM 1113 O O4  . GLC B 2 .   ? -6.324  6.593   11.265  1.00 19.74 ? 1   GLC B O4  1 
HETATM 1114 O O5  . GLC B 2 .   ? -8.855  6.562   13.823  1.00 24.48 ? 1   GLC B O5  1 
HETATM 1115 O O6  . GLC B 2 .   ? -9.649  7.314   11.133  1.00 25.89 ? 1   GLC B O6  1 
HETATM 1116 C C1  . GAL B 2 .   ? -6.633  6.505   9.892   1.00 18.23 ? 2   GAL B C1  1 
HETATM 1117 C C2  . GAL B 2 .   ? -5.598  7.395   9.183   1.00 18.11 ? 2   GAL B C2  1 
HETATM 1118 C C3  . GAL B 2 .   ? -5.897  7.314   7.852   1.00 17.04 ? 2   GAL B C3  1 
HETATM 1119 C C4  . GAL B 2 .   ? -5.720  5.855   7.232   1.00 14.17 ? 2   GAL B C4  1 
HETATM 1120 C C5  . GAL B 2 .   ? -6.691  5.038   8.075   1.00 13.83 ? 2   GAL B C5  1 
HETATM 1121 C C6  . GAL B 2 .   ? -6.634  3.547   7.784   1.00 12.61 ? 2   GAL B C6  1 
HETATM 1122 O O2  . GAL B 2 .   ? -5.769  8.700   9.717   1.00 18.05 ? 2   GAL B O2  1 
HETATM 1123 O O3  . GAL B 2 .   ? -5.076  8.203   6.993   1.00 17.79 ? 2   GAL B O3  1 
HETATM 1124 O O4  . GAL B 2 .   ? -4.384  5.365   7.390   1.00 11.05 ? 2   GAL B O4  1 
HETATM 1125 O O5  . GAL B 2 .   ? -6.377  5.169   9.474   1.00 14.33 ? 2   GAL B O5  1 
HETATM 1126 O O6  . GAL B 2 .   ? -7.661  2.992   8.624   1.00 12.45 ? 2   GAL B O6  1 
HETATM 1127 O O1  . MES C 3 .   ? -5.824  8.427   2.319   1.00 12.89 ? 777 MES A O1  1 
HETATM 1128 C C2  . MES C 3 .   ? -6.489  9.183   1.288   1.00 11.86 ? 777 MES A C2  1 
HETATM 1129 C C3  . MES C 3 .   ? -5.594  10.366  0.969   1.00 12.63 ? 777 MES A C3  1 
HETATM 1130 N N4  . MES C 3 .   ? -4.343  9.829   0.567   1.00 14.15 ? 777 MES A N4  1 
HETATM 1131 C C5  . MES C 3 .   ? -3.595  9.078   1.481   1.00 12.71 ? 777 MES A C5  1 
HETATM 1132 C C6  . MES C 3 .   ? -4.543  7.912   1.896   1.00 12.66 ? 777 MES A C6  1 
HETATM 1133 C C7  . MES C 3 .   ? -3.307  10.836  0.414   1.00 14.49 ? 777 MES A C7  1 
HETATM 1134 C C8  . MES C 3 .   ? -3.618  11.638  -0.820  1.00 16.30 ? 777 MES A C8  1 
HETATM 1135 S S   . MES C 3 .   ? -2.341  12.950  -1.081  1.00 16.07 ? 777 MES A S   1 
HETATM 1136 O O1S . MES C 3 .   ? -2.843  13.471  -2.309  1.00 18.83 ? 777 MES A O1S 1 
HETATM 1137 O O2S . MES C 3 .   ? -1.265  12.148  -1.543  1.00 17.51 ? 777 MES A O2S 1 
HETATM 1138 O O3S . MES C 3 .   ? -1.961  13.630  0.104   1.00 13.56 ? 777 MES A O3S 1 
HETATM 1139 O O   . HOH D 4 .   ? 8.362   9.270   -5.156  1.00 9.58  ? 801 HOH A O   1 
HETATM 1140 O O   . HOH D 4 .   ? -2.835  2.496   -13.053 1.00 8.07  ? 802 HOH A O   1 
HETATM 1141 O O   . HOH D 4 .   ? -3.504  -9.460  -9.653  1.00 9.14  ? 803 HOH A O   1 
HETATM 1142 O O   . HOH D 4 .   ? 5.505   -7.128  -10.749 1.00 16.91 ? 804 HOH A O   1 
HETATM 1143 O O   . HOH D 4 .   ? 12.878  8.838   1.240   1.00 13.48 ? 805 HOH A O   1 
HETATM 1144 O O   . HOH D 4 .   ? 6.137   13.582  3.251   1.00 23.17 ? 806 HOH A O   1 
HETATM 1145 O O   . HOH D 4 .   ? 0.729   7.519   5.287   1.00 8.42  ? 807 HOH A O   1 
HETATM 1146 O O   . HOH D 4 .   ? -11.483 -0.428  -9.230  1.00 16.13 ? 808 HOH A O   1 
HETATM 1147 O O   . HOH D 4 .   ? -11.938 -0.134  -6.629  1.00 12.45 ? 809 HOH A O   1 
HETATM 1148 O O   . HOH D 4 .   ? -11.684 1.952   -4.723  1.00 13.90 ? 810 HOH A O   1 
HETATM 1149 O O   . HOH D 4 .   ? -15.470 4.313   -3.345  1.00 11.17 ? 811 HOH A O   1 
HETATM 1150 O O   . HOH D 4 .   ? -13.014 1.550   -2.254  1.00 10.53 ? 812 HOH A O   1 
HETATM 1151 O O   . HOH D 4 .   ? -10.599 -4.262  -0.050  1.00 24.36 ? 813 HOH A O   1 
HETATM 1152 O O   . HOH D 4 .   ? -15.750 -0.864  -7.299  1.00 11.36 ? 814 HOH A O   1 
HETATM 1153 O O   . HOH D 4 .   ? -6.513  13.364  -0.814  1.00 8.59  ? 815 HOH A O   1 
HETATM 1154 O O   . HOH D 4 .   ? 4.844   -2.665  1.855   1.00 15.29 ? 816 HOH A O   1 
HETATM 1155 O O   . HOH D 4 .   ? 7.583   -4.136  1.716   1.00 18.51 ? 817 HOH A O   1 
HETATM 1156 O O   . HOH D 4 .   ? 2.089   12.005  10.129  1.00 15.54 ? 818 HOH A O   1 
HETATM 1157 O O   . HOH D 4 .   ? -14.537 -1.264  1.276   1.00 7.76  ? 819 HOH A O   1 
HETATM 1158 O O   . HOH D 4 .   ? -6.067  -7.040  12.245  1.00 23.97 ? 820 HOH A O   1 
HETATM 1159 O O   . HOH D 4 .   ? 12.688  0.232   4.630   1.00 9.65  ? 821 HOH A O   1 
HETATM 1160 O O   . HOH D 4 .   ? 0.316   -12.322 0.343   1.00 14.79 ? 822 HOH A O   1 
HETATM 1161 O O   . HOH D 4 .   ? 4.597   -14.114 6.401   1.00 8.43  ? 823 HOH A O   1 
HETATM 1162 O O   . HOH D 4 .   ? 6.231   -14.853 8.578   1.00 14.59 ? 824 HOH A O   1 
HETATM 1163 O O   . HOH D 4 .   ? -14.604 -10.171 -1.234  1.00 17.25 ? 825 HOH A O   1 
HETATM 1164 O O   . HOH D 4 .   ? -12.079 -4.043  -3.801  1.00 14.49 ? 826 HOH A O   1 
HETATM 1165 O O   . HOH D 4 .   ? -11.944 -3.020  -1.528  1.00 24.70 ? 827 HOH A O   1 
HETATM 1166 O O   . HOH D 4 .   ? -14.202 9.056   1.888   1.00 21.19 ? 828 HOH A O   1 
HETATM 1167 O O   . HOH D 4 .   ? 1.667   -7.729  -19.021 1.00 20.32 ? 829 HOH A O   1 
HETATM 1168 O O   . HOH D 4 .   ? -14.311 1.492   -6.622  1.00 16.80 ? 830 HOH A O   1 
HETATM 1169 O O   . HOH D 4 .   ? 18.629  4.352   7.351   1.00 13.51 ? 831 HOH A O   1 
HETATM 1170 O O   . HOH D 4 .   ? 1.941   -10.940 -3.983  1.00 24.25 ? 832 HOH A O   1 
HETATM 1171 O O   . HOH D 4 .   ? -7.321  13.497  1.945   1.00 10.67 ? 833 HOH A O   1 
HETATM 1172 O O   . HOH D 4 .   ? 6.868   -11.879 14.768  1.00 15.26 ? 834 HOH A O   1 
HETATM 1173 O O   . HOH D 4 .   ? 13.253  3.045   11.198  1.00 15.26 ? 835 HOH A O   1 
HETATM 1174 O O   . HOH D 4 .   ? -8.605  11.208  10.800  1.00 17.74 ? 836 HOH A O   1 
HETATM 1175 O O   . HOH D 4 .   ? -4.771  -7.566  6.620   1.00 18.57 ? 837 HOH A O   1 
HETATM 1176 O O   . HOH D 4 .   ? 13.037  13.619  6.406   1.00 22.44 ? 838 HOH A O   1 
HETATM 1177 O O   . HOH D 4 .   ? -5.507  -0.819  -20.877 1.00 8.03  ? 839 HOH A O   1 
HETATM 1178 O O   . HOH D 4 .   ? -10.214 0.830   -17.749 1.00 37.85 ? 840 HOH A O   1 
HETATM 1179 O O   . HOH D 4 .   ? -9.300  -3.246  -16.786 1.00 33.10 ? 841 HOH A O   1 
HETATM 1180 O O   . HOH D 4 .   ? 18.502  6.226   -3.561  1.00 31.60 ? 842 HOH A O   1 
HETATM 1181 O O   . HOH D 4 .   ? -10.238 11.905  -5.603  1.00 34.60 ? 843 HOH A O   1 
HETATM 1182 O O   . HOH D 4 .   ? 10.409  -3.176  12.775  1.00 23.60 ? 844 HOH A O   1 
HETATM 1183 O O   . HOH D 4 .   ? 11.014  3.218   13.399  1.00 30.85 ? 845 HOH A O   1 
HETATM 1184 O O   . HOH D 4 .   ? 9.138   -7.256  11.595  1.00 10.28 ? 846 HOH A O   1 
HETATM 1185 O O   . HOH D 4 .   ? 5.926   -9.694  13.269  1.00 14.11 ? 847 HOH A O   1 
HETATM 1186 O O   . HOH D 4 .   ? 5.816   6.036   21.243  1.00 44.02 ? 848 HOH A O   1 
HETATM 1187 O O   . HOH D 4 .   ? -2.453  -11.404 6.561   1.00 15.04 ? 849 HOH A O   1 
HETATM 1188 O O   . HOH D 4 .   ? 2.253   0.361   18.139  1.00 21.21 ? 850 HOH A O   1 
HETATM 1189 O O   . HOH D 4 .   ? -1.399  7.768   3.660   1.00 14.56 ? 851 HOH A O   1 
HETATM 1190 O O   . HOH D 4 .   ? 16.804  4.831   10.410  1.00 15.88 ? 852 HOH A O   1 
HETATM 1191 O O   . HOH D 4 .   ? 16.947  7.569   10.337  1.00 19.62 ? 853 HOH A O   1 
HETATM 1192 O O   . HOH D 4 .   ? 4.458   -12.051 -4.469  1.00 22.28 ? 854 HOH A O   1 
HETATM 1193 O O   . HOH D 4 .   ? -8.223  10.243  5.206   1.00 28.08 ? 855 HOH A O   1 
HETATM 1194 O O   . HOH D 4 .   ? 3.552   -10.787 12.901  1.00 30.25 ? 856 HOH A O   1 
HETATM 1195 O O   . HOH D 4 .   ? -11.516 0.122   12.001  1.00 18.09 ? 857 HOH A O   1 
HETATM 1196 O O   . HOH D 4 .   ? 14.975  11.307  3.945   1.00 18.05 ? 858 HOH A O   1 
HETATM 1197 O O   . HOH D 4 .   ? -7.041  1.211   -20.166 1.00 21.13 ? 859 HOH A O   1 
HETATM 1198 O O   . HOH D 4 .   ? -5.454  -3.241  -19.540 1.00 7.88  ? 860 HOH A O   1 
HETATM 1199 O O   . HOH D 4 .   ? -3.339  -3.665  -17.846 1.00 7.97  ? 861 HOH A O   1 
HETATM 1200 O O   . HOH D 4 .   ? -7.768  2.531   -17.618 1.00 20.13 ? 862 HOH A O   1 
HETATM 1201 O O   . HOH D 4 .   ? -10.998 0.045   -12.823 1.00 20.89 ? 863 HOH A O   1 
HETATM 1202 O O   . HOH D 4 .   ? 16.596  -2.055  2.729   1.00 42.56 ? 864 HOH A O   1 
HETATM 1203 O O   . HOH D 4 .   ? 14.557  -2.545  6.633   1.00 18.99 ? 865 HOH A O   1 
HETATM 1204 O O   . HOH D 4 .   ? 14.472  -4.989  7.478   1.00 32.90 ? 866 HOH A O   1 
HETATM 1205 O O   . HOH D 4 .   ? 14.578  -6.506  5.086   1.00 35.26 ? 867 HOH A O   1 
HETATM 1206 O O   . HOH D 4 .   ? 13.323  -6.887  -0.770  1.00 29.71 ? 868 HOH A O   1 
HETATM 1207 O O   . HOH D 4 .   ? 13.889  -0.675  -3.324  1.00 19.53 ? 869 HOH A O   1 
HETATM 1208 O O   . HOH D 4 .   ? -13.601 8.928   -5.975  1.00 20.69 ? 870 HOH A O   1 
HETATM 1209 O O   . HOH D 4 .   ? 8.046   7.268   18.169  1.00 16.44 ? 871 HOH A O   1 
HETATM 1210 O O   . HOH D 4 .   ? 9.065   4.856   16.152  1.00 16.58 ? 872 HOH A O   1 
HETATM 1211 O O   . HOH D 4 .   ? 4.003   11.644  14.435  1.00 28.93 ? 873 HOH A O   1 
HETATM 1212 O O   . HOH D 4 .   ? 1.900   11.774  12.663  1.00 20.89 ? 874 HOH A O   1 
HETATM 1213 O O   . HOH D 4 .   ? 8.140   -9.717  11.208  1.00 12.26 ? 875 HOH A O   1 
HETATM 1214 O O   . HOH D 4 .   ? 1.021   -9.751  12.804  1.00 26.59 ? 876 HOH A O   1 
HETATM 1215 O O   . HOH D 4 .   ? 0.309   -14.091 5.620   1.00 24.77 ? 877 HOH A O   1 
HETATM 1216 O O   . HOH D 4 .   ? -0.940  -16.481 4.379   1.00 25.18 ? 878 HOH A O   1 
HETATM 1217 O O   . HOH D 4 .   ? -3.960  2.527   17.805  1.00 54.94 ? 879 HOH A O   1 
HETATM 1218 O O   . HOH D 4 .   ? -9.551  -7.921  -14.848 1.00 10.80 ? 880 HOH A O   1 
HETATM 1219 O O   . HOH D 4 .   ? 17.045  11.028  11.968  1.00 23.21 ? 881 HOH A O   1 
HETATM 1220 O O   . HOH D 4 .   ? 19.970  7.157   6.425   1.00 21.11 ? 882 HOH A O   1 
HETATM 1221 O O   . HOH D 4 .   ? 8.745   -7.923  -1.951  1.00 28.40 ? 883 HOH A O   1 
HETATM 1222 O O   . HOH D 4 .   ? 17.266  14.749  10.233  1.00 31.52 ? 884 HOH A O   1 
HETATM 1223 O O   . HOH D 4 .   ? -13.555 -1.096  -1.017  1.00 17.49 ? 885 HOH A O   1 
HETATM 1224 O O   . HOH D 4 .   ? 4.187   9.832   17.494  1.00 27.11 ? 886 HOH A O   1 
HETATM 1225 O O   . HOH D 4 .   ? 4.667   -14.048 12.331  1.00 36.78 ? 887 HOH A O   1 
HETATM 1226 O O   . HOH D 4 .   ? -15.124 -3.161  6.844   1.00 13.99 ? 888 HOH A O   1 
HETATM 1227 O O   . HOH D 4 .   ? 19.514  5.864   -0.284  1.00 38.74 ? 889 HOH A O   1 
HETATM 1228 O O   . HOH D 4 .   ? 19.019  0.672   1.832   1.00 20.51 ? 890 HOH A O   1 
HETATM 1229 O O   . HOH D 4 .   ? 3.181   14.543  9.480   1.00 13.37 ? 891 HOH A O   1 
HETATM 1230 O O   . HOH D 4 .   ? 1.577   11.253  16.098  1.00 37.51 ? 892 HOH A O   1 
HETATM 1231 O O   . HOH D 4 .   ? 6.330   -4.434  14.603  1.00 25.44 ? 893 HOH A O   1 
HETATM 1232 O O   . HOH D 4 .   ? -14.025 -7.322  4.906   1.00 19.07 ? 894 HOH A O   1 
HETATM 1233 O O   . HOH D 4 .   ? -11.817 -7.133  7.373   1.00 28.18 ? 895 HOH A O   1 
HETATM 1234 O O   . HOH D 4 .   ? -15.141 1.557   -3.906  1.00 19.93 ? 896 HOH A O   1 
HETATM 1235 O O   . HOH D 4 .   ? -16.739 13.516  -0.495  1.00 31.76 ? 897 HOH A O   1 
HETATM 1236 O O   . HOH D 4 .   ? 6.874   10.925  -3.472  1.00 38.12 ? 898 HOH A O   1 
HETATM 1237 O O   . HOH D 4 .   ? 8.080   12.868  1.378   1.00 28.30 ? 899 HOH A O   1 
HETATM 1238 O O   . HOH D 4 .   ? 4.784   11.656  -0.711  1.00 32.34 ? 900 HOH A O   1 
HETATM 1239 O O   . HOH D 4 .   ? 2.149   16.382  7.735   1.00 21.05 ? 901 HOH A O   1 
HETATM 1240 O O   . HOH D 4 .   ? -13.998 0.232   -9.655  1.00 17.20 ? 902 HOH A O   1 
HETATM 1241 O O   . HOH D 4 .   ? -6.748  10.880  13.101  1.00 38.84 ? 903 HOH A O   1 
HETATM 1242 O O   . HOH D 4 .   ? -3.163  -6.495  -19.080 1.00 25.82 ? 904 HOH A O   1 
HETATM 1243 O O   . HOH D 4 .   ? -4.047  -12.996 -9.323  1.00 23.31 ? 905 HOH A O   1 
HETATM 1244 O O   . HOH D 4 .   ? 19.649  5.773   9.683   1.00 17.24 ? 906 HOH A O   1 
HETATM 1245 O O   . HOH D 4 .   ? -7.570  10.800  -7.459  1.00 21.18 ? 907 HOH A O   1 
HETATM 1246 O O   . HOH D 4 .   ? 20.455  -2.555  6.818   1.00 68.68 ? 908 HOH A O   1 
HETATM 1247 O O   . HOH D 4 .   ? 1.556   12.589  -0.210  1.00 27.69 ? 909 HOH A O   1 
HETATM 1248 O O   . HOH D 4 .   ? -14.684 4.470   -7.196  1.00 25.12 ? 910 HOH A O   1 
HETATM 1249 O O   . HOH D 4 .   ? -14.984 11.850  1.144   1.00 30.83 ? 911 HOH A O   1 
HETATM 1250 O O   . HOH D 4 .   ? -10.808 -5.765  -16.244 1.00 31.94 ? 912 HOH A O   1 
HETATM 1251 O O   . HOH D 4 .   ? -8.312  -3.393  -19.308 1.00 29.13 ? 913 HOH A O   1 
HETATM 1252 O O   . HOH D 4 .   ? 17.121  -2.036  5.873   1.00 22.34 ? 914 HOH A O   1 
HETATM 1253 O O   . HOH D 4 .   ? 12.621  -2.444  3.987   1.00 20.65 ? 915 HOH A O   1 
HETATM 1254 O O   . HOH D 4 .   ? 0.252   -10.215 10.093  1.00 23.19 ? 916 HOH A O   1 
HETATM 1255 O O   . HOH D 4 .   ? -17.265 -15.070 -6.168  1.00 38.56 ? 917 HOH A O   1 
HETATM 1256 O O   . HOH D 4 .   ? -18.664 3.500   6.568   1.00 20.36 ? 918 HOH A O   1 
HETATM 1257 O O   . HOH D 4 .   ? 18.508  -4.623  6.495   1.00 36.42 ? 919 HOH A O   1 
# 
